data_1ED7
#
_entry.id   1ED7
#
_cell.length_a   1.000
_cell.length_b   1.000
_cell.length_c   1.000
_cell.angle_alpha   90.00
_cell.angle_beta   90.00
_cell.angle_gamma   90.00
#
_symmetry.space_group_name_H-M   'P 1'
#
_entity_poly.entity_id   1
_entity_poly.type   'polypeptide(L)'
_entity_poly.pdbx_seq_one_letter_code
;AWQVNTAYTAGQLVTYNGKTYKCLQPHTSLAGWEPSNVPALWQLQ
;
_entity_poly.pdbx_strand_id   A
#
# COMPACT_ATOMS: atom_id res chain seq x y z
N ALA A 1 0.78 1.48 -9.66
CA ALA A 1 1.61 2.64 -9.23
C ALA A 1 1.12 3.19 -7.89
N TRP A 2 1.70 2.74 -6.81
CA TRP A 2 1.24 3.24 -5.47
C TRP A 2 1.22 4.77 -5.46
N GLN A 3 0.30 5.36 -4.74
CA GLN A 3 0.24 6.84 -4.69
C GLN A 3 0.41 7.35 -3.26
N VAL A 4 1.38 8.18 -3.04
CA VAL A 4 1.61 8.71 -1.66
C VAL A 4 0.52 9.73 -1.31
N ASN A 5 0.12 9.78 -0.07
CA ASN A 5 -0.94 10.75 0.33
C ASN A 5 -2.23 10.48 -0.45
N THR A 6 -2.71 9.26 -0.41
CA THR A 6 -3.96 8.93 -1.15
C THR A 6 -4.88 8.07 -0.29
N ALA A 7 -6.08 7.80 -0.75
CA ALA A 7 -7.01 6.96 0.06
C ALA A 7 -7.21 5.61 -0.63
N TYR A 8 -6.75 4.54 -0.03
CA TYR A 8 -6.91 3.20 -0.66
C TYR A 8 -7.95 2.38 0.11
N THR A 9 -8.60 1.47 -0.55
CA THR A 9 -9.62 0.62 0.14
C THR A 9 -9.14 -0.83 0.20
N ALA A 10 -9.51 -1.55 1.24
CA ALA A 10 -9.06 -2.96 1.35
C ALA A 10 -9.20 -3.66 0.00
N GLY A 11 -8.33 -4.60 -0.28
CA GLY A 11 -8.41 -5.32 -1.58
C GLY A 11 -7.83 -4.44 -2.70
N GLN A 12 -7.05 -3.46 -2.34
CA GLN A 12 -6.46 -2.57 -3.39
C GLN A 12 -5.14 -3.15 -3.90
N LEU A 13 -4.58 -2.56 -4.92
CA LEU A 13 -3.29 -3.08 -5.47
C LEU A 13 -2.34 -1.93 -5.79
N VAL A 14 -1.27 -1.81 -5.05
CA VAL A 14 -0.29 -0.71 -5.31
C VAL A 14 1.06 -1.29 -5.73
N THR A 15 1.89 -0.50 -6.35
CA THR A 15 3.23 -1.04 -6.78
C THR A 15 4.31 0.02 -6.55
N TYR A 16 5.34 -0.33 -5.83
CA TYR A 16 6.43 0.65 -5.58
C TYR A 16 7.59 0.41 -6.56
N ASN A 17 8.78 0.82 -6.22
CA ASN A 17 9.93 0.62 -7.15
C ASN A 17 9.94 -0.83 -7.66
N GLY A 18 9.30 -1.08 -8.76
CA GLY A 18 9.28 -2.47 -9.31
C GLY A 18 8.83 -3.44 -8.21
N LYS A 19 8.01 -3.00 -7.30
CA LYS A 19 7.54 -3.90 -6.21
C LYS A 19 6.03 -4.10 -6.31
N THR A 20 5.56 -5.26 -5.93
CA THR A 20 4.10 -5.53 -5.98
C THR A 20 3.49 -5.45 -4.58
N TYR A 21 2.39 -4.78 -4.43
CA TYR A 21 1.76 -4.68 -3.08
C TYR A 21 0.23 -4.74 -3.19
N LYS A 22 -0.42 -5.29 -2.20
CA LYS A 22 -1.91 -5.39 -2.24
C LYS A 22 -2.52 -4.88 -0.94
N CYS A 23 -3.14 -3.72 -0.98
CA CYS A 23 -3.75 -3.16 0.25
C CYS A 23 -4.84 -4.10 0.77
N LEU A 24 -4.87 -4.34 2.05
CA LEU A 24 -5.91 -5.25 2.61
C LEU A 24 -6.78 -4.52 3.64
N GLN A 25 -6.46 -3.29 3.93
CA GLN A 25 -7.27 -2.53 4.91
C GLN A 25 -7.55 -1.10 4.40
N PRO A 26 -8.79 -0.69 4.46
CA PRO A 26 -9.18 0.66 3.99
C PRO A 26 -8.48 1.74 4.81
N HIS A 27 -7.53 2.43 4.23
CA HIS A 27 -6.81 3.50 4.97
C HIS A 27 -6.23 4.52 3.99
N THR A 28 -5.39 5.41 4.47
CA THR A 28 -4.79 6.43 3.57
C THR A 28 -3.28 6.27 3.50
N SER A 29 -2.74 6.13 2.32
CA SER A 29 -1.25 5.98 2.18
C SER A 29 -0.58 7.32 2.48
N LEU A 30 0.50 7.30 3.22
CA LEU A 30 1.20 8.58 3.55
C LEU A 30 2.71 8.45 3.32
N ALA A 31 3.41 9.56 3.32
CA ALA A 31 4.88 9.50 3.10
C ALA A 31 5.56 8.72 4.23
N GLY A 32 5.38 7.43 4.26
CA GLY A 32 6.03 6.62 5.34
C GLY A 32 5.63 5.15 5.17
N TRP A 33 4.44 4.90 4.67
CA TRP A 33 3.99 3.49 4.48
C TRP A 33 4.42 3.00 3.10
N GLU A 34 5.58 3.40 2.65
CA GLU A 34 6.06 2.97 1.30
C GLU A 34 6.80 1.63 1.40
N PRO A 35 7.69 1.51 2.36
CA PRO A 35 8.45 0.25 2.53
C PRO A 35 7.52 -0.88 2.98
N SER A 36 6.28 -0.56 3.26
CA SER A 36 5.33 -1.61 3.72
C SER A 36 5.75 -2.13 5.10
N ASN A 37 5.97 -1.24 6.03
CA ASN A 37 6.39 -1.68 7.39
C ASN A 37 5.18 -2.16 8.20
N VAL A 38 4.04 -2.32 7.57
CA VAL A 38 2.84 -2.80 8.30
C VAL A 38 2.14 -3.90 7.48
N PRO A 39 2.67 -5.09 7.56
CA PRO A 39 2.08 -6.23 6.82
C PRO A 39 0.62 -6.45 7.26
N ALA A 40 0.28 -6.01 8.44
CA ALA A 40 -1.12 -6.20 8.91
C ALA A 40 -2.10 -5.83 7.79
N LEU A 41 -1.69 -4.98 6.89
CA LEU A 41 -2.59 -4.58 5.77
C LEU A 41 -1.82 -4.52 4.44
N TRP A 42 -0.53 -4.74 4.48
CA TRP A 42 0.27 -4.69 3.21
C TRP A 42 0.59 -6.10 2.72
N GLN A 43 -0.09 -6.55 1.71
CA GLN A 43 0.17 -7.91 1.16
C GLN A 43 1.07 -7.81 -0.08
N LEU A 44 2.36 -7.75 0.11
CA LEU A 44 3.27 -7.64 -1.07
C LEU A 44 3.63 -9.03 -1.62
N GLN A 45 4.20 -9.08 -2.79
CA GLN A 45 4.58 -10.39 -3.38
C GLN A 45 5.64 -10.19 -4.47
N ALA A 1 0.99 3.35 -10.34
CA ALA A 1 1.74 2.73 -9.23
C ALA A 1 1.27 3.29 -7.88
N TRP A 2 1.81 2.81 -6.79
CA TRP A 2 1.39 3.33 -5.46
C TRP A 2 1.69 4.83 -5.34
N GLN A 3 0.71 5.61 -4.96
CA GLN A 3 0.95 7.08 -4.83
C GLN A 3 0.82 7.51 -3.36
N VAL A 4 1.66 8.40 -2.91
CA VAL A 4 1.59 8.85 -1.50
C VAL A 4 0.38 9.75 -1.27
N ASN A 5 -0.03 9.90 -0.04
CA ASN A 5 -1.21 10.78 0.26
C ASN A 5 -2.44 10.31 -0.52
N THR A 6 -2.83 9.08 -0.36
CA THR A 6 -4.03 8.58 -1.09
C THR A 6 -4.87 7.68 -0.18
N ALA A 7 -6.06 7.34 -0.61
CA ALA A 7 -6.93 6.45 0.23
C ALA A 7 -7.19 5.14 -0.49
N TYR A 8 -6.65 4.06 0.01
CA TYR A 8 -6.86 2.74 -0.66
C TYR A 8 -7.95 1.94 0.07
N THR A 9 -8.56 1.00 -0.59
CA THR A 9 -9.62 0.19 0.05
C THR A 9 -9.10 -1.23 0.32
N ALA A 10 -9.78 -1.98 1.17
CA ALA A 10 -9.32 -3.36 1.46
C ALA A 10 -9.33 -4.20 0.18
N GLY A 11 -8.18 -4.71 -0.21
CA GLY A 11 -8.12 -5.54 -1.45
C GLY A 11 -7.67 -4.66 -2.63
N GLN A 12 -6.90 -3.64 -2.36
CA GLN A 12 -6.43 -2.76 -3.47
C GLN A 12 -5.14 -3.32 -4.08
N LEU A 13 -4.63 -2.69 -5.10
CA LEU A 13 -3.38 -3.20 -5.73
C LEU A 13 -2.45 -2.03 -6.12
N VAL A 14 -1.45 -1.78 -5.33
CA VAL A 14 -0.50 -0.67 -5.65
C VAL A 14 0.89 -1.23 -5.93
N THR A 15 1.80 -0.44 -6.42
CA THR A 15 3.16 -0.97 -6.70
C THR A 15 4.22 0.09 -6.34
N TYR A 16 5.22 -0.30 -5.59
CA TYR A 16 6.28 0.69 -5.21
C TYR A 16 7.47 0.56 -6.17
N ASN A 17 7.43 1.26 -7.27
CA ASN A 17 8.55 1.19 -8.24
C ASN A 17 9.06 -0.25 -8.40
N GLY A 18 8.47 -0.99 -9.29
CA GLY A 18 8.92 -2.40 -9.51
C GLY A 18 8.43 -3.29 -8.35
N LYS A 19 7.75 -2.71 -7.39
CA LYS A 19 7.27 -3.53 -6.24
C LYS A 19 5.77 -3.84 -6.40
N THR A 20 5.38 -5.05 -6.10
CA THR A 20 3.93 -5.40 -6.22
C THR A 20 3.31 -5.44 -4.81
N TYR A 21 2.34 -4.59 -4.56
CA TYR A 21 1.71 -4.58 -3.21
C TYR A 21 0.19 -4.55 -3.32
N LYS A 22 -0.49 -4.95 -2.28
CA LYS A 22 -1.99 -4.94 -2.31
C LYS A 22 -2.53 -4.48 -0.95
N CYS A 23 -3.50 -3.61 -0.95
CA CYS A 23 -4.06 -3.12 0.34
C CYS A 23 -5.07 -4.13 0.89
N LEU A 24 -5.12 -4.28 2.18
CA LEU A 24 -6.08 -5.26 2.78
C LEU A 24 -7.12 -4.54 3.63
N GLN A 25 -6.87 -3.30 3.99
CA GLN A 25 -7.85 -2.55 4.82
C GLN A 25 -7.99 -1.11 4.32
N PRO A 26 -9.19 -0.59 4.36
CA PRO A 26 -9.45 0.80 3.91
C PRO A 26 -8.67 1.80 4.76
N HIS A 27 -7.61 2.35 4.23
CA HIS A 27 -6.81 3.34 5.01
C HIS A 27 -6.21 4.39 4.07
N THR A 28 -5.21 5.10 4.52
CA THR A 28 -4.60 6.14 3.63
C THR A 28 -3.08 5.98 3.60
N SER A 29 -2.49 6.07 2.44
CA SER A 29 -1.01 5.93 2.33
C SER A 29 -0.35 7.31 2.45
N LEU A 30 0.85 7.36 2.98
CA LEU A 30 1.54 8.67 3.13
C LEU A 30 3.06 8.47 3.08
N ALA A 31 3.82 9.52 3.23
CA ALA A 31 5.31 9.38 3.19
C ALA A 31 5.78 8.52 4.37
N GLY A 32 5.58 7.23 4.28
CA GLY A 32 6.02 6.33 5.39
C GLY A 32 5.55 4.91 5.10
N TRP A 33 4.44 4.75 4.45
CA TRP A 33 3.94 3.37 4.14
C TRP A 33 4.56 2.87 2.83
N GLU A 34 5.77 3.25 2.55
CA GLU A 34 6.41 2.79 1.28
C GLU A 34 7.18 1.47 1.51
N PRO A 35 7.98 1.41 2.55
CA PRO A 35 8.75 0.18 2.83
C PRO A 35 7.83 -0.94 3.32
N SER A 36 6.55 -0.67 3.43
CA SER A 36 5.60 -1.72 3.90
C SER A 36 5.97 -2.16 5.32
N ASN A 37 6.03 -1.23 6.23
CA ASN A 37 6.40 -1.59 7.64
C ASN A 37 5.18 -2.19 8.36
N VAL A 38 4.01 -1.99 7.83
CA VAL A 38 2.80 -2.55 8.49
C VAL A 38 2.12 -3.58 7.58
N PRO A 39 2.68 -4.76 7.56
CA PRO A 39 2.11 -5.85 6.72
C PRO A 39 0.68 -6.16 7.13
N ALA A 40 0.26 -5.69 8.28
CA ALA A 40 -1.13 -5.96 8.73
C ALA A 40 -2.12 -5.59 7.63
N LEU A 41 -1.80 -4.60 6.83
CA LEU A 41 -2.74 -4.21 5.73
C LEU A 41 -1.99 -4.14 4.41
N TRP A 42 -0.68 -4.18 4.43
CA TRP A 42 0.09 -4.10 3.16
C TRP A 42 0.65 -5.48 2.80
N GLN A 43 -0.02 -6.21 1.94
CA GLN A 43 0.48 -7.55 1.55
C GLN A 43 1.07 -7.49 0.13
N LEU A 44 2.33 -7.78 -0.01
CA LEU A 44 2.95 -7.73 -1.37
C LEU A 44 3.10 -9.14 -1.95
N GLN A 45 3.74 -9.24 -3.08
CA GLN A 45 3.93 -10.58 -3.71
C GLN A 45 5.07 -10.53 -4.72
N ALA A 1 0.30 1.08 -9.16
CA ALA A 1 1.13 2.30 -8.91
C ALA A 1 0.75 2.91 -7.56
N TRP A 2 1.58 2.76 -6.57
CA TRP A 2 1.28 3.34 -5.24
C TRP A 2 1.30 4.87 -5.31
N GLN A 3 0.21 5.50 -4.96
CA GLN A 3 0.17 6.99 -5.01
C GLN A 3 0.27 7.56 -3.59
N VAL A 4 1.34 8.25 -3.29
CA VAL A 4 1.48 8.84 -1.93
C VAL A 4 0.28 9.74 -1.61
N ASN A 5 -0.01 9.93 -0.36
CA ASN A 5 -1.16 10.80 0.02
C ASN A 5 -2.42 10.37 -0.74
N THR A 6 -2.83 9.14 -0.57
CA THR A 6 -4.05 8.65 -1.28
C THR A 6 -4.89 7.75 -0.37
N ALA A 7 -6.13 7.56 -0.68
CA ALA A 7 -7.00 6.68 0.15
C ALA A 7 -7.21 5.33 -0.54
N TYR A 8 -6.92 4.25 0.14
CA TYR A 8 -7.10 2.91 -0.49
C TYR A 8 -8.08 2.07 0.33
N THR A 9 -8.82 1.21 -0.32
CA THR A 9 -9.79 0.35 0.41
C THR A 9 -9.21 -1.05 0.62
N ALA A 10 -9.75 -1.81 1.52
CA ALA A 10 -9.23 -3.18 1.77
C ALA A 10 -9.31 -4.02 0.48
N GLY A 11 -8.18 -4.29 -0.12
CA GLY A 11 -8.19 -5.10 -1.37
C GLY A 11 -7.72 -4.26 -2.55
N GLN A 12 -6.93 -3.24 -2.29
CA GLN A 12 -6.43 -2.39 -3.41
C GLN A 12 -5.10 -2.95 -3.95
N LEU A 13 -4.53 -2.29 -4.92
CA LEU A 13 -3.24 -2.79 -5.48
C LEU A 13 -2.28 -1.61 -5.75
N VAL A 14 -1.08 -1.69 -5.25
CA VAL A 14 -0.10 -0.59 -5.48
C VAL A 14 1.27 -1.18 -5.80
N THR A 15 2.11 -0.44 -6.47
CA THR A 15 3.47 -0.95 -6.80
C THR A 15 4.52 0.15 -6.65
N TYR A 16 5.54 -0.08 -5.86
CA TYR A 16 6.59 0.96 -5.68
C TYR A 16 7.63 0.87 -6.80
N ASN A 17 8.68 1.65 -6.70
CA ASN A 17 9.75 1.64 -7.75
C ASN A 17 9.89 0.27 -8.40
N GLY A 18 9.73 -0.78 -7.65
CA GLY A 18 9.86 -2.14 -8.24
C GLY A 18 9.32 -3.18 -7.25
N LYS A 19 8.21 -2.88 -6.62
CA LYS A 19 7.64 -3.85 -5.65
C LYS A 19 6.13 -4.00 -5.86
N THR A 20 5.60 -5.16 -5.57
CA THR A 20 4.13 -5.36 -5.74
C THR A 20 3.44 -5.45 -4.39
N TYR A 21 2.38 -4.70 -4.20
CA TYR A 21 1.68 -4.73 -2.89
C TYR A 21 0.16 -4.86 -3.09
N LYS A 22 -0.53 -5.33 -2.09
CA LYS A 22 -2.01 -5.47 -2.22
C LYS A 22 -2.71 -4.93 -0.96
N CYS A 23 -3.21 -3.73 -1.04
CA CYS A 23 -3.90 -3.14 0.15
C CYS A 23 -4.94 -4.11 0.69
N LEU A 24 -4.98 -4.31 1.98
CA LEU A 24 -5.98 -5.27 2.56
C LEU A 24 -6.89 -4.56 3.57
N GLN A 25 -6.71 -3.29 3.78
CA GLN A 25 -7.58 -2.58 4.76
C GLN A 25 -7.75 -1.10 4.37
N PRO A 26 -8.91 -0.56 4.69
CA PRO A 26 -9.19 0.87 4.38
C PRO A 26 -8.20 1.78 5.11
N HIS A 27 -7.19 2.24 4.43
CA HIS A 27 -6.20 3.15 5.08
C HIS A 27 -5.64 4.16 4.08
N THR A 28 -5.01 5.19 4.55
CA THR A 28 -4.45 6.22 3.62
C THR A 28 -2.93 6.06 3.49
N SER A 29 -2.42 6.14 2.30
CA SER A 29 -0.94 6.01 2.10
C SER A 29 -0.28 7.38 2.20
N LEU A 30 0.91 7.44 2.72
CA LEU A 30 1.61 8.75 2.84
C LEU A 30 3.12 8.55 2.96
N ALA A 31 3.87 9.62 3.06
CA ALA A 31 5.35 9.48 3.18
C ALA A 31 5.70 8.69 4.44
N GLY A 32 5.57 7.39 4.38
CA GLY A 32 5.89 6.56 5.57
C GLY A 32 5.47 5.11 5.30
N TRP A 33 4.31 4.92 4.72
CA TRP A 33 3.85 3.54 4.43
C TRP A 33 4.34 3.10 3.04
N GLU A 34 5.53 3.48 2.68
CA GLU A 34 6.06 3.09 1.34
C GLU A 34 6.77 1.74 1.42
N PRO A 35 7.64 1.58 2.39
CA PRO A 35 8.38 0.30 2.55
C PRO A 35 7.41 -0.81 2.99
N SER A 36 6.18 -0.47 3.24
CA SER A 36 5.19 -1.51 3.67
C SER A 36 5.62 -2.09 5.02
N ASN A 37 5.78 -1.25 6.01
CA ASN A 37 6.20 -1.75 7.35
C ASN A 37 5.02 -2.37 8.11
N VAL A 38 3.84 -2.30 7.55
CA VAL A 38 2.67 -2.89 8.25
C VAL A 38 2.01 -3.98 7.38
N PRO A 39 2.51 -5.19 7.52
CA PRO A 39 1.96 -6.33 6.73
C PRO A 39 0.47 -6.54 7.06
N ALA A 40 0.06 -6.14 8.24
CA ALA A 40 -1.37 -6.32 8.62
C ALA A 40 -2.29 -5.88 7.48
N LEU A 41 -1.87 -4.92 6.70
CA LEU A 41 -2.73 -4.46 5.57
C LEU A 41 -1.92 -4.41 4.27
N TRP A 42 -0.65 -4.69 4.32
CA TRP A 42 0.17 -4.65 3.09
C TRP A 42 0.56 -6.07 2.66
N GLN A 43 -0.14 -6.63 1.70
CA GLN A 43 0.22 -7.99 1.23
C GLN A 43 1.04 -7.88 -0.05
N LEU A 44 2.34 -7.87 0.06
CA LEU A 44 3.19 -7.74 -1.16
C LEU A 44 3.65 -9.13 -1.65
N GLN A 45 4.48 -9.14 -2.66
CA GLN A 45 4.97 -10.44 -3.19
C GLN A 45 6.24 -10.22 -4.02
N ALA A 1 -0.30 1.22 -9.60
CA ALA A 1 0.84 2.01 -9.06
C ALA A 1 0.48 2.62 -7.70
N TRP A 2 1.42 2.69 -6.79
CA TRP A 2 1.12 3.27 -5.45
C TRP A 2 1.32 4.79 -5.49
N GLN A 3 0.58 5.52 -4.70
CA GLN A 3 0.75 7.00 -4.68
C GLN A 3 0.72 7.52 -3.24
N VAL A 4 1.49 8.52 -2.94
CA VAL A 4 1.51 9.07 -1.55
C VAL A 4 0.31 9.99 -1.33
N ASN A 5 -0.09 10.15 -0.10
CA ASN A 5 -1.27 11.04 0.19
C ASN A 5 -2.50 10.55 -0.58
N THR A 6 -2.86 9.30 -0.42
CA THR A 6 -4.05 8.78 -1.16
C THR A 6 -4.87 7.84 -0.27
N ALA A 7 -6.06 7.52 -0.69
CA ALA A 7 -6.92 6.60 0.12
C ALA A 7 -7.13 5.29 -0.64
N TYR A 8 -6.81 4.18 -0.03
CA TYR A 8 -6.99 2.87 -0.73
C TYR A 8 -8.07 2.04 -0.05
N THR A 9 -8.73 1.19 -0.79
CA THR A 9 -9.79 0.34 -0.18
C THR A 9 -9.24 -1.06 0.10
N ALA A 10 -9.80 -1.76 1.05
CA ALA A 10 -9.30 -3.13 1.35
C ALA A 10 -9.17 -3.95 0.06
N GLY A 11 -8.08 -4.66 -0.09
CA GLY A 11 -7.89 -5.48 -1.32
C GLY A 11 -7.47 -4.57 -2.48
N GLN A 12 -6.70 -3.56 -2.22
CA GLN A 12 -6.27 -2.65 -3.32
C GLN A 12 -4.96 -3.15 -3.94
N LEU A 13 -4.56 -2.59 -5.05
CA LEU A 13 -3.30 -3.05 -5.70
C LEU A 13 -2.38 -1.85 -6.00
N VAL A 14 -1.23 -1.81 -5.41
CA VAL A 14 -0.30 -0.67 -5.67
C VAL A 14 1.12 -1.20 -5.94
N THR A 15 1.93 -0.46 -6.64
CA THR A 15 3.32 -0.94 -6.91
C THR A 15 4.31 0.22 -6.77
N TYR A 16 5.39 -0.01 -6.07
CA TYR A 16 6.40 1.07 -5.89
C TYR A 16 7.48 0.98 -6.98
N ASN A 17 8.51 1.77 -6.88
CA ASN A 17 9.61 1.76 -7.89
C ASN A 17 9.80 0.35 -8.48
N GLY A 18 9.68 -0.66 -7.68
CA GLY A 18 9.86 -2.04 -8.20
C GLY A 18 9.26 -3.05 -7.21
N LYS A 19 8.15 -2.73 -6.62
CA LYS A 19 7.52 -3.67 -5.64
C LYS A 19 6.02 -3.81 -5.91
N THR A 20 5.42 -4.85 -5.40
CA THR A 20 3.95 -5.06 -5.61
C THR A 20 3.27 -5.27 -4.26
N TYR A 21 2.24 -4.52 -3.97
CA TYR A 21 1.54 -4.68 -2.67
C TYR A 21 0.03 -4.82 -2.84
N LYS A 22 -0.65 -5.22 -1.81
CA LYS A 22 -2.13 -5.39 -1.90
C LYS A 22 -2.80 -4.87 -0.63
N CYS A 23 -3.38 -3.70 -0.67
CA CYS A 23 -4.04 -3.15 0.55
C CYS A 23 -5.04 -4.16 1.11
N LEU A 24 -5.13 -4.25 2.42
CA LEU A 24 -6.08 -5.21 3.03
C LEU A 24 -7.24 -4.46 3.70
N GLN A 25 -6.99 -3.27 4.16
CA GLN A 25 -8.08 -2.48 4.82
C GLN A 25 -8.10 -1.05 4.27
N PRO A 26 -9.28 -0.47 4.23
CA PRO A 26 -9.44 0.91 3.72
C PRO A 26 -8.60 1.88 4.55
N HIS A 27 -7.46 2.29 4.04
CA HIS A 27 -6.60 3.24 4.81
C HIS A 27 -6.06 4.33 3.89
N THR A 28 -5.09 5.08 4.36
CA THR A 28 -4.52 6.17 3.52
C THR A 28 -2.99 6.01 3.41
N SER A 29 -2.47 6.03 2.22
CA SER A 29 -0.99 5.89 2.06
C SER A 29 -0.32 7.24 2.28
N LEU A 30 0.82 7.26 2.93
CA LEU A 30 1.51 8.56 3.18
C LEU A 30 3.03 8.36 3.21
N ALA A 31 3.77 9.42 3.38
CA ALA A 31 5.25 9.30 3.43
C ALA A 31 5.67 8.45 4.63
N GLY A 32 5.48 7.17 4.54
CA GLY A 32 5.86 6.27 5.66
C GLY A 32 5.48 4.83 5.31
N TRP A 33 4.34 4.65 4.70
CA TRP A 33 3.90 3.27 4.32
C TRP A 33 4.41 2.93 2.93
N GLU A 34 5.61 3.34 2.61
CA GLU A 34 6.17 3.03 1.26
C GLU A 34 6.90 1.69 1.27
N PRO A 35 7.78 1.49 2.23
CA PRO A 35 8.53 0.22 2.32
C PRO A 35 7.59 -0.92 2.72
N SER A 36 6.36 -0.61 3.02
CA SER A 36 5.40 -1.66 3.42
C SER A 36 5.89 -2.36 4.69
N ASN A 37 6.25 -1.60 5.69
CA ASN A 37 6.74 -2.22 6.95
C ASN A 37 5.56 -2.61 7.85
N VAL A 38 4.38 -2.67 7.30
CA VAL A 38 3.20 -3.06 8.12
C VAL A 38 2.31 -4.02 7.34
N PRO A 39 2.68 -5.28 7.35
CA PRO A 39 1.89 -6.32 6.62
C PRO A 39 0.46 -6.38 7.16
N ALA A 40 0.24 -5.86 8.33
CA ALA A 40 -1.14 -5.89 8.90
C ALA A 40 -2.15 -5.48 7.83
N LEU A 41 -1.78 -4.58 6.97
CA LEU A 41 -2.73 -4.14 5.89
C LEU A 41 -2.01 -4.08 4.54
N TRP A 42 -0.73 -4.34 4.51
CA TRP A 42 0.02 -4.30 3.21
C TRP A 42 0.57 -5.70 2.87
N GLN A 43 -0.03 -6.36 1.93
CA GLN A 43 0.47 -7.72 1.54
C GLN A 43 1.25 -7.63 0.23
N LEU A 44 2.55 -7.73 0.29
CA LEU A 44 3.36 -7.62 -0.96
C LEU A 44 3.64 -9.02 -1.53
N GLN A 45 4.27 -9.06 -2.68
CA GLN A 45 4.59 -10.38 -3.31
C GLN A 45 5.73 -10.23 -4.31
N ALA A 1 -0.26 0.80 -9.06
CA ALA A 1 0.75 1.86 -8.83
C ALA A 1 0.49 2.56 -7.49
N TRP A 2 1.50 2.71 -6.68
CA TRP A 2 1.32 3.37 -5.37
C TRP A 2 1.46 4.90 -5.52
N GLN A 3 0.84 5.65 -4.65
CA GLN A 3 0.94 7.14 -4.74
C GLN A 3 0.82 7.75 -3.34
N VAL A 4 1.85 8.38 -2.87
CA VAL A 4 1.79 8.99 -1.51
C VAL A 4 0.51 9.80 -1.35
N ASN A 5 0.07 9.99 -0.13
CA ASN A 5 -1.18 10.77 0.12
C ASN A 5 -2.33 10.24 -0.75
N THR A 6 -2.67 9.00 -0.59
CA THR A 6 -3.78 8.43 -1.40
C THR A 6 -4.64 7.49 -0.54
N ALA A 7 -5.95 7.56 -0.69
CA ALA A 7 -6.83 6.68 0.11
C ALA A 7 -7.03 5.34 -0.59
N TYR A 8 -6.80 4.25 0.09
CA TYR A 8 -6.98 2.92 -0.56
C TYR A 8 -8.04 2.10 0.18
N THR A 9 -8.72 1.23 -0.51
CA THR A 9 -9.76 0.40 0.14
C THR A 9 -9.23 -1.03 0.36
N ALA A 10 -9.67 -1.69 1.39
CA ALA A 10 -9.18 -3.07 1.64
C ALA A 10 -9.30 -3.92 0.37
N GLY A 11 -8.23 -4.56 -0.03
CA GLY A 11 -8.28 -5.39 -1.26
C GLY A 11 -7.70 -4.61 -2.44
N GLN A 12 -6.95 -3.58 -2.17
CA GLN A 12 -6.35 -2.77 -3.28
C GLN A 12 -4.98 -3.35 -3.66
N LEU A 13 -4.33 -2.74 -4.61
CA LEU A 13 -2.99 -3.25 -5.02
C LEU A 13 -2.12 -2.10 -5.55
N VAL A 14 -1.04 -1.81 -4.88
CA VAL A 14 -0.15 -0.70 -5.35
C VAL A 14 1.22 -1.25 -5.73
N THR A 15 2.00 -0.49 -6.45
CA THR A 15 3.35 -0.97 -6.85
C THR A 15 4.38 0.16 -6.74
N TYR A 16 5.44 -0.06 -6.03
CA TYR A 16 6.48 1.01 -5.89
C TYR A 16 7.50 0.90 -7.03
N ASN A 17 8.56 1.68 -6.96
CA ASN A 17 9.61 1.66 -8.02
C ASN A 17 9.71 0.28 -8.67
N GLY A 18 9.58 -0.77 -7.91
CA GLY A 18 9.67 -2.13 -8.50
C GLY A 18 9.16 -3.16 -7.49
N LYS A 19 8.06 -2.87 -6.85
CA LYS A 19 7.52 -3.84 -5.85
C LYS A 19 6.00 -3.97 -5.97
N THR A 20 5.46 -5.09 -5.59
CA THR A 20 3.99 -5.30 -5.69
C THR A 20 3.37 -5.38 -4.29
N TYR A 21 2.29 -4.69 -4.07
CA TYR A 21 1.65 -4.74 -2.71
C TYR A 21 0.13 -4.85 -2.84
N LYS A 22 -0.53 -5.32 -1.82
CA LYS A 22 -2.01 -5.46 -1.88
C LYS A 22 -2.63 -4.91 -0.59
N CYS A 23 -3.24 -3.75 -0.66
CA CYS A 23 -3.87 -3.18 0.56
C CYS A 23 -4.96 -4.10 1.09
N LEU A 24 -4.97 -4.36 2.37
CA LEU A 24 -6.00 -5.27 2.94
C LEU A 24 -6.92 -4.50 3.89
N GLN A 25 -6.72 -3.21 4.01
CA GLN A 25 -7.59 -2.42 4.93
C GLN A 25 -7.76 -0.98 4.40
N PRO A 26 -8.96 -0.46 4.49
CA PRO A 26 -9.24 0.91 4.01
C PRO A 26 -8.42 1.93 4.80
N HIS A 27 -7.33 2.38 4.25
CA HIS A 27 -6.48 3.37 4.98
C HIS A 27 -5.90 4.39 4.00
N THR A 28 -5.14 5.32 4.48
CA THR A 28 -4.54 6.34 3.56
C THR A 28 -3.01 6.22 3.54
N SER A 29 -2.43 6.15 2.37
CA SER A 29 -0.96 6.01 2.27
C SER A 29 -0.29 7.39 2.39
N LEU A 30 0.88 7.45 2.97
CA LEU A 30 1.57 8.76 3.11
C LEU A 30 3.08 8.54 3.22
N ALA A 31 3.84 9.60 3.37
CA ALA A 31 5.32 9.46 3.49
C ALA A 31 5.67 8.55 4.67
N GLY A 32 5.60 7.26 4.47
CA GLY A 32 5.93 6.33 5.59
C GLY A 32 5.42 4.92 5.24
N TRP A 33 4.21 4.82 4.75
CA TRP A 33 3.67 3.48 4.39
C TRP A 33 4.08 3.10 2.96
N GLU A 34 5.21 3.57 2.52
CA GLU A 34 5.67 3.22 1.12
C GLU A 34 6.42 1.89 1.14
N PRO A 35 7.35 1.73 2.05
CA PRO A 35 8.13 0.47 2.15
C PRO A 35 7.24 -0.67 2.62
N SER A 36 6.01 -0.39 2.96
CA SER A 36 5.08 -1.46 3.43
C SER A 36 5.51 -1.91 4.85
N ASN A 37 5.51 -1.00 5.78
CA ASN A 37 5.93 -1.35 7.17
C ASN A 37 4.78 -2.03 7.93
N VAL A 38 3.65 -2.22 7.30
CA VAL A 38 2.52 -2.87 8.02
C VAL A 38 1.90 -3.98 7.15
N PRO A 39 2.45 -5.16 7.25
CA PRO A 39 1.95 -6.31 6.46
C PRO A 39 0.48 -6.57 6.77
N ALA A 40 0.07 -6.37 7.99
CA ALA A 40 -1.36 -6.60 8.34
C ALA A 40 -2.27 -6.00 7.27
N LEU A 41 -1.80 -5.00 6.58
CA LEU A 41 -2.64 -4.37 5.52
C LEU A 41 -1.83 -4.25 4.22
N TRP A 42 -0.59 -4.67 4.24
CA TRP A 42 0.24 -4.59 3.00
C TRP A 42 0.70 -6.00 2.59
N GLN A 43 0.02 -6.61 1.65
CA GLN A 43 0.44 -7.97 1.21
C GLN A 43 1.24 -7.86 -0.08
N LEU A 44 2.55 -7.88 0.01
CA LEU A 44 3.38 -7.76 -1.21
C LEU A 44 3.70 -9.13 -1.81
N GLN A 45 4.36 -9.14 -2.93
CA GLN A 45 4.71 -10.44 -3.58
C GLN A 45 5.85 -10.23 -4.58
N ALA A 1 0.32 1.99 -9.90
CA ALA A 1 1.50 2.69 -9.32
C ALA A 1 1.16 3.24 -7.93
N TRP A 2 1.85 2.80 -6.92
CA TRP A 2 1.56 3.29 -5.54
C TRP A 2 1.65 4.83 -5.51
N GLN A 3 0.70 5.47 -4.88
CA GLN A 3 0.72 6.96 -4.80
C GLN A 3 0.68 7.42 -3.35
N VAL A 4 1.50 8.37 -3.00
CA VAL A 4 1.51 8.87 -1.59
C VAL A 4 0.31 9.77 -1.33
N ASN A 5 -0.07 9.93 -0.09
CA ASN A 5 -1.24 10.80 0.22
C ASN A 5 -2.46 10.35 -0.58
N THR A 6 -2.86 9.11 -0.44
CA THR A 6 -4.04 8.61 -1.20
C THR A 6 -4.92 7.75 -0.31
N ALA A 7 -6.10 7.41 -0.76
CA ALA A 7 -7.01 6.57 0.07
C ALA A 7 -7.18 5.19 -0.58
N TYR A 8 -6.73 4.16 0.09
CA TYR A 8 -6.87 2.79 -0.49
C TYR A 8 -7.90 1.99 0.31
N THR A 9 -8.51 1.00 -0.30
CA THR A 9 -9.52 0.19 0.43
C THR A 9 -8.91 -1.12 0.92
N ALA A 10 -9.72 -2.05 1.34
CA ALA A 10 -9.18 -3.34 1.84
C ALA A 10 -9.08 -4.35 0.69
N GLY A 11 -8.26 -4.08 -0.29
CA GLY A 11 -8.12 -5.03 -1.43
C GLY A 11 -7.62 -4.28 -2.66
N GLN A 12 -6.75 -3.32 -2.48
CA GLN A 12 -6.24 -2.55 -3.65
C GLN A 12 -4.97 -3.21 -4.20
N LEU A 13 -4.37 -2.60 -5.19
CA LEU A 13 -3.13 -3.20 -5.77
C LEU A 13 -2.15 -2.09 -6.18
N VAL A 14 -1.27 -1.71 -5.30
CA VAL A 14 -0.30 -0.62 -5.64
C VAL A 14 1.06 -1.23 -6.00
N THR A 15 1.94 -0.45 -6.54
CA THR A 15 3.28 -0.98 -6.91
C THR A 15 4.37 0.06 -6.59
N TYR A 16 5.27 -0.26 -5.70
CA TYR A 16 6.33 0.73 -5.35
C TYR A 16 7.49 0.63 -6.35
N ASN A 17 7.48 1.48 -7.35
CA ASN A 17 8.57 1.44 -8.36
C ASN A 17 8.63 0.06 -9.01
N GLY A 18 9.28 -0.89 -8.37
CA GLY A 18 9.36 -2.25 -8.96
C GLY A 18 8.86 -3.28 -7.94
N LYS A 19 7.92 -2.91 -7.13
CA LYS A 19 7.39 -3.87 -6.11
C LYS A 19 5.87 -4.00 -6.25
N THR A 20 5.34 -5.16 -5.95
CA THR A 20 3.87 -5.37 -6.07
C THR A 20 3.23 -5.43 -4.68
N TYR A 21 2.30 -4.55 -4.41
CA TYR A 21 1.65 -4.56 -3.07
C TYR A 21 0.13 -4.53 -3.22
N LYS A 22 -0.58 -4.92 -2.20
CA LYS A 22 -2.07 -4.89 -2.27
C LYS A 22 -2.65 -4.43 -0.93
N CYS A 23 -3.56 -3.50 -0.96
CA CYS A 23 -4.15 -3.00 0.30
C CYS A 23 -5.15 -4.02 0.87
N LEU A 24 -5.11 -4.26 2.15
CA LEU A 24 -6.05 -5.25 2.75
C LEU A 24 -6.98 -4.55 3.76
N GLN A 25 -6.74 -3.29 4.02
CA GLN A 25 -7.61 -2.55 4.98
C GLN A 25 -7.83 -1.10 4.51
N PRO A 26 -9.01 -0.59 4.73
CA PRO A 26 -9.34 0.79 4.32
C PRO A 26 -8.43 1.79 5.03
N HIS A 27 -7.43 2.29 4.36
CA HIS A 27 -6.51 3.27 5.01
C HIS A 27 -6.04 4.31 3.98
N THR A 28 -5.07 5.11 4.34
CA THR A 28 -4.57 6.14 3.39
C THR A 28 -3.04 6.08 3.32
N SER A 29 -2.50 5.98 2.14
CA SER A 29 -1.01 5.91 2.00
C SER A 29 -0.39 7.29 2.28
N LEU A 30 0.78 7.31 2.85
CA LEU A 30 1.42 8.62 3.16
C LEU A 30 2.95 8.49 3.10
N ALA A 31 3.66 9.58 3.23
CA ALA A 31 5.15 9.52 3.17
C ALA A 31 5.68 8.69 4.35
N GLY A 32 5.51 7.39 4.31
CA GLY A 32 6.00 6.54 5.42
C GLY A 32 5.61 5.08 5.16
N TRP A 33 4.49 4.86 4.53
CA TRP A 33 4.04 3.47 4.25
C TRP A 33 4.62 2.99 2.92
N GLU A 34 5.85 3.33 2.62
CA GLU A 34 6.44 2.88 1.33
C GLU A 34 7.13 1.52 1.49
N PRO A 35 7.95 1.38 2.51
CA PRO A 35 8.66 0.11 2.75
C PRO A 35 7.67 -0.96 3.25
N SER A 36 6.43 -0.59 3.44
CA SER A 36 5.42 -1.57 3.94
C SER A 36 5.71 -1.92 5.41
N ASN A 37 5.65 -0.93 6.27
CA ASN A 37 5.93 -1.18 7.71
C ASN A 37 4.71 -1.80 8.40
N VAL A 38 3.65 -2.04 7.67
CA VAL A 38 2.44 -2.65 8.30
C VAL A 38 1.90 -3.77 7.40
N PRO A 39 2.56 -4.91 7.46
CA PRO A 39 2.14 -6.08 6.65
C PRO A 39 0.71 -6.50 7.00
N ALA A 40 0.27 -6.22 8.19
CA ALA A 40 -1.12 -6.60 8.58
C ALA A 40 -2.12 -6.10 7.53
N LEU A 41 -1.77 -5.08 6.81
CA LEU A 41 -2.70 -4.55 5.76
C LEU A 41 -1.98 -4.42 4.41
N TRP A 42 -0.67 -4.44 4.41
CA TRP A 42 0.06 -4.32 3.12
C TRP A 42 0.61 -5.68 2.70
N GLN A 43 -0.10 -6.40 1.89
CA GLN A 43 0.38 -7.74 1.44
C GLN A 43 0.99 -7.63 0.05
N LEU A 44 2.27 -7.84 -0.07
CA LEU A 44 2.93 -7.73 -1.40
C LEU A 44 3.25 -9.12 -1.96
N GLN A 45 3.99 -9.18 -3.02
CA GLN A 45 4.35 -10.50 -3.62
C GLN A 45 5.59 -10.36 -4.51
N ALA A 1 0.24 1.92 -9.71
CA ALA A 1 1.42 2.62 -9.12
C ALA A 1 1.05 3.27 -7.79
N TRP A 2 1.65 2.85 -6.71
CA TRP A 2 1.32 3.45 -5.39
C TRP A 2 1.64 4.95 -5.39
N GLN A 3 0.85 5.73 -4.71
CA GLN A 3 1.11 7.20 -4.66
C GLN A 3 0.92 7.74 -3.25
N VAL A 4 1.85 8.52 -2.77
CA VAL A 4 1.73 9.07 -1.39
C VAL A 4 0.46 9.93 -1.27
N ASN A 5 -0.07 10.05 -0.08
CA ASN A 5 -1.31 10.87 0.10
C ASN A 5 -2.43 10.33 -0.80
N THR A 6 -2.74 9.08 -0.69
CA THR A 6 -3.82 8.51 -1.55
C THR A 6 -4.69 7.54 -0.74
N ALA A 7 -5.98 7.77 -0.71
CA ALA A 7 -6.88 6.87 0.06
C ALA A 7 -7.01 5.52 -0.66
N TYR A 8 -6.82 4.44 0.05
CA TYR A 8 -6.94 3.10 -0.59
C TYR A 8 -8.01 2.27 0.14
N THR A 9 -8.44 1.19 -0.46
CA THR A 9 -9.48 0.35 0.21
C THR A 9 -8.88 -1.00 0.63
N ALA A 10 -9.72 -1.93 0.99
CA ALA A 10 -9.21 -3.27 1.42
C ALA A 10 -9.02 -4.18 0.21
N GLY A 11 -7.86 -4.76 0.07
CA GLY A 11 -7.62 -5.67 -1.09
C GLY A 11 -7.27 -4.85 -2.33
N GLN A 12 -6.52 -3.80 -2.16
CA GLN A 12 -6.15 -2.96 -3.34
C GLN A 12 -4.87 -3.49 -3.99
N LEU A 13 -4.47 -2.94 -5.10
CA LEU A 13 -3.23 -3.43 -5.77
C LEU A 13 -2.34 -2.26 -6.17
N VAL A 14 -1.46 -1.84 -5.29
CA VAL A 14 -0.55 -0.71 -5.63
C VAL A 14 0.82 -1.25 -6.04
N THR A 15 1.66 -0.42 -6.59
CA THR A 15 3.02 -0.91 -7.00
C THR A 15 4.07 0.15 -6.69
N TYR A 16 4.96 -0.14 -5.77
CA TYR A 16 6.02 0.86 -5.43
C TYR A 16 7.17 0.76 -6.43
N ASN A 17 8.33 1.24 -6.07
CA ASN A 17 9.48 1.15 -7.01
C ASN A 17 9.57 -0.25 -7.61
N GLY A 18 8.97 -0.46 -8.75
CA GLY A 18 9.01 -1.81 -9.38
C GLY A 18 8.58 -2.85 -8.34
N LYS A 19 7.82 -2.44 -7.36
CA LYS A 19 7.37 -3.40 -6.30
C LYS A 19 5.88 -3.69 -6.44
N THR A 20 5.48 -4.91 -6.20
CA THR A 20 4.04 -5.26 -6.31
C THR A 20 3.42 -5.32 -4.91
N TYR A 21 2.48 -4.48 -4.61
CA TYR A 21 1.87 -4.49 -3.26
C TYR A 21 0.34 -4.52 -3.33
N LYS A 22 -0.30 -4.97 -2.28
CA LYS A 22 -1.79 -5.03 -2.28
C LYS A 22 -2.30 -4.64 -0.89
N CYS A 23 -3.19 -3.69 -0.81
CA CYS A 23 -3.72 -3.26 0.51
C CYS A 23 -4.77 -4.27 1.02
N LEU A 24 -5.04 -4.27 2.30
CA LEU A 24 -6.04 -5.23 2.84
C LEU A 24 -7.15 -4.48 3.60
N GLN A 25 -6.84 -3.35 4.17
CA GLN A 25 -7.88 -2.58 4.92
C GLN A 25 -7.97 -1.14 4.40
N PRO A 26 -9.17 -0.60 4.42
CA PRO A 26 -9.39 0.78 3.96
C PRO A 26 -8.62 1.79 4.82
N HIS A 27 -7.66 2.48 4.25
CA HIS A 27 -6.89 3.48 5.05
C HIS A 27 -6.31 4.55 4.13
N THR A 28 -5.26 5.20 4.55
CA THR A 28 -4.64 6.27 3.70
C THR A 28 -3.13 6.06 3.60
N SER A 29 -2.61 6.04 2.40
CA SER A 29 -1.13 5.86 2.24
C SER A 29 -0.43 7.21 2.35
N LEU A 30 0.69 7.26 3.02
CA LEU A 30 1.42 8.56 3.16
C LEU A 30 2.93 8.34 3.08
N ALA A 31 3.69 9.40 3.23
CA ALA A 31 5.17 9.27 3.15
C ALA A 31 5.68 8.41 4.31
N GLY A 32 5.49 7.13 4.22
CA GLY A 32 5.98 6.23 5.31
C GLY A 32 5.52 4.81 5.04
N TRP A 33 4.37 4.64 4.43
CA TRP A 33 3.87 3.26 4.14
C TRP A 33 4.45 2.76 2.82
N GLU A 34 5.63 3.17 2.47
CA GLU A 34 6.24 2.71 1.19
C GLU A 34 7.00 1.38 1.40
N PRO A 35 7.82 1.33 2.43
CA PRO A 35 8.58 0.09 2.72
C PRO A 35 7.64 -1.02 3.21
N SER A 36 6.37 -0.73 3.33
CA SER A 36 5.42 -1.77 3.82
C SER A 36 5.80 -2.19 5.25
N ASN A 37 5.86 -1.24 6.16
CA ASN A 37 6.24 -1.57 7.56
C ASN A 37 5.04 -2.14 8.31
N VAL A 38 3.93 -2.33 7.64
CA VAL A 38 2.73 -2.88 8.34
C VAL A 38 2.03 -3.92 7.46
N PRO A 39 2.53 -5.13 7.51
CA PRO A 39 1.94 -6.23 6.70
C PRO A 39 0.49 -6.47 7.12
N ALA A 40 0.10 -5.99 8.27
CA ALA A 40 -1.30 -6.18 8.73
C ALA A 40 -2.27 -5.73 7.65
N LEU A 41 -1.93 -4.68 6.94
CA LEU A 41 -2.84 -4.18 5.87
C LEU A 41 -2.06 -4.04 4.56
N TRP A 42 -0.79 -4.28 4.59
CA TRP A 42 0.03 -4.16 3.35
C TRP A 42 0.62 -5.52 2.96
N GLN A 43 -0.09 -6.28 2.18
CA GLN A 43 0.43 -7.62 1.76
C GLN A 43 1.02 -7.51 0.36
N LEU A 44 2.32 -7.67 0.24
CA LEU A 44 2.95 -7.55 -1.11
C LEU A 44 3.02 -8.93 -1.79
N GLN A 45 3.51 -8.96 -3.00
CA GLN A 45 3.61 -10.27 -3.72
C GLN A 45 4.73 -10.20 -4.76
N ALA A 1 1.60 3.68 -10.60
CA ALA A 1 1.84 2.73 -9.48
C ALA A 1 1.27 3.30 -8.18
N TRP A 2 1.74 2.84 -7.06
CA TRP A 2 1.23 3.36 -5.76
C TRP A 2 1.37 4.89 -5.72
N GLN A 3 0.51 5.55 -4.98
CA GLN A 3 0.60 7.03 -4.90
C GLN A 3 0.62 7.48 -3.44
N VAL A 4 1.44 8.45 -3.12
CA VAL A 4 1.51 8.93 -1.71
C VAL A 4 0.31 9.82 -1.39
N ASN A 5 -0.01 9.97 -0.13
CA ASN A 5 -1.16 10.82 0.25
C ASN A 5 -2.40 10.43 -0.56
N THR A 6 -2.79 9.19 -0.51
CA THR A 6 -3.97 8.74 -1.28
C THR A 6 -4.87 7.85 -0.42
N ALA A 7 -6.09 7.63 -0.82
CA ALA A 7 -7.01 6.77 -0.04
C ALA A 7 -7.19 5.42 -0.73
N TYR A 8 -6.76 4.36 -0.11
CA TYR A 8 -6.91 3.01 -0.74
C TYR A 8 -7.91 2.17 0.05
N THR A 9 -8.53 1.21 -0.60
CA THR A 9 -9.52 0.35 0.11
C THR A 9 -8.90 -1.01 0.43
N ALA A 10 -9.63 -1.87 1.09
CA ALA A 10 -9.08 -3.21 1.43
C ALA A 10 -9.07 -4.11 0.19
N GLY A 11 -7.93 -4.66 -0.16
CA GLY A 11 -7.87 -5.55 -1.35
C GLY A 11 -7.46 -4.73 -2.57
N GLN A 12 -6.69 -3.70 -2.38
CA GLN A 12 -6.25 -2.86 -3.53
C GLN A 12 -4.93 -3.39 -4.10
N LEU A 13 -4.48 -2.83 -5.18
CA LEU A 13 -3.20 -3.31 -5.79
C LEU A 13 -2.30 -2.12 -6.13
N VAL A 14 -1.30 -1.87 -5.32
CA VAL A 14 -0.38 -0.72 -5.60
C VAL A 14 1.00 -1.25 -6.01
N THR A 15 1.87 -0.38 -6.44
CA THR A 15 3.24 -0.83 -6.84
C THR A 15 4.28 0.19 -6.38
N TYR A 16 5.25 -0.22 -5.62
CA TYR A 16 6.28 0.75 -5.14
C TYR A 16 7.55 0.67 -6.00
N ASN A 17 7.64 1.51 -7.00
CA ASN A 17 8.85 1.51 -7.87
C ASN A 17 9.29 0.08 -8.21
N GLY A 18 8.67 -0.53 -9.19
CA GLY A 18 9.05 -1.91 -9.59
C GLY A 18 8.58 -2.92 -8.54
N LYS A 19 7.94 -2.47 -7.50
CA LYS A 19 7.45 -3.44 -6.47
C LYS A 19 5.94 -3.64 -6.59
N THR A 20 5.46 -4.81 -6.25
CA THR A 20 4.00 -5.07 -6.35
C THR A 20 3.41 -5.30 -4.96
N TYR A 21 2.52 -4.44 -4.53
CA TYR A 21 1.90 -4.59 -3.19
C TYR A 21 0.38 -4.62 -3.32
N LYS A 22 -0.31 -5.01 -2.28
CA LYS A 22 -1.80 -5.06 -2.33
C LYS A 22 -2.39 -4.56 -1.01
N CYS A 23 -3.26 -3.58 -1.08
CA CYS A 23 -3.86 -3.06 0.18
C CYS A 23 -4.78 -4.11 0.82
N LEU A 24 -4.79 -4.19 2.13
CA LEU A 24 -5.65 -5.19 2.81
C LEU A 24 -6.71 -4.49 3.66
N GLN A 25 -6.46 -3.27 4.05
CA GLN A 25 -7.46 -2.54 4.89
C GLN A 25 -7.69 -1.13 4.34
N PRO A 26 -8.92 -0.68 4.39
CA PRO A 26 -9.27 0.67 3.89
C PRO A 26 -8.58 1.74 4.73
N HIS A 27 -7.53 2.33 4.21
CA HIS A 27 -6.82 3.40 4.99
C HIS A 27 -6.21 4.42 4.03
N THR A 28 -5.28 5.22 4.50
CA THR A 28 -4.66 6.24 3.63
C THR A 28 -3.15 6.00 3.50
N SER A 29 -2.63 6.08 2.30
CA SER A 29 -1.17 5.87 2.11
C SER A 29 -0.42 7.19 2.31
N LEU A 30 0.71 7.15 2.97
CA LEU A 30 1.47 8.41 3.20
C LEU A 30 2.98 8.15 3.22
N ALA A 31 3.77 9.20 3.26
CA ALA A 31 5.24 9.02 3.29
C ALA A 31 5.65 8.23 4.53
N GLY A 32 5.47 6.95 4.51
CA GLY A 32 5.83 6.10 5.68
C GLY A 32 5.39 4.67 5.40
N TRP A 33 4.21 4.50 4.88
CA TRP A 33 3.73 3.13 4.57
C TRP A 33 4.18 2.73 3.16
N GLU A 34 5.32 3.19 2.74
CA GLU A 34 5.81 2.85 1.37
C GLU A 34 6.64 1.54 1.40
N PRO A 35 7.55 1.43 2.35
CA PRO A 35 8.38 0.21 2.44
C PRO A 35 7.53 -1.00 2.85
N SER A 36 6.28 -0.76 3.16
CA SER A 36 5.40 -1.89 3.56
C SER A 36 5.86 -2.48 4.90
N ASN A 37 6.23 -1.63 5.82
CA ASN A 37 6.70 -2.14 7.16
C ASN A 37 5.49 -2.50 8.02
N VAL A 38 4.31 -2.43 7.49
CA VAL A 38 3.09 -2.77 8.29
C VAL A 38 2.28 -3.84 7.56
N PRO A 39 2.71 -5.07 7.67
CA PRO A 39 2.00 -6.19 7.02
C PRO A 39 0.58 -6.32 7.56
N ALA A 40 0.29 -5.69 8.67
CA ALA A 40 -1.08 -5.77 9.24
C ALA A 40 -2.11 -5.28 8.22
N LEU A 41 -1.76 -4.30 7.43
CA LEU A 41 -2.72 -3.78 6.41
C LEU A 41 -2.12 -3.89 5.00
N TRP A 42 -0.86 -4.17 4.91
CA TRP A 42 -0.22 -4.30 3.57
C TRP A 42 -0.10 -5.76 3.15
N GLN A 43 -0.23 -6.04 1.89
CA GLN A 43 -0.12 -7.45 1.41
C GLN A 43 0.77 -7.50 0.17
N LEU A 44 2.06 -7.52 0.35
CA LEU A 44 2.97 -7.56 -0.83
C LEU A 44 2.69 -8.80 -1.69
N GLN A 45 2.97 -8.72 -2.96
CA GLN A 45 2.71 -9.89 -3.85
C GLN A 45 3.73 -9.92 -4.99
N ALA A 1 -0.38 2.65 -10.08
CA ALA A 1 0.82 2.49 -9.22
C ALA A 1 0.62 3.17 -7.87
N TRP A 2 1.48 2.91 -6.93
CA TRP A 2 1.33 3.56 -5.59
C TRP A 2 1.35 5.08 -5.73
N GLN A 3 0.68 5.77 -4.85
CA GLN A 3 0.67 7.27 -4.93
C GLN A 3 0.60 7.87 -3.52
N VAL A 4 1.70 8.32 -3.00
CA VAL A 4 1.69 8.93 -1.64
C VAL A 4 0.47 9.84 -1.47
N ASN A 5 -0.06 9.93 -0.29
CA ASN A 5 -1.25 10.80 -0.07
C ASN A 5 -2.42 10.29 -0.91
N THR A 6 -2.84 9.08 -0.70
CA THR A 6 -3.98 8.54 -1.50
C THR A 6 -4.93 7.72 -0.61
N ALA A 7 -6.14 7.53 -1.04
CA ALA A 7 -7.11 6.75 -0.22
C ALA A 7 -7.23 5.32 -0.78
N TYR A 8 -6.61 4.37 -0.14
CA TYR A 8 -6.69 2.96 -0.65
C TYR A 8 -7.73 2.17 0.15
N THR A 9 -8.48 1.33 -0.52
CA THR A 9 -9.51 0.53 0.20
C THR A 9 -9.00 -0.90 0.41
N ALA A 10 -9.56 -1.60 1.36
CA ALA A 10 -9.11 -2.99 1.61
C ALA A 10 -9.06 -3.79 0.31
N GLY A 11 -8.07 -4.62 0.14
CA GLY A 11 -7.97 -5.43 -1.10
C GLY A 11 -7.56 -4.54 -2.28
N GLN A 12 -6.80 -3.51 -2.01
CA GLN A 12 -6.36 -2.59 -3.11
C GLN A 12 -5.11 -3.16 -3.79
N LEU A 13 -4.54 -2.43 -4.70
CA LEU A 13 -3.32 -2.94 -5.40
C LEU A 13 -2.41 -1.77 -5.79
N VAL A 14 -1.28 -1.64 -5.13
CA VAL A 14 -0.35 -0.53 -5.46
C VAL A 14 1.01 -1.10 -5.87
N THR A 15 1.84 -0.32 -6.50
CA THR A 15 3.19 -0.84 -6.91
C THR A 15 4.25 0.23 -6.70
N TYR A 16 5.25 -0.06 -5.90
CA TYR A 16 6.32 0.96 -5.65
C TYR A 16 7.46 0.80 -6.66
N ASN A 17 7.51 1.64 -7.65
CA ASN A 17 8.59 1.55 -8.67
C ASN A 17 8.59 0.17 -9.33
N GLY A 18 9.16 -0.81 -8.68
CA GLY A 18 9.19 -2.18 -9.26
C GLY A 18 8.73 -3.19 -8.22
N LYS A 19 7.88 -2.78 -7.32
CA LYS A 19 7.40 -3.72 -6.26
C LYS A 19 5.88 -3.90 -6.35
N THR A 20 5.41 -5.08 -6.10
CA THR A 20 3.94 -5.33 -6.15
C THR A 20 3.36 -5.35 -4.74
N TYR A 21 2.40 -4.51 -4.46
CA TYR A 21 1.82 -4.49 -3.10
C TYR A 21 0.29 -4.51 -3.17
N LYS A 22 -0.34 -5.06 -2.16
CA LYS A 22 -1.83 -5.12 -2.16
C LYS A 22 -2.35 -4.64 -0.80
N CYS A 23 -3.34 -3.79 -0.79
CA CYS A 23 -3.89 -3.29 0.50
C CYS A 23 -4.92 -4.26 1.05
N LEU A 24 -5.03 -4.36 2.35
CA LEU A 24 -6.03 -5.29 2.94
C LEU A 24 -7.05 -4.51 3.77
N GLN A 25 -6.72 -3.31 4.15
CA GLN A 25 -7.67 -2.50 4.97
C GLN A 25 -7.80 -1.08 4.37
N PRO A 26 -8.99 -0.53 4.48
CA PRO A 26 -9.24 0.84 3.95
C PRO A 26 -8.35 1.85 4.67
N HIS A 27 -7.22 2.16 4.10
CA HIS A 27 -6.30 3.15 4.75
C HIS A 27 -5.75 4.13 3.71
N THR A 28 -5.20 5.23 4.15
CA THR A 28 -4.65 6.21 3.18
C THR A 28 -3.12 6.13 3.14
N SER A 29 -2.56 5.94 1.98
CA SER A 29 -1.07 5.84 1.87
C SER A 29 -0.44 7.21 2.16
N LEU A 30 0.67 7.23 2.85
CA LEU A 30 1.32 8.54 3.15
C LEU A 30 2.83 8.37 3.33
N ALA A 31 3.53 9.43 3.59
CA ALA A 31 5.00 9.34 3.77
C ALA A 31 5.33 8.42 4.94
N GLY A 32 5.39 7.14 4.70
CA GLY A 32 5.70 6.19 5.81
C GLY A 32 5.30 4.78 5.40
N TRP A 33 4.19 4.63 4.73
CA TRP A 33 3.75 3.28 4.30
C TRP A 33 4.33 2.94 2.92
N GLU A 34 5.55 3.36 2.67
CA GLU A 34 6.17 3.06 1.34
C GLU A 34 6.90 1.71 1.39
N PRO A 35 7.72 1.50 2.39
CA PRO A 35 8.46 0.23 2.52
C PRO A 35 7.50 -0.89 2.92
N SER A 36 6.25 -0.57 3.12
CA SER A 36 5.26 -1.62 3.53
C SER A 36 5.74 -2.29 4.83
N ASN A 37 5.94 -1.51 5.86
CA ASN A 37 6.41 -2.08 7.15
C ASN A 37 5.22 -2.48 8.03
N VAL A 38 4.09 -2.75 7.43
CA VAL A 38 2.91 -3.15 8.24
C VAL A 38 2.13 -4.27 7.53
N PRO A 39 2.53 -5.50 7.80
CA PRO A 39 1.87 -6.68 7.18
C PRO A 39 0.39 -6.74 7.58
N ALA A 40 -0.01 -5.95 8.52
CA ALA A 40 -1.44 -5.98 8.96
C ALA A 40 -2.35 -5.55 7.80
N LEU A 41 -1.90 -4.66 6.96
CA LEU A 41 -2.76 -4.21 5.81
C LEU A 41 -1.93 -4.05 4.54
N TRP A 42 -0.70 -4.50 4.55
CA TRP A 42 0.13 -4.35 3.32
C TRP A 42 0.79 -5.68 2.94
N GLN A 43 0.13 -6.47 2.15
CA GLN A 43 0.72 -7.78 1.73
C GLN A 43 1.30 -7.63 0.32
N LEU A 44 2.59 -7.76 0.18
CA LEU A 44 3.20 -7.61 -1.18
C LEU A 44 3.26 -8.96 -1.90
N GLN A 45 3.86 -8.98 -3.06
CA GLN A 45 3.96 -10.26 -3.82
C GLN A 45 5.08 -10.16 -4.86
N ALA A 1 0.28 1.15 -9.50
CA ALA A 1 1.00 2.43 -9.24
C ALA A 1 0.64 2.98 -7.86
N TRP A 2 1.47 2.74 -6.89
CA TRP A 2 1.17 3.24 -5.50
C TRP A 2 1.37 4.76 -5.45
N GLN A 3 0.49 5.45 -4.78
CA GLN A 3 0.62 6.94 -4.68
C GLN A 3 0.58 7.37 -3.22
N VAL A 4 1.50 8.20 -2.80
CA VAL A 4 1.50 8.67 -1.39
C VAL A 4 0.32 9.61 -1.16
N ASN A 5 0.01 9.91 0.07
CA ASN A 5 -1.13 10.82 0.37
C ASN A 5 -2.37 10.36 -0.42
N THR A 6 -2.70 9.11 -0.32
CA THR A 6 -3.89 8.59 -1.07
C THR A 6 -4.77 7.73 -0.15
N ALA A 7 -5.96 7.40 -0.59
CA ALA A 7 -6.85 6.56 0.25
C ALA A 7 -7.14 5.24 -0.46
N TYR A 8 -6.56 4.17 0.01
CA TYR A 8 -6.80 2.84 -0.64
C TYR A 8 -7.82 2.03 0.16
N THR A 9 -8.49 1.11 -0.47
CA THR A 9 -9.50 0.29 0.26
C THR A 9 -8.91 -1.09 0.59
N ALA A 10 -9.72 -1.97 1.11
CA ALA A 10 -9.21 -3.33 1.46
C ALA A 10 -9.16 -4.21 0.21
N GLY A 11 -8.03 -4.78 -0.09
CA GLY A 11 -7.92 -5.65 -1.31
C GLY A 11 -7.54 -4.80 -2.52
N GLN A 12 -6.85 -3.72 -2.30
CA GLN A 12 -6.45 -2.86 -3.45
C GLN A 12 -5.11 -3.33 -4.02
N LEU A 13 -4.69 -2.78 -5.13
CA LEU A 13 -3.40 -3.22 -5.71
C LEU A 13 -2.52 -2.00 -6.05
N VAL A 14 -1.30 -2.00 -5.59
CA VAL A 14 -0.39 -0.85 -5.88
C VAL A 14 0.99 -1.36 -6.29
N THR A 15 1.84 -0.50 -6.75
CA THR A 15 3.20 -0.94 -7.17
C THR A 15 4.25 0.08 -6.74
N TYR A 16 5.18 -0.30 -5.91
CA TYR A 16 6.22 0.67 -5.47
C TYR A 16 7.42 0.67 -6.43
N ASN A 17 7.30 1.35 -7.54
CA ASN A 17 8.41 1.40 -8.52
C ASN A 17 9.00 0.01 -8.76
N GLY A 18 8.40 -0.77 -9.62
CA GLY A 18 8.92 -2.14 -9.89
C GLY A 18 8.44 -3.12 -8.84
N LYS A 19 7.92 -2.63 -7.73
CA LYS A 19 7.43 -3.55 -6.67
C LYS A 19 5.91 -3.68 -6.75
N THR A 20 5.37 -4.77 -6.27
CA THR A 20 3.90 -4.96 -6.32
C THR A 20 3.34 -5.21 -4.92
N TYR A 21 2.31 -4.51 -4.54
CA TYR A 21 1.72 -4.71 -3.19
C TYR A 21 0.20 -4.87 -3.30
N LYS A 22 -0.43 -5.30 -2.25
CA LYS A 22 -1.91 -5.48 -2.30
C LYS A 22 -2.57 -4.99 -1.01
N CYS A 23 -3.15 -3.81 -1.03
CA CYS A 23 -3.80 -3.28 0.20
C CYS A 23 -4.84 -4.28 0.70
N LEU A 24 -5.03 -4.35 1.99
CA LEU A 24 -6.01 -5.32 2.54
C LEU A 24 -6.99 -4.61 3.49
N GLN A 25 -6.76 -3.35 3.76
CA GLN A 25 -7.67 -2.60 4.68
C GLN A 25 -7.83 -1.15 4.20
N PRO A 26 -9.02 -0.62 4.37
CA PRO A 26 -9.30 0.77 3.96
C PRO A 26 -8.47 1.76 4.77
N HIS A 27 -7.33 2.15 4.26
CA HIS A 27 -6.47 3.11 4.99
C HIS A 27 -5.88 4.14 4.02
N THR A 28 -5.10 5.07 4.50
CA THR A 28 -4.51 6.09 3.58
C THR A 28 -2.99 5.98 3.58
N SER A 29 -2.39 5.96 2.42
CA SER A 29 -0.90 5.87 2.34
C SER A 29 -0.29 7.26 2.52
N LEU A 30 0.88 7.33 3.10
CA LEU A 30 1.54 8.65 3.29
C LEU A 30 3.06 8.53 3.21
N ALA A 31 3.77 9.60 3.44
CA ALA A 31 5.26 9.53 3.37
C ALA A 31 5.80 8.65 4.50
N GLY A 32 5.80 7.36 4.32
CA GLY A 32 6.31 6.47 5.39
C GLY A 32 5.81 5.04 5.15
N TRP A 33 4.65 4.90 4.56
CA TRP A 33 4.11 3.53 4.32
C TRP A 33 4.64 2.97 2.99
N GLU A 34 5.84 3.32 2.63
CA GLU A 34 6.41 2.82 1.34
C GLU A 34 7.13 1.47 1.55
N PRO A 35 7.97 1.40 2.56
CA PRO A 35 8.71 0.14 2.83
C PRO A 35 7.76 -0.95 3.31
N SER A 36 6.51 -0.64 3.48
CA SER A 36 5.53 -1.66 3.95
C SER A 36 5.82 -2.04 5.42
N ASN A 37 5.80 -1.08 6.30
CA ASN A 37 6.08 -1.37 7.73
C ASN A 37 4.82 -1.95 8.40
N VAL A 38 3.69 -1.82 7.77
CA VAL A 38 2.45 -2.37 8.37
C VAL A 38 1.86 -3.49 7.50
N PRO A 39 2.48 -4.65 7.58
CA PRO A 39 2.02 -5.80 6.78
C PRO A 39 0.57 -6.13 7.10
N ALA A 40 0.09 -5.71 8.25
CA ALA A 40 -1.33 -5.99 8.61
C ALA A 40 -2.26 -5.56 7.47
N LEU A 41 -2.03 -4.41 6.91
CA LEU A 41 -2.91 -3.94 5.79
C LEU A 41 -2.12 -3.97 4.47
N TRP A 42 -0.83 -4.13 4.53
CA TRP A 42 -0.03 -4.18 3.27
C TRP A 42 0.27 -5.64 2.91
N GLN A 43 -0.36 -6.15 1.87
CA GLN A 43 -0.10 -7.56 1.47
C GLN A 43 0.82 -7.61 0.26
N LEU A 44 2.11 -7.55 0.47
CA LEU A 44 3.05 -7.60 -0.68
C LEU A 44 2.84 -8.88 -1.49
N GLN A 45 3.14 -8.86 -2.75
CA GLN A 45 2.95 -10.07 -3.59
C GLN A 45 4.08 -10.18 -4.62
N ALA A 1 0.14 1.61 -9.39
CA ALA A 1 0.97 2.82 -9.12
C ALA A 1 0.68 3.36 -7.73
N TRP A 2 1.39 2.91 -6.74
CA TRP A 2 1.15 3.41 -5.35
C TRP A 2 1.48 4.90 -5.26
N GLN A 3 0.51 5.72 -4.97
CA GLN A 3 0.77 7.19 -4.85
C GLN A 3 0.82 7.61 -3.39
N VAL A 4 1.90 8.19 -2.96
CA VAL A 4 2.00 8.63 -1.53
C VAL A 4 0.87 9.59 -1.19
N ASN A 5 0.38 9.54 0.02
CA ASN A 5 -0.72 10.46 0.42
C ASN A 5 -1.96 10.19 -0.44
N THR A 6 -2.35 8.95 -0.55
CA THR A 6 -3.55 8.62 -1.38
C THR A 6 -4.45 7.62 -0.64
N ALA A 7 -5.73 7.89 -0.57
CA ALA A 7 -6.65 6.95 0.14
C ALA A 7 -6.77 5.63 -0.63
N TYR A 8 -6.84 4.53 0.06
CA TYR A 8 -6.96 3.22 -0.64
C TYR A 8 -7.99 2.35 0.08
N THR A 9 -8.51 1.35 -0.59
CA THR A 9 -9.52 0.47 0.06
C THR A 9 -8.92 -0.92 0.31
N ALA A 10 -9.70 -1.83 0.84
CA ALA A 10 -9.16 -3.20 1.09
C ALA A 10 -9.13 -4.01 -0.20
N GLY A 11 -8.33 -5.04 -0.24
CA GLY A 11 -8.25 -5.87 -1.47
C GLY A 11 -7.78 -5.01 -2.65
N GLN A 12 -7.15 -3.91 -2.36
CA GLN A 12 -6.66 -3.03 -3.46
C GLN A 12 -5.32 -3.55 -4.01
N LEU A 13 -4.79 -2.91 -5.01
CA LEU A 13 -3.48 -3.37 -5.58
C LEU A 13 -2.62 -2.18 -5.98
N VAL A 14 -1.62 -1.87 -5.21
CA VAL A 14 -0.74 -0.72 -5.55
C VAL A 14 0.64 -1.23 -5.98
N THR A 15 1.48 -0.36 -6.48
CA THR A 15 2.84 -0.82 -6.91
C THR A 15 3.88 0.23 -6.53
N TYR A 16 4.79 -0.12 -5.66
CA TYR A 16 5.85 0.85 -5.25
C TYR A 16 7.00 0.84 -6.26
N ASN A 17 8.12 1.40 -5.90
CA ASN A 17 9.28 1.41 -6.85
C ASN A 17 9.50 0.01 -7.41
N GLY A 18 8.90 -0.29 -8.53
CA GLY A 18 9.07 -1.65 -9.13
C GLY A 18 8.64 -2.71 -8.12
N LYS A 19 7.74 -2.37 -7.24
CA LYS A 19 7.28 -3.35 -6.22
C LYS A 19 5.78 -3.62 -6.39
N THR A 20 5.36 -4.82 -6.08
CA THR A 20 3.92 -5.15 -6.22
C THR A 20 3.29 -5.26 -4.83
N TYR A 21 2.24 -4.51 -4.59
CA TYR A 21 1.59 -4.57 -3.25
C TYR A 21 0.08 -4.70 -3.36
N LYS A 22 -0.56 -5.19 -2.33
CA LYS A 22 -2.04 -5.35 -2.36
C LYS A 22 -2.65 -4.88 -1.04
N CYS A 23 -3.42 -3.83 -1.07
CA CYS A 23 -4.03 -3.33 0.20
C CYS A 23 -5.01 -4.36 0.77
N LEU A 24 -4.98 -4.58 2.04
CA LEU A 24 -5.92 -5.57 2.65
C LEU A 24 -6.98 -4.85 3.49
N GLN A 25 -6.77 -3.59 3.79
CA GLN A 25 -7.77 -2.84 4.59
C GLN A 25 -7.87 -1.39 4.10
N PRO A 26 -9.06 -0.86 4.13
CA PRO A 26 -9.29 0.55 3.68
C PRO A 26 -8.50 1.53 4.55
N HIS A 27 -7.45 2.09 4.03
CA HIS A 27 -6.64 3.07 4.83
C HIS A 27 -6.13 4.19 3.92
N THR A 28 -5.13 4.90 4.36
CA THR A 28 -4.59 6.02 3.52
C THR A 28 -3.07 5.95 3.45
N SER A 29 -2.52 5.90 2.26
CA SER A 29 -1.04 5.83 2.12
C SER A 29 -0.42 7.20 2.40
N LEU A 30 0.73 7.25 3.01
CA LEU A 30 1.37 8.55 3.30
C LEU A 30 2.90 8.44 3.22
N ALA A 31 3.60 9.53 3.39
CA ALA A 31 5.09 9.48 3.32
C ALA A 31 5.65 8.62 4.46
N GLY A 32 5.51 7.32 4.35
CA GLY A 32 6.03 6.44 5.42
C GLY A 32 5.62 4.99 5.15
N TRP A 33 4.51 4.79 4.48
CA TRP A 33 4.05 3.40 4.18
C TRP A 33 4.69 2.91 2.88
N GLU A 34 5.88 3.35 2.59
CA GLU A 34 6.56 2.88 1.34
C GLU A 34 7.32 1.57 1.59
N PRO A 35 8.10 1.53 2.65
CA PRO A 35 8.86 0.31 2.98
C PRO A 35 7.92 -0.79 3.45
N SER A 36 6.65 -0.49 3.57
CA SER A 36 5.67 -1.51 4.04
C SER A 36 6.01 -1.95 5.47
N ASN A 37 6.07 -1.03 6.38
CA ASN A 37 6.39 -1.40 7.79
C ASN A 37 5.15 -1.96 8.48
N VAL A 38 4.02 -1.91 7.81
CA VAL A 38 2.77 -2.43 8.43
C VAL A 38 2.16 -3.53 7.54
N PRO A 39 2.82 -4.66 7.50
CA PRO A 39 2.34 -5.80 6.68
C PRO A 39 0.93 -6.21 7.12
N ALA A 40 0.53 -5.85 8.31
CA ALA A 40 -0.84 -6.22 8.78
C ALA A 40 -1.88 -5.80 7.75
N LEU A 41 -1.72 -4.65 7.15
CA LEU A 41 -2.71 -4.19 6.14
C LEU A 41 -2.05 -4.10 4.75
N TRP A 42 -0.75 -4.20 4.70
CA TRP A 42 -0.04 -4.14 3.38
C TRP A 42 0.42 -5.53 2.96
N GLN A 43 -0.35 -6.21 2.15
CA GLN A 43 0.04 -7.58 1.70
C GLN A 43 0.65 -7.51 0.31
N LEU A 44 1.96 -7.58 0.21
CA LEU A 44 2.60 -7.51 -1.13
C LEU A 44 2.92 -8.91 -1.66
N GLN A 45 3.62 -9.00 -2.74
CA GLN A 45 3.97 -10.33 -3.32
C GLN A 45 5.17 -10.20 -4.26
N ALA A 1 0.74 1.95 -10.09
CA ALA A 1 1.73 2.90 -9.49
C ALA A 1 1.20 3.43 -8.15
N TRP A 2 1.76 2.97 -7.06
CA TRP A 2 1.28 3.45 -5.73
C TRP A 2 1.26 4.98 -5.71
N GLN A 3 0.30 5.56 -5.03
CA GLN A 3 0.22 7.06 -4.97
C GLN A 3 0.38 7.54 -3.53
N VAL A 4 1.49 8.14 -3.21
CA VAL A 4 1.68 8.64 -1.82
C VAL A 4 0.52 9.54 -1.40
N ASN A 5 0.17 9.54 -0.15
CA ASN A 5 -0.97 10.39 0.31
C ASN A 5 -2.24 10.02 -0.45
N THR A 6 -2.64 8.78 -0.41
CA THR A 6 -3.88 8.37 -1.13
C THR A 6 -4.69 7.39 -0.27
N ALA A 7 -5.99 7.48 -0.34
CA ALA A 7 -6.83 6.56 0.47
C ALA A 7 -7.10 5.25 -0.29
N TYR A 8 -6.73 4.14 0.28
CA TYR A 8 -6.96 2.84 -0.41
C TYR A 8 -7.96 2.00 0.36
N THR A 9 -8.61 1.06 -0.30
CA THR A 9 -9.60 0.20 0.41
C THR A 9 -8.97 -1.16 0.73
N ALA A 10 -9.77 -2.13 1.11
CA ALA A 10 -9.21 -3.46 1.44
C ALA A 10 -9.18 -4.34 0.19
N GLY A 11 -8.02 -4.60 -0.34
CA GLY A 11 -7.92 -5.45 -1.57
C GLY A 11 -7.49 -4.58 -2.75
N GLN A 12 -6.72 -3.56 -2.50
CA GLN A 12 -6.27 -2.68 -3.62
C GLN A 12 -4.94 -3.20 -4.18
N LEU A 13 -4.51 -2.70 -5.30
CA LEU A 13 -3.22 -3.17 -5.89
C LEU A 13 -2.33 -1.98 -6.27
N VAL A 14 -1.31 -1.72 -5.50
CA VAL A 14 -0.39 -0.59 -5.82
C VAL A 14 0.99 -1.13 -6.19
N THR A 15 1.88 -0.28 -6.63
CA THR A 15 3.24 -0.77 -7.00
C THR A 15 4.32 0.23 -6.56
N TYR A 16 5.23 -0.20 -5.73
CA TYR A 16 6.31 0.72 -5.27
C TYR A 16 7.56 0.52 -6.14
N ASN A 17 8.71 0.91 -5.66
CA ASN A 17 9.95 0.74 -6.46
C ASN A 17 9.97 -0.65 -7.11
N GLY A 18 9.52 -0.76 -8.32
CA GLY A 18 9.51 -2.09 -9.01
C GLY A 18 8.89 -3.14 -8.08
N LYS A 19 8.02 -2.72 -7.19
CA LYS A 19 7.39 -3.69 -6.26
C LYS A 19 5.88 -3.74 -6.46
N THR A 20 5.25 -4.80 -6.05
CA THR A 20 3.77 -4.91 -6.21
C THR A 20 3.13 -5.24 -4.86
N TYR A 21 2.30 -4.36 -4.36
CA TYR A 21 1.66 -4.62 -3.04
C TYR A 21 0.14 -4.78 -3.20
N LYS A 22 -0.49 -5.45 -2.28
CA LYS A 22 -1.97 -5.63 -2.37
C LYS A 22 -2.64 -5.11 -1.10
N CYS A 23 -3.06 -3.87 -1.10
CA CYS A 23 -3.72 -3.31 0.11
C CYS A 23 -4.79 -4.28 0.61
N LEU A 24 -4.95 -4.39 1.90
CA LEU A 24 -5.97 -5.34 2.45
C LEU A 24 -6.88 -4.62 3.44
N GLN A 25 -6.61 -3.38 3.74
CA GLN A 25 -7.47 -2.65 4.70
C GLN A 25 -7.67 -1.19 4.25
N PRO A 26 -8.87 -0.69 4.40
CA PRO A 26 -9.18 0.70 4.00
C PRO A 26 -8.36 1.69 4.83
N HIS A 27 -7.22 2.11 4.33
CA HIS A 27 -6.37 3.07 5.10
C HIS A 27 -5.86 4.18 4.18
N THR A 28 -5.01 5.02 4.69
CA THR A 28 -4.46 6.12 3.84
C THR A 28 -2.93 6.02 3.75
N SER A 29 -2.39 5.97 2.57
CA SER A 29 -0.91 5.87 2.43
C SER A 29 -0.29 7.27 2.48
N LEU A 30 0.90 7.39 3.01
CA LEU A 30 1.55 8.73 3.07
C LEU A 30 3.07 8.57 3.06
N ALA A 31 3.79 9.66 3.18
CA ALA A 31 5.28 9.57 3.17
C ALA A 31 5.77 8.77 4.38
N GLY A 32 5.64 7.47 4.33
CA GLY A 32 6.10 6.63 5.48
C GLY A 32 5.68 5.18 5.24
N TRP A 33 4.55 4.97 4.64
CA TRP A 33 4.09 3.57 4.37
C TRP A 33 4.60 3.12 3.00
N GLU A 34 5.82 3.46 2.68
CA GLU A 34 6.37 3.05 1.35
C GLU A 34 7.04 1.68 1.45
N PRO A 35 7.88 1.49 2.46
CA PRO A 35 8.57 0.20 2.64
C PRO A 35 7.59 -0.87 3.11
N SER A 36 6.33 -0.53 3.28
CA SER A 36 5.33 -1.52 3.76
C SER A 36 5.75 -2.06 5.13
N ASN A 37 5.84 -1.19 6.11
CA ASN A 37 6.25 -1.65 7.47
C ASN A 37 5.04 -2.17 8.25
N VAL A 38 3.89 -2.24 7.62
CA VAL A 38 2.68 -2.73 8.35
C VAL A 38 1.99 -3.83 7.53
N PRO A 39 2.44 -5.04 7.70
CA PRO A 39 1.84 -6.20 6.99
C PRO A 39 0.36 -6.35 7.36
N ALA A 40 -0.07 -5.68 8.40
CA ALA A 40 -1.50 -5.78 8.82
C ALA A 40 -2.42 -5.33 7.69
N LEU A 41 -2.02 -4.32 6.95
CA LEU A 41 -2.89 -3.83 5.85
C LEU A 41 -2.13 -3.91 4.51
N TRP A 42 -0.84 -4.14 4.55
CA TRP A 42 -0.06 -4.24 3.28
C TRP A 42 0.20 -5.70 2.93
N GLN A 43 -0.44 -6.20 1.91
CA GLN A 43 -0.22 -7.63 1.54
C GLN A 43 0.71 -7.70 0.32
N LEU A 44 1.99 -7.44 0.51
CA LEU A 44 2.94 -7.50 -0.62
C LEU A 44 2.85 -8.85 -1.33
N GLN A 45 3.32 -8.93 -2.55
CA GLN A 45 3.26 -10.21 -3.28
C GLN A 45 4.54 -10.42 -4.10
N ALA A 1 3.32 2.12 -9.23
CA ALA A 1 1.95 2.68 -9.40
C ALA A 1 1.44 3.23 -8.06
N TRP A 2 1.98 2.75 -6.97
CA TRP A 2 1.52 3.25 -5.65
C TRP A 2 1.54 4.79 -5.62
N GLN A 3 0.57 5.39 -4.99
CA GLN A 3 0.55 6.89 -4.93
C GLN A 3 0.52 7.36 -3.48
N VAL A 4 1.48 8.17 -3.09
CA VAL A 4 1.51 8.67 -1.68
C VAL A 4 0.34 9.61 -1.42
N ASN A 5 -0.06 9.75 -0.19
CA ASN A 5 -1.20 10.66 0.13
C ASN A 5 -2.45 10.21 -0.63
N THR A 6 -2.78 8.95 -0.55
CA THR A 6 -3.99 8.45 -1.27
C THR A 6 -4.75 7.44 -0.40
N ALA A 7 -6.04 7.58 -0.30
CA ALA A 7 -6.84 6.63 0.53
C ALA A 7 -7.05 5.33 -0.23
N TYR A 8 -6.58 4.24 0.30
CA TYR A 8 -6.77 2.93 -0.39
C TYR A 8 -7.80 2.08 0.34
N THR A 9 -8.57 1.30 -0.37
CA THR A 9 -9.59 0.45 0.29
C THR A 9 -9.09 -0.99 0.41
N ALA A 10 -9.72 -1.77 1.26
CA ALA A 10 -9.28 -3.19 1.42
C ALA A 10 -9.35 -3.93 0.08
N GLY A 11 -8.24 -4.44 -0.39
CA GLY A 11 -8.25 -5.18 -1.69
C GLY A 11 -7.74 -4.27 -2.81
N GLN A 12 -6.88 -3.33 -2.49
CA GLN A 12 -6.36 -2.42 -3.55
C GLN A 12 -5.08 -3.01 -4.16
N LEU A 13 -4.48 -2.30 -5.08
CA LEU A 13 -3.24 -2.81 -5.73
C LEU A 13 -2.25 -1.67 -5.97
N VAL A 14 -1.11 -1.72 -5.34
CA VAL A 14 -0.10 -0.63 -5.54
C VAL A 14 1.26 -1.24 -5.87
N THR A 15 2.12 -0.50 -6.53
CA THR A 15 3.46 -1.04 -6.87
C THR A 15 4.53 0.03 -6.69
N TYR A 16 5.51 -0.20 -5.87
CA TYR A 16 6.57 0.84 -5.69
C TYR A 16 7.59 0.77 -6.83
N ASN A 17 8.63 1.56 -6.74
CA ASN A 17 9.68 1.58 -7.82
C ASN A 17 9.82 0.21 -8.48
N GLY A 18 9.77 -0.84 -7.72
CA GLY A 18 9.91 -2.20 -8.32
C GLY A 18 9.35 -3.24 -7.36
N LYS A 19 8.21 -2.98 -6.79
CA LYS A 19 7.62 -3.97 -5.84
C LYS A 19 6.11 -4.09 -6.04
N THR A 20 5.57 -5.25 -5.79
CA THR A 20 4.10 -5.44 -5.95
C THR A 20 3.43 -5.50 -4.58
N TYR A 21 2.45 -4.65 -4.35
CA TYR A 21 1.77 -4.65 -3.03
C TYR A 21 0.26 -4.65 -3.21
N LYS A 22 -0.46 -5.05 -2.19
CA LYS A 22 -1.95 -5.07 -2.29
C LYS A 22 -2.56 -4.58 -0.96
N CYS A 23 -3.46 -3.66 -1.02
CA CYS A 23 -4.09 -3.15 0.23
C CYS A 23 -5.10 -4.16 0.77
N LEU A 24 -5.11 -4.36 2.06
CA LEU A 24 -6.08 -5.34 2.64
C LEU A 24 -7.06 -4.63 3.58
N GLN A 25 -6.84 -3.38 3.85
CA GLN A 25 -7.77 -2.64 4.76
C GLN A 25 -7.88 -1.16 4.34
N PRO A 26 -9.07 -0.62 4.42
CA PRO A 26 -9.30 0.79 4.04
C PRO A 26 -8.48 1.72 4.94
N HIS A 27 -7.31 2.13 4.49
CA HIS A 27 -6.47 3.03 5.31
C HIS A 27 -5.99 4.22 4.47
N THR A 28 -5.03 4.95 4.96
CA THR A 28 -4.51 6.11 4.18
C THR A 28 -3.00 5.99 3.95
N SER A 29 -2.58 6.00 2.71
CA SER A 29 -1.12 5.89 2.42
C SER A 29 -0.48 7.27 2.46
N LEU A 30 0.69 7.39 3.04
CA LEU A 30 1.36 8.72 3.11
C LEU A 30 2.88 8.56 3.05
N ALA A 31 3.61 9.64 3.14
CA ALA A 31 5.09 9.56 3.10
C ALA A 31 5.61 8.74 4.27
N GLY A 32 5.44 7.45 4.23
CA GLY A 32 5.93 6.60 5.35
C GLY A 32 5.53 5.13 5.08
N TRP A 33 4.36 4.92 4.55
CA TRP A 33 3.93 3.52 4.27
C TRP A 33 4.38 3.09 2.88
N GLU A 34 5.57 3.47 2.48
CA GLU A 34 6.06 3.08 1.13
C GLU A 34 6.78 1.72 1.20
N PRO A 35 7.67 1.58 2.15
CA PRO A 35 8.42 0.30 2.30
C PRO A 35 7.50 -0.80 2.82
N SER A 36 6.26 -0.48 3.10
CA SER A 36 5.30 -1.49 3.62
C SER A 36 5.78 -1.99 4.99
N ASN A 37 5.83 -1.11 5.97
CA ASN A 37 6.30 -1.52 7.33
C ASN A 37 5.13 -2.10 8.14
N VAL A 38 3.99 -2.29 7.54
CA VAL A 38 2.83 -2.85 8.30
C VAL A 38 2.10 -3.90 7.45
N PRO A 39 2.59 -5.11 7.49
CA PRO A 39 1.97 -6.22 6.73
C PRO A 39 0.52 -6.44 7.18
N ALA A 40 0.16 -5.90 8.33
CA ALA A 40 -1.24 -6.09 8.81
C ALA A 40 -2.24 -5.75 7.70
N LEU A 41 -1.94 -4.74 6.92
CA LEU A 41 -2.87 -4.37 5.81
C LEU A 41 -2.08 -4.24 4.50
N TRP A 42 -0.80 -4.44 4.54
CA TRP A 42 0.02 -4.34 3.29
C TRP A 42 0.54 -5.72 2.91
N GLN A 43 -0.17 -6.44 2.08
CA GLN A 43 0.30 -7.79 1.67
C GLN A 43 0.97 -7.71 0.30
N LEU A 44 2.27 -7.85 0.27
CA LEU A 44 2.99 -7.77 -1.05
C LEU A 44 3.23 -9.17 -1.61
N GLN A 45 3.96 -9.25 -2.69
CA GLN A 45 4.23 -10.58 -3.30
C GLN A 45 5.45 -10.49 -4.23
N ALA A 1 0.60 1.45 -9.83
CA ALA A 1 1.45 2.61 -9.42
C ALA A 1 0.97 3.19 -8.09
N TRP A 2 1.68 2.92 -7.03
CA TRP A 2 1.26 3.46 -5.70
C TRP A 2 1.30 4.99 -5.71
N GLN A 3 0.57 5.62 -4.84
CA GLN A 3 0.57 7.11 -4.79
C GLN A 3 0.65 7.60 -3.34
N VAL A 4 1.42 8.62 -3.10
CA VAL A 4 1.55 9.14 -1.69
C VAL A 4 0.33 9.99 -1.33
N ASN A 5 -0.04 10.00 -0.09
CA ASN A 5 -1.22 10.81 0.34
C ASN A 5 -2.47 10.33 -0.40
N THR A 6 -2.64 9.05 -0.53
CA THR A 6 -3.83 8.51 -1.25
C THR A 6 -4.59 7.55 -0.35
N ALA A 7 -5.88 7.46 -0.51
CA ALA A 7 -6.69 6.53 0.33
C ALA A 7 -7.02 5.26 -0.46
N TYR A 8 -6.48 4.15 -0.04
CA TYR A 8 -6.76 2.87 -0.76
C TYR A 8 -7.81 2.05 0.01
N THR A 9 -8.50 1.16 -0.65
CA THR A 9 -9.52 0.34 0.05
C THR A 9 -8.95 -1.04 0.38
N ALA A 10 -9.72 -1.88 1.02
CA ALA A 10 -9.22 -3.24 1.36
C ALA A 10 -9.15 -4.11 0.11
N GLY A 11 -8.00 -4.65 -0.18
CA GLY A 11 -7.87 -5.52 -1.40
C GLY A 11 -7.43 -4.66 -2.58
N GLN A 12 -6.73 -3.59 -2.32
CA GLN A 12 -6.26 -2.72 -3.44
C GLN A 12 -4.91 -3.20 -3.97
N LEU A 13 -4.40 -2.56 -4.98
CA LEU A 13 -3.09 -3.00 -5.54
C LEU A 13 -2.21 -1.78 -5.83
N VAL A 14 -0.99 -1.80 -5.35
CA VAL A 14 -0.08 -0.64 -5.59
C VAL A 14 1.30 -1.16 -6.03
N THR A 15 2.13 -0.32 -6.57
CA THR A 15 3.47 -0.78 -7.02
C THR A 15 4.54 0.26 -6.68
N TYR A 16 5.57 -0.13 -5.97
CA TYR A 16 6.65 0.83 -5.62
C TYR A 16 7.85 0.62 -6.54
N ASN A 17 8.03 1.48 -7.50
CA ASN A 17 9.19 1.32 -8.43
C ASN A 17 9.14 -0.06 -9.10
N GLY A 18 9.70 -1.06 -8.46
CA GLY A 18 9.69 -2.43 -9.06
C GLY A 18 9.08 -3.42 -8.05
N LYS A 19 8.13 -2.99 -7.27
CA LYS A 19 7.51 -3.91 -6.29
C LYS A 19 5.98 -3.85 -6.40
N THR A 20 5.29 -4.81 -5.84
CA THR A 20 3.81 -4.81 -5.93
C THR A 20 3.18 -5.25 -4.59
N TYR A 21 2.31 -4.46 -4.05
CA TYR A 21 1.65 -4.83 -2.76
C TYR A 21 0.14 -4.89 -2.94
N LYS A 22 -0.56 -5.45 -1.99
CA LYS A 22 -2.04 -5.54 -2.10
C LYS A 22 -2.72 -5.02 -0.84
N CYS A 23 -3.22 -3.82 -0.86
CA CYS A 23 -3.89 -3.25 0.34
C CYS A 23 -4.92 -4.23 0.87
N LEU A 24 -5.04 -4.36 2.17
CA LEU A 24 -6.04 -5.31 2.74
C LEU A 24 -7.07 -4.55 3.59
N GLN A 25 -6.78 -3.33 3.94
CA GLN A 25 -7.74 -2.56 4.77
C GLN A 25 -7.86 -1.13 4.23
N PRO A 26 -9.07 -0.61 4.23
CA PRO A 26 -9.30 0.77 3.75
C PRO A 26 -8.54 1.78 4.60
N HIS A 27 -7.40 2.23 4.15
CA HIS A 27 -6.61 3.22 4.95
C HIS A 27 -6.04 4.29 4.03
N THR A 28 -5.11 5.06 4.51
CA THR A 28 -4.51 6.12 3.67
C THR A 28 -2.97 6.00 3.69
N SER A 29 -2.36 5.87 2.55
CA SER A 29 -0.87 5.75 2.51
C SER A 29 -0.24 7.14 2.46
N LEU A 30 0.81 7.35 3.20
CA LEU A 30 1.48 8.69 3.17
C LEU A 30 3.00 8.54 3.25
N ALA A 31 3.70 9.61 3.51
CA ALA A 31 5.18 9.52 3.59
C ALA A 31 5.60 8.57 4.71
N GLY A 32 5.60 7.28 4.45
CA GLY A 32 6.00 6.31 5.51
C GLY A 32 5.42 4.93 5.16
N TRP A 33 4.25 4.88 4.60
CA TRP A 33 3.64 3.57 4.24
C TRP A 33 4.14 3.10 2.86
N GLU A 34 5.31 3.51 2.46
CA GLU A 34 5.83 3.09 1.13
C GLU A 34 6.65 1.80 1.21
N PRO A 35 7.53 1.71 2.18
CA PRO A 35 8.38 0.49 2.32
C PRO A 35 7.53 -0.71 2.73
N SER A 36 6.26 -0.52 2.96
CA SER A 36 5.40 -1.66 3.38
C SER A 36 5.83 -2.16 4.76
N ASN A 37 6.03 -1.26 5.68
CA ASN A 37 6.45 -1.67 7.05
C ASN A 37 5.25 -2.11 7.90
N VAL A 38 4.13 -2.37 7.27
CA VAL A 38 2.93 -2.80 8.04
C VAL A 38 2.22 -3.94 7.29
N PRO A 39 2.77 -5.12 7.38
CA PRO A 39 2.18 -6.29 6.70
C PRO A 39 0.75 -6.54 7.22
N ALA A 40 0.40 -5.96 8.34
CA ALA A 40 -0.96 -6.17 8.89
C ALA A 40 -2.01 -5.67 7.89
N LEU A 41 -1.78 -4.53 7.29
CA LEU A 41 -2.76 -4.01 6.30
C LEU A 41 -2.19 -4.11 4.88
N TRP A 42 -0.91 -4.35 4.77
CA TRP A 42 -0.29 -4.49 3.41
C TRP A 42 -0.13 -5.95 3.04
N GLN A 43 -0.63 -6.35 1.90
CA GLN A 43 -0.49 -7.76 1.47
C GLN A 43 0.51 -7.86 0.33
N LEU A 44 1.77 -7.69 0.61
CA LEU A 44 2.80 -7.76 -0.47
C LEU A 44 2.69 -9.07 -1.24
N GLN A 45 3.17 -9.10 -2.45
CA GLN A 45 3.11 -10.35 -3.26
C GLN A 45 4.37 -10.50 -4.10
N ALA A 1 0.60 1.62 -10.03
CA ALA A 1 1.64 2.50 -9.44
C ALA A 1 1.12 3.12 -8.13
N TRP A 2 1.72 2.79 -7.03
CA TRP A 2 1.26 3.36 -5.73
C TRP A 2 1.34 4.88 -5.76
N GLN A 3 0.67 5.53 -4.84
CA GLN A 3 0.70 7.03 -4.82
C GLN A 3 0.68 7.51 -3.36
N VAL A 4 1.51 8.46 -3.04
CA VAL A 4 1.55 8.97 -1.63
C VAL A 4 0.38 9.93 -1.37
N ASN A 5 -0.10 9.96 -0.17
CA ASN A 5 -1.24 10.87 0.16
C ASN A 5 -2.50 10.45 -0.59
N THR A 6 -2.86 9.20 -0.50
CA THR A 6 -4.08 8.73 -1.22
C THR A 6 -4.90 7.80 -0.30
N ALA A 7 -6.09 7.47 -0.70
CA ALA A 7 -6.93 6.56 0.14
C ALA A 7 -7.19 5.24 -0.58
N TYR A 8 -6.73 4.15 -0.03
CA TYR A 8 -6.95 2.83 -0.69
C TYR A 8 -7.95 2.00 0.13
N THR A 9 -8.61 1.06 -0.50
CA THR A 9 -9.59 0.22 0.24
C THR A 9 -8.99 -1.16 0.51
N ALA A 10 -9.65 -1.97 1.31
CA ALA A 10 -9.11 -3.32 1.62
C ALA A 10 -9.16 -4.21 0.37
N GLY A 11 -8.05 -4.42 -0.27
CA GLY A 11 -8.03 -5.27 -1.49
C GLY A 11 -7.54 -4.46 -2.69
N GLN A 12 -6.72 -3.47 -2.44
CA GLN A 12 -6.19 -2.64 -3.56
C GLN A 12 -4.91 -3.26 -4.12
N LEU A 13 -4.43 -2.76 -5.23
CA LEU A 13 -3.18 -3.32 -5.82
C LEU A 13 -2.25 -2.21 -6.28
N VAL A 14 -1.35 -1.79 -5.44
CA VAL A 14 -0.41 -0.69 -5.82
C VAL A 14 0.95 -1.29 -6.23
N THR A 15 1.84 -0.47 -6.74
CA THR A 15 3.18 -1.00 -7.13
C THR A 15 4.26 0.02 -6.75
N TYR A 16 5.14 -0.33 -5.86
CA TYR A 16 6.22 0.63 -5.48
C TYR A 16 7.43 0.48 -6.41
N ASN A 17 8.57 0.97 -6.01
CA ASN A 17 9.77 0.85 -6.88
C ASN A 17 9.85 -0.56 -7.47
N GLY A 18 9.39 -0.75 -8.67
CA GLY A 18 9.44 -2.11 -9.30
C GLY A 18 8.95 -3.14 -8.29
N LYS A 19 8.07 -2.76 -7.40
CA LYS A 19 7.56 -3.73 -6.40
C LYS A 19 6.04 -3.88 -6.53
N THR A 20 5.52 -5.02 -6.17
CA THR A 20 4.05 -5.23 -6.26
C THR A 20 3.43 -5.26 -4.86
N TYR A 21 2.44 -4.45 -4.62
CA TYR A 21 1.81 -4.43 -3.26
C TYR A 21 0.29 -4.47 -3.38
N LYS A 22 -0.37 -4.89 -2.34
CA LYS A 22 -1.86 -4.96 -2.38
C LYS A 22 -2.44 -4.51 -1.02
N CYS A 23 -3.24 -3.48 -1.02
CA CYS A 23 -3.83 -3.01 0.27
C CYS A 23 -4.82 -4.05 0.81
N LEU A 24 -4.85 -4.22 2.11
CA LEU A 24 -5.80 -5.22 2.70
C LEU A 24 -6.76 -4.52 3.67
N GLN A 25 -6.55 -3.25 3.92
CA GLN A 25 -7.45 -2.52 4.86
C GLN A 25 -7.71 -1.10 4.34
N PRO A 26 -8.94 -0.66 4.47
CA PRO A 26 -9.31 0.70 4.00
C PRO A 26 -8.54 1.76 4.79
N HIS A 27 -7.44 2.23 4.27
CA HIS A 27 -6.65 3.26 4.99
C HIS A 27 -6.15 4.33 4.01
N THR A 28 -5.21 5.12 4.44
CA THR A 28 -4.66 6.18 3.53
C THR A 28 -3.14 6.09 3.46
N SER A 29 -2.60 5.93 2.28
CA SER A 29 -1.11 5.83 2.14
C SER A 29 -0.47 7.21 2.32
N LEU A 30 0.67 7.26 2.95
CA LEU A 30 1.34 8.57 3.15
C LEU A 30 2.88 8.40 3.10
N ALA A 31 3.60 9.49 3.23
CA ALA A 31 5.09 9.39 3.21
C ALA A 31 5.60 8.58 4.39
N GLY A 32 5.37 7.30 4.39
CA GLY A 32 5.84 6.45 5.52
C GLY A 32 5.47 5.00 5.26
N TRP A 33 4.36 4.76 4.61
CA TRP A 33 3.94 3.36 4.33
C TRP A 33 4.54 2.88 3.00
N GLU A 34 5.76 3.26 2.72
CA GLU A 34 6.40 2.84 1.44
C GLU A 34 7.14 1.49 1.61
N PRO A 35 7.94 1.40 2.64
CA PRO A 35 8.71 0.16 2.89
C PRO A 35 7.76 -0.98 3.30
N SER A 36 6.50 -0.67 3.48
CA SER A 36 5.53 -1.71 3.89
C SER A 36 5.90 -2.27 5.26
N ASN A 37 6.08 -1.41 6.23
CA ASN A 37 6.44 -1.90 7.60
C ASN A 37 5.19 -2.35 8.36
N VAL A 38 4.10 -2.56 7.67
CA VAL A 38 2.84 -3.00 8.34
C VAL A 38 2.17 -4.10 7.51
N PRO A 39 2.72 -5.29 7.59
CA PRO A 39 2.18 -6.44 6.83
C PRO A 39 0.73 -6.72 7.24
N ALA A 40 0.29 -6.16 8.34
CA ALA A 40 -1.10 -6.40 8.80
C ALA A 40 -2.10 -5.76 7.82
N LEU A 41 -1.79 -4.60 7.31
CA LEU A 41 -2.74 -3.94 6.36
C LEU A 41 -2.10 -3.83 4.96
N TRP A 42 -0.81 -4.03 4.87
CA TRP A 42 -0.13 -3.95 3.55
C TRP A 42 0.34 -5.34 3.11
N GLN A 43 -0.45 -6.04 2.34
CA GLN A 43 -0.04 -7.39 1.88
C GLN A 43 0.50 -7.30 0.45
N LEU A 44 1.77 -7.51 0.26
CA LEU A 44 2.35 -7.41 -1.11
C LEU A 44 2.53 -8.80 -1.72
N GLN A 45 3.24 -8.89 -2.81
CA GLN A 45 3.46 -10.21 -3.46
C GLN A 45 4.67 -10.16 -4.39
N ALA A 1 -0.14 1.13 -9.63
CA ALA A 1 0.81 2.23 -9.30
C ALA A 1 0.46 2.85 -7.94
N TRP A 2 1.29 2.64 -6.96
CA TRP A 2 1.00 3.22 -5.60
C TRP A 2 1.23 4.73 -5.60
N GLN A 3 0.84 5.39 -4.55
CA GLN A 3 1.02 6.87 -4.48
C GLN A 3 1.03 7.32 -3.01
N VAL A 4 1.79 8.33 -2.68
CA VAL A 4 1.84 8.80 -1.27
C VAL A 4 0.71 9.81 -1.01
N ASN A 5 0.21 9.86 0.19
CA ASN A 5 -0.88 10.82 0.51
C ASN A 5 -2.13 10.49 -0.29
N THR A 6 -2.56 9.25 -0.26
CA THR A 6 -3.79 8.87 -1.03
C THR A 6 -4.69 8.00 -0.16
N ALA A 7 -5.88 7.70 -0.62
CA ALA A 7 -6.80 6.86 0.17
C ALA A 7 -7.03 5.51 -0.53
N TYR A 8 -6.51 4.45 0.02
CA TYR A 8 -6.69 3.11 -0.62
C TYR A 8 -7.76 2.31 0.12
N THR A 9 -8.39 1.39 -0.55
CA THR A 9 -9.44 0.56 0.11
C THR A 9 -8.87 -0.82 0.45
N ALA A 10 -9.72 -1.75 0.80
CA ALA A 10 -9.23 -3.11 1.14
C ALA A 10 -9.13 -3.96 -0.14
N GLY A 11 -8.20 -4.88 -0.17
CA GLY A 11 -8.05 -5.74 -1.38
C GLY A 11 -7.65 -4.87 -2.57
N GLN A 12 -6.96 -3.79 -2.34
CA GLN A 12 -6.54 -2.91 -3.46
C GLN A 12 -5.22 -3.40 -4.05
N LEU A 13 -4.79 -2.83 -5.15
CA LEU A 13 -3.50 -3.27 -5.76
C LEU A 13 -2.61 -2.05 -6.03
N VAL A 14 -1.40 -2.07 -5.54
CA VAL A 14 -0.48 -0.92 -5.76
C VAL A 14 0.92 -1.42 -6.15
N THR A 15 1.72 -0.59 -6.74
CA THR A 15 3.08 -1.03 -7.13
C THR A 15 4.09 0.09 -6.87
N TYR A 16 5.10 -0.16 -6.07
CA TYR A 16 6.11 0.90 -5.79
C TYR A 16 7.25 0.82 -6.81
N ASN A 17 7.11 1.52 -7.91
CA ASN A 17 8.18 1.51 -8.95
C ASN A 17 8.33 0.10 -9.55
N GLY A 18 8.84 -0.83 -8.78
CA GLY A 18 9.02 -2.21 -9.30
C GLY A 18 8.60 -3.22 -8.23
N LYS A 19 7.78 -2.82 -7.30
CA LYS A 19 7.34 -3.77 -6.24
C LYS A 19 5.83 -4.01 -6.33
N THR A 20 5.40 -5.20 -6.02
CA THR A 20 3.94 -5.50 -6.09
C THR A 20 3.33 -5.50 -4.68
N TYR A 21 2.28 -4.76 -4.48
CA TYR A 21 1.65 -4.72 -3.13
C TYR A 21 0.14 -4.87 -3.22
N LYS A 22 -0.49 -5.35 -2.19
CA LYS A 22 -1.97 -5.52 -2.22
C LYS A 22 -2.58 -5.04 -0.90
N CYS A 23 -3.35 -3.98 -0.95
CA CYS A 23 -3.98 -3.46 0.30
C CYS A 23 -5.04 -4.45 0.81
N LEU A 24 -5.14 -4.62 2.10
CA LEU A 24 -6.14 -5.57 2.66
C LEU A 24 -7.21 -4.80 3.45
N GLN A 25 -6.90 -3.59 3.87
CA GLN A 25 -7.89 -2.81 4.65
C GLN A 25 -7.92 -1.36 4.15
N PRO A 26 -9.08 -0.75 4.19
CA PRO A 26 -9.24 0.65 3.74
C PRO A 26 -8.39 1.59 4.60
N HIS A 27 -7.31 2.08 4.07
CA HIS A 27 -6.44 3.01 4.86
C HIS A 27 -5.87 4.10 3.97
N THR A 28 -5.20 5.05 4.54
CA THR A 28 -4.62 6.16 3.71
C THR A 28 -3.09 6.07 3.67
N SER A 29 -2.52 5.96 2.50
CA SER A 29 -1.04 5.86 2.41
C SER A 29 -0.42 7.25 2.62
N LEU A 30 0.76 7.31 3.17
CA LEU A 30 1.41 8.64 3.40
C LEU A 30 2.94 8.50 3.33
N ALA A 31 3.64 9.59 3.54
CA ALA A 31 5.13 9.54 3.48
C ALA A 31 5.66 8.65 4.61
N GLY A 32 5.58 7.36 4.45
CA GLY A 32 6.08 6.44 5.52
C GLY A 32 5.64 5.01 5.19
N TRP A 33 4.48 4.85 4.63
CA TRP A 33 4.00 3.48 4.29
C TRP A 33 4.51 3.08 2.90
N GLU A 34 5.68 3.52 2.54
CA GLU A 34 6.22 3.16 1.20
C GLU A 34 6.98 1.83 1.28
N PRO A 35 7.86 1.72 2.25
CA PRO A 35 8.63 0.45 2.42
C PRO A 35 7.71 -0.66 2.93
N SER A 36 6.47 -0.35 3.19
CA SER A 36 5.52 -1.39 3.68
C SER A 36 5.94 -1.85 5.09
N ASN A 37 5.83 -0.97 6.06
CA ASN A 37 6.22 -1.35 7.45
C ASN A 37 5.03 -1.94 8.21
N VAL A 38 3.88 -2.01 7.61
CA VAL A 38 2.70 -2.56 8.32
C VAL A 38 2.06 -3.70 7.51
N PRO A 39 2.61 -4.88 7.66
CA PRO A 39 2.08 -6.06 6.94
C PRO A 39 0.63 -6.32 7.33
N ALA A 40 0.15 -5.68 8.37
CA ALA A 40 -1.25 -5.90 8.80
C ALA A 40 -2.22 -5.55 7.67
N LEU A 41 -1.93 -4.53 6.91
CA LEU A 41 -2.83 -4.14 5.80
C LEU A 41 -2.07 -4.12 4.47
N TRP A 42 -0.77 -4.19 4.51
CA TRP A 42 0.02 -4.18 3.24
C TRP A 42 0.45 -5.60 2.89
N GLN A 43 -0.19 -6.21 1.93
CA GLN A 43 0.18 -7.60 1.54
C GLN A 43 1.05 -7.56 0.27
N LEU A 44 2.34 -7.51 0.41
CA LEU A 44 3.22 -7.47 -0.79
C LEU A 44 3.61 -8.89 -1.22
N GLN A 45 4.12 -9.03 -2.41
CA GLN A 45 4.52 -10.39 -2.89
C GLN A 45 5.72 -10.29 -3.84
N ALA A 1 0.65 3.48 -10.26
CA ALA A 1 1.34 2.72 -9.17
C ALA A 1 0.98 3.32 -7.81
N TRP A 2 1.59 2.84 -6.77
CA TRP A 2 1.29 3.37 -5.41
C TRP A 2 1.79 4.81 -5.28
N GLN A 3 0.96 5.69 -4.78
CA GLN A 3 1.40 7.11 -4.63
C GLN A 3 1.24 7.55 -3.16
N VAL A 4 1.84 8.65 -2.80
CA VAL A 4 1.72 9.13 -1.39
C VAL A 4 0.51 10.04 -1.25
N ASN A 5 -0.03 10.14 -0.07
CA ASN A 5 -1.22 11.03 0.13
C ASN A 5 -2.40 10.51 -0.69
N THR A 6 -2.70 9.24 -0.58
CA THR A 6 -3.84 8.69 -1.37
C THR A 6 -4.69 7.76 -0.48
N ALA A 7 -5.90 7.50 -0.88
CA ALA A 7 -6.78 6.61 -0.07
C ALA A 7 -6.98 5.27 -0.78
N TYR A 8 -6.73 4.18 -0.11
CA TYR A 8 -6.91 2.85 -0.74
C TYR A 8 -7.98 2.04 -0.01
N THR A 9 -8.57 1.07 -0.67
CA THR A 9 -9.61 0.24 0.00
C THR A 9 -9.04 -1.13 0.35
N ALA A 10 -9.74 -1.89 1.15
CA ALA A 10 -9.24 -3.24 1.52
C ALA A 10 -9.22 -4.16 0.29
N GLY A 11 -8.08 -4.68 -0.04
CA GLY A 11 -7.99 -5.59 -1.23
C GLY A 11 -7.54 -4.79 -2.45
N GLN A 12 -6.84 -3.71 -2.24
CA GLN A 12 -6.37 -2.88 -3.39
C GLN A 12 -5.07 -3.47 -3.96
N LEU A 13 -4.62 -2.95 -5.07
CA LEU A 13 -3.36 -3.47 -5.68
C LEU A 13 -2.50 -2.31 -6.17
N VAL A 14 -1.55 -1.88 -5.37
CA VAL A 14 -0.67 -0.74 -5.79
C VAL A 14 0.72 -1.28 -6.16
N THR A 15 1.58 -0.43 -6.62
CA THR A 15 2.96 -0.88 -7.00
C THR A 15 3.99 0.16 -6.56
N TYR A 16 4.83 -0.18 -5.61
CA TYR A 16 5.87 0.79 -5.16
C TYR A 16 7.03 0.81 -6.14
N ASN A 17 8.14 1.37 -5.75
CA ASN A 17 9.31 1.42 -6.68
C ASN A 17 9.54 0.04 -7.30
N GLY A 18 9.01 -0.19 -8.47
CA GLY A 18 9.19 -1.53 -9.11
C GLY A 18 8.77 -2.62 -8.12
N LYS A 19 7.79 -2.34 -7.31
CA LYS A 19 7.33 -3.33 -6.31
C LYS A 19 5.83 -3.60 -6.48
N THR A 20 5.41 -4.82 -6.24
CA THR A 20 3.96 -5.14 -6.38
C THR A 20 3.33 -5.27 -4.98
N TYR A 21 2.35 -4.47 -4.68
CA TYR A 21 1.73 -4.55 -3.33
C TYR A 21 0.20 -4.59 -3.44
N LYS A 22 -0.45 -5.06 -2.41
CA LYS A 22 -1.94 -5.14 -2.42
C LYS A 22 -2.49 -4.75 -1.05
N CYS A 23 -3.28 -3.71 -0.98
CA CYS A 23 -3.84 -3.27 0.33
C CYS A 23 -4.88 -4.30 0.84
N LEU A 24 -4.99 -4.45 2.13
CA LEU A 24 -5.97 -5.43 2.68
C LEU A 24 -6.98 -4.71 3.58
N GLN A 25 -6.72 -3.50 3.95
CA GLN A 25 -7.67 -2.77 4.84
C GLN A 25 -7.85 -1.33 4.34
N PRO A 26 -9.05 -0.81 4.49
CA PRO A 26 -9.35 0.58 4.05
C PRO A 26 -8.50 1.59 4.83
N HIS A 27 -7.57 2.23 4.17
CA HIS A 27 -6.72 3.23 4.86
C HIS A 27 -6.16 4.25 3.86
N THR A 28 -5.12 4.95 4.21
CA THR A 28 -4.55 5.95 3.27
C THR A 28 -3.02 5.87 3.25
N SER A 29 -2.43 5.88 2.09
CA SER A 29 -0.94 5.80 2.01
C SER A 29 -0.34 7.20 2.26
N LEU A 30 0.83 7.26 2.82
CA LEU A 30 1.46 8.59 3.09
C LEU A 30 2.99 8.46 3.13
N ALA A 31 3.68 9.53 3.41
CA ALA A 31 5.16 9.46 3.47
C ALA A 31 5.60 8.57 4.63
N GLY A 32 5.53 7.27 4.45
CA GLY A 32 5.95 6.35 5.54
C GLY A 32 5.52 4.92 5.20
N TRP A 33 4.42 4.76 4.51
CA TRP A 33 3.95 3.39 4.16
C TRP A 33 4.62 2.92 2.86
N GLU A 34 5.82 3.33 2.61
CA GLU A 34 6.52 2.90 1.35
C GLU A 34 7.28 1.59 1.58
N PRO A 35 8.04 1.51 2.64
CA PRO A 35 8.82 0.29 2.94
C PRO A 35 7.90 -0.85 3.37
N SER A 36 6.60 -0.61 3.43
CA SER A 36 5.66 -1.67 3.85
C SER A 36 5.99 -2.14 5.27
N ASN A 37 6.07 -1.23 6.20
CA ASN A 37 6.40 -1.63 7.60
C ASN A 37 5.13 -2.05 8.35
N VAL A 38 4.08 -2.34 7.62
CA VAL A 38 2.81 -2.76 8.29
C VAL A 38 2.20 -3.94 7.53
N PRO A 39 2.74 -5.11 7.76
CA PRO A 39 2.23 -6.33 7.08
C PRO A 39 0.78 -6.61 7.47
N ALA A 40 0.27 -5.90 8.44
CA ALA A 40 -1.15 -6.14 8.87
C ALA A 40 -2.12 -5.56 7.84
N LEU A 41 -1.75 -4.53 7.15
CA LEU A 41 -2.69 -3.94 6.14
C LEU A 41 -2.04 -3.87 4.76
N TRP A 42 -0.75 -4.08 4.67
CA TRP A 42 -0.08 -4.02 3.33
C TRP A 42 0.39 -5.43 2.93
N GLN A 43 -0.41 -6.15 2.20
CA GLN A 43 0.00 -7.51 1.76
C GLN A 43 0.50 -7.45 0.32
N LEU A 44 1.79 -7.62 0.12
CA LEU A 44 2.32 -7.55 -1.27
C LEU A 44 2.46 -8.94 -1.87
N GLN A 45 3.15 -9.04 -2.98
CA GLN A 45 3.31 -10.38 -3.64
C GLN A 45 4.57 -10.39 -4.49
N ALA A 1 0.76 1.81 -10.26
CA ALA A 1 1.72 2.79 -9.70
C ALA A 1 1.22 3.33 -8.36
N TRP A 2 1.72 2.81 -7.27
CA TRP A 2 1.27 3.28 -5.94
C TRP A 2 1.45 4.80 -5.83
N GLN A 3 0.57 5.46 -5.14
CA GLN A 3 0.70 6.94 -4.98
C GLN A 3 0.81 7.31 -3.50
N VAL A 4 1.69 8.22 -3.17
CA VAL A 4 1.84 8.62 -1.74
C VAL A 4 0.69 9.53 -1.32
N ASN A 5 0.25 9.41 -0.10
CA ASN A 5 -0.87 10.27 0.37
C ASN A 5 -2.16 9.93 -0.38
N THR A 6 -2.56 8.69 -0.36
CA THR A 6 -3.81 8.30 -1.08
C THR A 6 -4.61 7.30 -0.25
N ALA A 7 -5.91 7.44 -0.20
CA ALA A 7 -6.74 6.50 0.59
C ALA A 7 -7.02 5.23 -0.22
N TYR A 8 -6.49 4.11 0.19
CA TYR A 8 -6.74 2.85 -0.56
C TYR A 8 -7.79 1.99 0.13
N THR A 9 -8.51 1.18 -0.61
CA THR A 9 -9.55 0.33 0.02
C THR A 9 -9.02 -1.09 0.22
N ALA A 10 -9.67 -1.87 1.05
CA ALA A 10 -9.19 -3.26 1.28
C ALA A 10 -9.15 -4.03 -0.03
N GLY A 11 -8.08 -4.74 -0.29
CA GLY A 11 -7.98 -5.51 -1.55
C GLY A 11 -7.53 -4.59 -2.68
N GLN A 12 -6.77 -3.57 -2.37
CA GLN A 12 -6.31 -2.64 -3.43
C GLN A 12 -5.03 -3.18 -4.07
N LEU A 13 -4.66 -2.65 -5.22
CA LEU A 13 -3.42 -3.14 -5.89
C LEU A 13 -2.50 -1.96 -6.23
N VAL A 14 -1.42 -1.80 -5.51
CA VAL A 14 -0.49 -0.69 -5.81
C VAL A 14 0.88 -1.23 -6.21
N THR A 15 1.73 -0.41 -6.74
CA THR A 15 3.08 -0.89 -7.14
C THR A 15 4.14 0.15 -6.80
N TYR A 16 5.00 -0.14 -5.86
CA TYR A 16 6.07 0.83 -5.50
C TYR A 16 7.21 0.76 -6.50
N ASN A 17 8.33 1.36 -6.20
CA ASN A 17 9.48 1.30 -7.14
C ASN A 17 9.82 -0.15 -7.49
N GLY A 18 9.26 -0.66 -8.55
CA GLY A 18 9.55 -2.08 -8.94
C GLY A 18 9.01 -3.02 -7.87
N LYS A 19 7.86 -2.71 -7.32
CA LYS A 19 7.27 -3.59 -6.28
C LYS A 19 5.76 -3.70 -6.46
N THR A 20 5.18 -4.82 -6.10
CA THR A 20 3.70 -4.97 -6.24
C THR A 20 3.08 -5.25 -4.88
N TYR A 21 2.24 -4.37 -4.39
CA TYR A 21 1.63 -4.59 -3.05
C TYR A 21 0.12 -4.79 -3.18
N LYS A 22 -0.52 -5.22 -2.12
CA LYS A 22 -1.98 -5.44 -2.16
C LYS A 22 -2.63 -4.92 -0.86
N CYS A 23 -3.25 -3.78 -0.91
CA CYS A 23 -3.90 -3.24 0.33
C CYS A 23 -4.94 -4.24 0.85
N LEU A 24 -5.07 -4.34 2.14
CA LEU A 24 -6.05 -5.29 2.72
C LEU A 24 -7.13 -4.56 3.51
N GLN A 25 -6.88 -3.34 3.90
CA GLN A 25 -7.89 -2.57 4.68
C GLN A 25 -7.99 -1.13 4.16
N PRO A 26 -9.20 -0.61 4.16
CA PRO A 26 -9.42 0.78 3.68
C PRO A 26 -8.69 1.76 4.60
N HIS A 27 -7.49 2.12 4.26
CA HIS A 27 -6.72 3.08 5.12
C HIS A 27 -6.12 4.20 4.26
N THR A 28 -5.20 4.94 4.80
CA THR A 28 -4.58 6.06 4.02
C THR A 28 -3.06 5.92 4.02
N SER A 29 -2.46 5.76 2.88
CA SER A 29 -0.98 5.64 2.82
C SER A 29 -0.35 7.03 2.65
N LEU A 30 0.74 7.28 3.32
CA LEU A 30 1.38 8.62 3.20
C LEU A 30 2.90 8.50 3.08
N ALA A 31 3.61 9.58 3.21
CA ALA A 31 5.10 9.53 3.10
C ALA A 31 5.69 8.73 4.26
N GLY A 32 5.70 7.43 4.17
CA GLY A 32 6.26 6.60 5.26
C GLY A 32 5.82 5.16 5.09
N TRP A 33 4.66 4.94 4.54
CA TRP A 33 4.16 3.55 4.34
C TRP A 33 4.67 2.98 3.00
N GLU A 34 5.85 3.38 2.59
CA GLU A 34 6.39 2.87 1.31
C GLU A 34 7.14 1.53 1.52
N PRO A 35 7.96 1.47 2.54
CA PRO A 35 8.71 0.23 2.82
C PRO A 35 7.76 -0.87 3.30
N SER A 36 6.51 -0.52 3.50
CA SER A 36 5.52 -1.54 3.96
C SER A 36 5.83 -1.95 5.40
N ASN A 37 5.89 -0.99 6.30
CA ASN A 37 6.20 -1.32 7.72
C ASN A 37 4.95 -1.87 8.43
N VAL A 38 3.88 -2.07 7.71
CA VAL A 38 2.64 -2.59 8.37
C VAL A 38 1.99 -3.67 7.50
N PRO A 39 2.50 -4.88 7.60
CA PRO A 39 1.96 -6.01 6.81
C PRO A 39 0.49 -6.25 7.17
N ALA A 40 0.06 -5.80 8.31
CA ALA A 40 -1.37 -6.00 8.72
C ALA A 40 -2.30 -5.58 7.59
N LEU A 41 -1.96 -4.53 6.90
CA LEU A 41 -2.84 -4.06 5.78
C LEU A 41 -2.06 -4.02 4.47
N TRP A 42 -0.75 -4.13 4.54
CA TRP A 42 0.06 -4.10 3.29
C TRP A 42 0.51 -5.52 2.92
N GLN A 43 -0.14 -6.14 1.98
CA GLN A 43 0.27 -7.52 1.58
C GLN A 43 1.09 -7.48 0.29
N LEU A 44 2.39 -7.52 0.42
CA LEU A 44 3.25 -7.48 -0.80
C LEU A 44 3.22 -8.84 -1.50
N GLN A 45 3.58 -8.87 -2.77
CA GLN A 45 3.57 -10.16 -3.50
C GLN A 45 4.85 -10.32 -4.33
N ALA A 1 -0.40 2.35 -9.76
CA ALA A 1 0.78 2.24 -8.85
C ALA A 1 0.49 2.92 -7.52
N TRP A 2 1.35 2.75 -6.54
CA TRP A 2 1.12 3.39 -5.22
C TRP A 2 1.44 4.88 -5.29
N GLN A 3 0.87 5.67 -4.43
CA GLN A 3 1.15 7.14 -4.44
C GLN A 3 0.97 7.72 -3.03
N VAL A 4 2.00 8.26 -2.47
CA VAL A 4 1.89 8.84 -1.10
C VAL A 4 0.69 9.79 -1.03
N ASN A 5 0.08 9.91 0.12
CA ASN A 5 -1.09 10.81 0.25
C ASN A 5 -2.22 10.37 -0.68
N THR A 6 -2.59 9.12 -0.62
CA THR A 6 -3.68 8.62 -1.51
C THR A 6 -4.60 7.65 -0.75
N ALA A 7 -5.88 7.75 -0.97
CA ALA A 7 -6.83 6.84 -0.26
C ALA A 7 -6.83 5.44 -0.90
N TYR A 8 -6.94 4.42 -0.11
CA TYR A 8 -6.95 3.03 -0.68
C TYR A 8 -8.01 2.18 0.01
N THR A 9 -8.59 1.25 -0.71
CA THR A 9 -9.63 0.38 -0.09
C THR A 9 -9.03 -0.97 0.32
N ALA A 10 -9.81 -1.83 0.91
CA ALA A 10 -9.28 -3.15 1.33
C ALA A 10 -9.24 -4.12 0.15
N GLY A 11 -8.15 -4.79 -0.07
CA GLY A 11 -8.06 -5.73 -1.20
C GLY A 11 -7.65 -4.98 -2.47
N GLN A 12 -6.95 -3.89 -2.33
CA GLN A 12 -6.51 -3.13 -3.53
C GLN A 12 -5.16 -3.65 -4.02
N LEU A 13 -4.61 -3.07 -5.05
CA LEU A 13 -3.30 -3.54 -5.56
C LEU A 13 -2.43 -2.37 -6.03
N VAL A 14 -1.52 -1.93 -5.21
CA VAL A 14 -0.63 -0.81 -5.60
C VAL A 14 0.78 -1.35 -5.89
N THR A 15 1.67 -0.51 -6.36
CA THR A 15 3.05 -1.00 -6.65
C THR A 15 4.08 0.04 -6.22
N TYR A 16 5.05 -0.35 -5.42
CA TYR A 16 6.08 0.63 -4.96
C TYR A 16 7.31 0.57 -5.87
N ASN A 17 7.34 1.39 -6.88
CA ASN A 17 8.51 1.41 -7.81
C ASN A 17 8.94 -0.03 -8.15
N GLY A 18 8.33 -0.64 -9.13
CA GLY A 18 8.72 -2.02 -9.52
C GLY A 18 8.30 -3.01 -8.42
N LYS A 19 7.64 -2.54 -7.40
CA LYS A 19 7.22 -3.48 -6.31
C LYS A 19 5.73 -3.80 -6.43
N THR A 20 5.36 -5.02 -6.14
CA THR A 20 3.93 -5.40 -6.23
C THR A 20 3.32 -5.50 -4.82
N TYR A 21 2.38 -4.65 -4.52
CA TYR A 21 1.76 -4.69 -3.15
C TYR A 21 0.24 -4.62 -3.26
N LYS A 22 -0.44 -4.96 -2.19
CA LYS A 22 -1.94 -4.92 -2.19
C LYS A 22 -2.45 -4.39 -0.84
N CYS A 23 -3.49 -3.62 -0.84
CA CYS A 23 -4.03 -3.09 0.45
C CYS A 23 -5.02 -4.10 1.05
N LEU A 24 -5.05 -4.22 2.35
CA LEU A 24 -5.99 -5.18 2.99
C LEU A 24 -7.09 -4.41 3.74
N GLN A 25 -6.84 -3.19 4.10
CA GLN A 25 -7.87 -2.40 4.83
C GLN A 25 -7.99 -0.99 4.23
N PRO A 26 -9.21 -0.48 4.19
CA PRO A 26 -9.44 0.87 3.63
C PRO A 26 -8.71 1.93 4.46
N HIS A 27 -7.58 2.39 4.01
CA HIS A 27 -6.82 3.42 4.76
C HIS A 27 -6.23 4.45 3.81
N THR A 28 -5.42 5.34 4.31
CA THR A 28 -4.82 6.37 3.42
C THR A 28 -3.29 6.24 3.42
N SER A 29 -2.69 6.04 2.27
CA SER A 29 -1.21 5.90 2.20
C SER A 29 -0.56 7.26 2.46
N LEU A 30 0.57 7.28 3.12
CA LEU A 30 1.24 8.58 3.40
C LEU A 30 2.77 8.40 3.40
N ALA A 31 3.49 9.45 3.69
CA ALA A 31 4.98 9.35 3.71
C ALA A 31 5.43 8.40 4.82
N GLY A 32 5.25 7.12 4.63
CA GLY A 32 5.66 6.14 5.67
C GLY A 32 5.27 4.74 5.23
N TRP A 33 4.16 4.61 4.53
CA TRP A 33 3.72 3.27 4.08
C TRP A 33 4.38 2.91 2.74
N GLU A 34 5.58 3.35 2.52
CA GLU A 34 6.26 3.05 1.23
C GLU A 34 7.04 1.73 1.34
N PRO A 35 7.82 1.59 2.39
CA PRO A 35 8.61 0.36 2.58
C PRO A 35 7.69 -0.81 2.94
N SER A 36 6.43 -0.53 3.11
CA SER A 36 5.47 -1.61 3.47
C SER A 36 5.94 -2.29 4.75
N ASN A 37 6.32 -1.52 5.73
CA ASN A 37 6.80 -2.12 7.01
C ASN A 37 5.60 -2.52 7.88
N VAL A 38 4.42 -2.41 7.34
CA VAL A 38 3.20 -2.78 8.12
C VAL A 38 2.41 -3.86 7.38
N PRO A 39 2.85 -5.10 7.52
CA PRO A 39 2.17 -6.22 6.84
C PRO A 39 0.73 -6.34 7.32
N ALA A 40 0.39 -5.70 8.40
CA ALA A 40 -1.00 -5.78 8.93
C ALA A 40 -1.99 -5.29 7.87
N LEU A 41 -1.57 -4.44 6.98
CA LEU A 41 -2.51 -3.94 5.94
C LEU A 41 -1.79 -3.80 4.58
N TRP A 42 -0.56 -4.21 4.50
CA TRP A 42 0.18 -4.10 3.20
C TRP A 42 0.82 -5.44 2.84
N GLN A 43 0.13 -6.25 2.07
CA GLN A 43 0.71 -7.57 1.67
C GLN A 43 1.25 -7.48 0.24
N LEU A 44 2.42 -8.00 0.00
CA LEU A 44 2.99 -7.91 -1.37
C LEU A 44 3.12 -9.31 -2.00
N GLN A 45 3.74 -9.38 -3.14
CA GLN A 45 3.90 -10.71 -3.81
C GLN A 45 5.04 -10.65 -4.83
N ALA A 1 0.66 3.00 -10.10
CA ALA A 1 1.43 2.34 -8.99
C ALA A 1 1.02 2.94 -7.65
N TRP A 2 1.80 2.72 -6.63
CA TRP A 2 1.44 3.28 -5.29
C TRP A 2 1.44 4.80 -5.34
N GLN A 3 0.48 5.42 -4.71
CA GLN A 3 0.42 6.92 -4.72
C GLN A 3 0.44 7.46 -3.29
N VAL A 4 1.46 8.18 -2.93
CA VAL A 4 1.53 8.73 -1.55
C VAL A 4 0.31 9.62 -1.26
N ASN A 5 -0.05 9.78 -0.02
CA ASN A 5 -1.22 10.63 0.32
C ASN A 5 -2.41 10.23 -0.56
N THR A 6 -2.88 9.03 -0.43
CA THR A 6 -4.04 8.58 -1.26
C THR A 6 -5.00 7.72 -0.44
N ALA A 7 -6.23 7.63 -0.86
CA ALA A 7 -7.21 6.80 -0.10
C ALA A 7 -7.36 5.43 -0.76
N TYR A 8 -6.94 4.39 -0.09
CA TYR A 8 -7.06 3.03 -0.68
C TYR A 8 -8.05 2.18 0.14
N THR A 9 -8.88 1.42 -0.51
CA THR A 9 -9.86 0.57 0.23
C THR A 9 -9.36 -0.87 0.30
N ALA A 10 -9.69 -1.58 1.35
CA ALA A 10 -9.23 -2.99 1.47
C ALA A 10 -9.38 -3.71 0.12
N GLY A 11 -8.37 -4.42 -0.29
CA GLY A 11 -8.44 -5.15 -1.58
C GLY A 11 -7.88 -4.28 -2.71
N GLN A 12 -7.07 -3.31 -2.37
CA GLN A 12 -6.48 -2.43 -3.43
C GLN A 12 -5.19 -3.04 -3.95
N LEU A 13 -4.55 -2.38 -4.88
CA LEU A 13 -3.27 -2.94 -5.44
C LEU A 13 -2.32 -1.80 -5.82
N VAL A 14 -1.19 -1.73 -5.17
CA VAL A 14 -0.21 -0.66 -5.49
C VAL A 14 1.15 -1.29 -5.82
N THR A 15 2.07 -0.52 -6.33
CA THR A 15 3.41 -1.08 -6.67
C THR A 15 4.51 -0.09 -6.31
N TYR A 16 5.35 -0.42 -5.37
CA TYR A 16 6.45 0.51 -4.98
C TYR A 16 7.66 0.30 -5.89
N ASN A 17 8.81 0.75 -5.48
CA ASN A 17 10.04 0.57 -6.33
C ASN A 17 10.09 -0.86 -6.85
N GLY A 18 9.57 -1.10 -8.03
CA GLY A 18 9.59 -2.47 -8.59
C GLY A 18 9.05 -3.45 -7.56
N LYS A 19 8.11 -3.02 -6.77
CA LYS A 19 7.53 -3.93 -5.72
C LYS A 19 6.02 -4.08 -5.94
N THR A 20 5.51 -5.26 -5.74
CA THR A 20 4.04 -5.48 -5.93
C THR A 20 3.35 -5.55 -4.56
N TYR A 21 2.44 -4.66 -4.29
CA TYR A 21 1.74 -4.67 -2.98
C TYR A 21 0.22 -4.57 -3.15
N LYS A 22 -0.51 -4.94 -2.15
CA LYS A 22 -2.00 -4.86 -2.24
C LYS A 22 -2.57 -4.39 -0.91
N CYS A 23 -3.54 -3.52 -0.93
CA CYS A 23 -4.12 -3.01 0.35
C CYS A 23 -5.13 -4.03 0.92
N LEU A 24 -5.04 -4.31 2.19
CA LEU A 24 -5.99 -5.28 2.81
C LEU A 24 -7.03 -4.53 3.65
N GLN A 25 -6.72 -3.33 4.05
CA GLN A 25 -7.69 -2.56 4.89
C GLN A 25 -7.81 -1.13 4.34
N PRO A 26 -9.00 -0.59 4.39
CA PRO A 26 -9.26 0.79 3.89
C PRO A 26 -8.42 1.80 4.65
N HIS A 27 -7.26 2.16 4.15
CA HIS A 27 -6.40 3.15 4.85
C HIS A 27 -5.82 4.14 3.84
N THR A 28 -5.33 5.25 4.32
CA THR A 28 -4.75 6.26 3.38
C THR A 28 -3.22 6.17 3.37
N SER A 29 -2.63 6.08 2.20
CA SER A 29 -1.14 5.98 2.12
C SER A 29 -0.52 7.36 2.38
N LEU A 30 0.68 7.38 2.90
CA LEU A 30 1.35 8.69 3.18
C LEU A 30 2.87 8.53 3.13
N ALA A 31 3.59 9.60 3.34
CA ALA A 31 5.08 9.52 3.32
C ALA A 31 5.57 8.64 4.46
N GLY A 32 5.33 7.35 4.38
CA GLY A 32 5.79 6.43 5.46
C GLY A 32 5.41 5.00 5.09
N TRP A 33 4.32 4.82 4.42
CA TRP A 33 3.90 3.44 4.03
C TRP A 33 4.54 3.06 2.69
N GLU A 34 5.74 3.50 2.45
CA GLU A 34 6.41 3.16 1.15
C GLU A 34 7.21 1.85 1.30
N PRO A 35 8.00 1.75 2.34
CA PRO A 35 8.80 0.52 2.57
C PRO A 35 7.89 -0.62 3.01
N SER A 36 6.62 -0.34 3.22
CA SER A 36 5.67 -1.40 3.65
C SER A 36 6.07 -1.93 5.03
N ASN A 37 6.06 -1.09 6.03
CA ASN A 37 6.45 -1.55 7.39
C ASN A 37 5.24 -2.15 8.12
N VAL A 38 4.17 -2.43 7.41
CA VAL A 38 2.97 -3.00 8.08
C VAL A 38 2.34 -4.08 7.19
N PRO A 39 2.95 -5.25 7.20
CA PRO A 39 2.43 -6.38 6.40
C PRO A 39 1.01 -6.76 6.85
N ALA A 40 0.65 -6.38 8.04
CA ALA A 40 -0.72 -6.72 8.54
C ALA A 40 -1.78 -6.20 7.57
N LEU A 41 -1.60 -5.03 7.04
CA LEU A 41 -2.60 -4.47 6.09
C LEU A 41 -1.99 -4.34 4.68
N TRP A 42 -0.69 -4.44 4.59
CA TRP A 42 -0.03 -4.34 3.25
C TRP A 42 0.45 -5.73 2.81
N GLN A 43 -0.30 -6.39 1.97
CA GLN A 43 0.12 -7.75 1.52
C GLN A 43 0.80 -7.67 0.15
N LEU A 44 2.07 -7.96 0.08
CA LEU A 44 2.78 -7.88 -1.23
C LEU A 44 3.05 -9.30 -1.76
N GLN A 45 3.78 -9.40 -2.85
CA GLN A 45 4.07 -10.74 -3.43
C GLN A 45 5.30 -10.66 -4.34
N ALA A 1 0.52 3.33 -10.47
CA ALA A 1 1.29 2.68 -9.37
C ALA A 1 0.89 3.28 -8.02
N TRP A 2 1.54 2.88 -6.96
CA TRP A 2 1.19 3.42 -5.63
C TRP A 2 1.49 4.92 -5.56
N GLN A 3 0.82 5.64 -4.71
CA GLN A 3 1.09 7.11 -4.60
C GLN A 3 1.06 7.54 -3.13
N VAL A 4 1.68 8.65 -2.82
CA VAL A 4 1.70 9.11 -1.40
C VAL A 4 0.50 10.01 -1.12
N ASN A 5 0.00 9.99 0.08
CA ASN A 5 -1.17 10.85 0.44
C ASN A 5 -2.39 10.44 -0.41
N THR A 6 -2.72 9.18 -0.42
CA THR A 6 -3.90 8.73 -1.22
C THR A 6 -4.79 7.81 -0.39
N ALA A 7 -6.02 7.63 -0.79
CA ALA A 7 -6.94 6.75 -0.03
C ALA A 7 -7.08 5.40 -0.74
N TYR A 8 -6.94 4.31 -0.02
CA TYR A 8 -7.05 2.97 -0.65
C TYR A 8 -8.09 2.13 0.09
N THR A 9 -8.72 1.20 -0.59
CA THR A 9 -9.73 0.33 0.07
C THR A 9 -9.14 -1.06 0.33
N ALA A 10 -9.85 -1.89 1.03
CA ALA A 10 -9.33 -3.26 1.32
C ALA A 10 -9.33 -4.11 0.04
N GLY A 11 -8.21 -4.69 -0.30
CA GLY A 11 -8.16 -5.54 -1.54
C GLY A 11 -7.68 -4.70 -2.72
N GLN A 12 -6.90 -3.69 -2.46
CA GLN A 12 -6.40 -2.83 -3.57
C GLN A 12 -5.06 -3.36 -4.09
N LEU A 13 -4.57 -2.81 -5.17
CA LEU A 13 -3.27 -3.26 -5.72
C LEU A 13 -2.37 -2.05 -6.04
N VAL A 14 -1.26 -1.92 -5.37
CA VAL A 14 -0.37 -0.76 -5.64
C VAL A 14 1.03 -1.24 -6.03
N THR A 15 1.83 -0.37 -6.59
CA THR A 15 3.21 -0.77 -6.99
C THR A 15 4.20 0.35 -6.68
N TYR A 16 5.21 0.09 -5.90
CA TYR A 16 6.20 1.15 -5.58
C TYR A 16 7.36 1.11 -6.57
N ASN A 17 7.13 1.54 -7.78
CA ASN A 17 8.22 1.54 -8.81
C ASN A 17 9.10 0.29 -8.67
N GLY A 18 8.68 -0.82 -9.20
CA GLY A 18 9.49 -2.05 -9.10
C GLY A 18 8.85 -3.03 -8.11
N LYS A 19 8.24 -2.52 -7.08
CA LYS A 19 7.59 -3.43 -6.09
C LYS A 19 6.08 -3.46 -6.28
N THR A 20 5.42 -4.47 -5.77
CA THR A 20 3.94 -4.56 -5.93
C THR A 20 3.31 -5.04 -4.61
N TYR A 21 2.37 -4.30 -4.09
CA TYR A 21 1.72 -4.72 -2.81
C TYR A 21 0.21 -4.88 -2.99
N LYS A 22 -0.48 -5.22 -1.94
CA LYS A 22 -1.95 -5.40 -2.05
C LYS A 22 -2.65 -4.84 -0.81
N CYS A 23 -3.40 -3.79 -0.94
CA CYS A 23 -4.11 -3.22 0.23
C CYS A 23 -5.07 -4.25 0.82
N LEU A 24 -5.06 -4.43 2.11
CA LEU A 24 -5.97 -5.43 2.74
C LEU A 24 -7.06 -4.73 3.54
N GLN A 25 -6.86 -3.49 3.89
CA GLN A 25 -7.88 -2.76 4.69
C GLN A 25 -7.94 -1.29 4.27
N PRO A 26 -9.11 -0.70 4.39
CA PRO A 26 -9.30 0.72 4.02
C PRO A 26 -8.35 1.62 4.83
N HIS A 27 -7.32 2.12 4.19
CA HIS A 27 -6.37 3.00 4.92
C HIS A 27 -5.82 4.08 3.98
N THR A 28 -5.15 5.07 4.52
CA THR A 28 -4.60 6.16 3.65
C THR A 28 -3.08 6.02 3.54
N SER A 29 -2.57 5.99 2.34
CA SER A 29 -1.10 5.86 2.15
C SER A 29 -0.42 7.22 2.38
N LEU A 30 0.76 7.22 2.93
CA LEU A 30 1.45 8.52 3.17
C LEU A 30 2.97 8.36 3.01
N ALA A 31 3.70 9.45 3.03
CA ALA A 31 5.17 9.37 2.87
C ALA A 31 5.79 8.59 4.03
N GLY A 32 5.65 7.29 4.02
CA GLY A 32 6.23 6.48 5.12
C GLY A 32 5.80 5.01 4.95
N TRP A 33 4.63 4.80 4.42
CA TRP A 33 4.15 3.40 4.22
C TRP A 33 4.60 2.90 2.85
N GLU A 34 5.79 3.23 2.43
CA GLU A 34 6.28 2.78 1.11
C GLU A 34 6.98 1.41 1.23
N PRO A 35 7.85 1.28 2.20
CA PRO A 35 8.57 -0.01 2.40
C PRO A 35 7.60 -1.08 2.91
N SER A 36 6.37 -0.73 3.15
CA SER A 36 5.38 -1.73 3.65
C SER A 36 5.82 -2.22 5.03
N ASN A 37 5.98 -1.33 5.97
CA ASN A 37 6.41 -1.73 7.34
C ASN A 37 5.22 -2.21 8.17
N VAL A 38 4.10 -2.47 7.54
CA VAL A 38 2.91 -2.94 8.31
C VAL A 38 2.16 -4.03 7.53
N PRO A 39 2.64 -5.24 7.65
CA PRO A 39 2.00 -6.39 6.95
C PRO A 39 0.56 -6.56 7.42
N ALA A 40 0.19 -5.91 8.48
CA ALA A 40 -1.20 -6.03 8.99
C ALA A 40 -2.21 -5.60 7.92
N LEU A 41 -1.90 -4.58 7.19
CA LEU A 41 -2.85 -4.11 6.12
C LEU A 41 -2.14 -4.09 4.76
N TRP A 42 -0.85 -4.24 4.75
CA TRP A 42 -0.12 -4.24 3.46
C TRP A 42 0.30 -5.67 3.08
N GLN A 43 -0.34 -6.24 2.09
CA GLN A 43 0.02 -7.63 1.68
C GLN A 43 0.92 -7.59 0.45
N LEU A 44 2.21 -7.61 0.65
CA LEU A 44 3.15 -7.57 -0.51
C LEU A 44 3.08 -8.89 -1.30
N GLN A 45 3.40 -8.84 -2.57
CA GLN A 45 3.36 -10.08 -3.39
C GLN A 45 4.77 -10.45 -3.85
N ALA A 1 0.48 1.97 -10.08
CA ALA A 1 1.53 2.84 -9.46
C ALA A 1 1.04 3.37 -8.12
N TRP A 2 1.55 2.84 -7.04
CA TRP A 2 1.10 3.32 -5.70
C TRP A 2 1.36 4.83 -5.57
N GLN A 3 0.40 5.57 -5.13
CA GLN A 3 0.59 7.04 -4.99
C GLN A 3 0.71 7.43 -3.51
N VAL A 4 1.55 8.38 -3.20
CA VAL A 4 1.71 8.80 -1.78
C VAL A 4 0.57 9.73 -1.38
N ASN A 5 0.25 9.78 -0.11
CA ASN A 5 -0.86 10.66 0.35
C ASN A 5 -2.15 10.32 -0.43
N THR A 6 -2.55 9.08 -0.39
CA THR A 6 -3.79 8.69 -1.13
C THR A 6 -4.61 7.71 -0.29
N ALA A 7 -5.90 7.65 -0.53
CA ALA A 7 -6.76 6.71 0.25
C ALA A 7 -7.01 5.43 -0.55
N TYR A 8 -6.65 4.30 0.00
CA TYR A 8 -6.87 3.03 -0.74
C TYR A 8 -7.93 2.17 -0.04
N THR A 9 -8.42 1.15 -0.68
CA THR A 9 -9.45 0.28 -0.05
C THR A 9 -8.83 -1.06 0.37
N ALA A 10 -9.64 -1.98 0.81
CA ALA A 10 -9.10 -3.31 1.24
C ALA A 10 -8.86 -4.21 0.02
N GLY A 11 -7.90 -5.09 0.11
CA GLY A 11 -7.61 -6.01 -1.03
C GLY A 11 -7.34 -5.19 -2.29
N GLN A 12 -6.72 -4.05 -2.14
CA GLN A 12 -6.43 -3.20 -3.33
C GLN A 12 -5.11 -3.64 -3.98
N LEU A 13 -4.76 -3.05 -5.09
CA LEU A 13 -3.48 -3.44 -5.77
C LEU A 13 -2.67 -2.19 -6.11
N VAL A 14 -1.50 -2.07 -5.57
CA VAL A 14 -0.65 -0.87 -5.86
C VAL A 14 0.77 -1.31 -6.25
N THR A 15 1.61 -0.39 -6.59
CA THR A 15 3.01 -0.75 -6.97
C THR A 15 4.00 0.27 -6.41
N TYR A 16 4.93 -0.15 -5.59
CA TYR A 16 5.90 0.81 -5.01
C TYR A 16 7.20 0.84 -5.83
N ASN A 17 7.28 1.72 -6.79
CA ASN A 17 8.51 1.82 -7.62
C ASN A 17 9.06 0.44 -7.97
N GLY A 18 8.59 -0.16 -9.03
CA GLY A 18 9.09 -1.50 -9.43
C GLY A 18 8.59 -2.57 -8.45
N LYS A 19 7.81 -2.20 -7.48
CA LYS A 19 7.30 -3.22 -6.51
C LYS A 19 5.80 -3.39 -6.67
N THR A 20 5.28 -4.51 -6.24
CA THR A 20 3.82 -4.75 -6.36
C THR A 20 3.24 -5.08 -4.98
N TYR A 21 2.26 -4.34 -4.55
CA TYR A 21 1.66 -4.61 -3.20
C TYR A 21 0.15 -4.81 -3.32
N LYS A 22 -0.48 -5.23 -2.26
CA LYS A 22 -1.94 -5.45 -2.29
C LYS A 22 -2.59 -4.98 -0.98
N CYS A 23 -3.22 -3.84 -1.01
CA CYS A 23 -3.87 -3.32 0.24
C CYS A 23 -4.77 -4.40 0.85
N LEU A 24 -4.89 -4.42 2.15
CA LEU A 24 -5.76 -5.43 2.80
C LEU A 24 -6.88 -4.74 3.60
N GLN A 25 -6.82 -3.45 3.72
CA GLN A 25 -7.88 -2.73 4.47
C GLN A 25 -7.90 -1.24 4.09
N PRO A 26 -9.05 -0.63 4.25
CA PRO A 26 -9.21 0.80 3.91
C PRO A 26 -8.26 1.67 4.75
N HIS A 27 -7.34 2.35 4.13
CA HIS A 27 -6.40 3.21 4.90
C HIS A 27 -5.81 4.30 4.00
N THR A 28 -5.01 5.18 4.55
CA THR A 28 -4.42 6.26 3.72
C THR A 28 -2.90 6.13 3.66
N SER A 29 -2.34 6.00 2.48
CA SER A 29 -0.87 5.87 2.36
C SER A 29 -0.20 7.25 2.48
N LEU A 30 0.94 7.32 3.10
CA LEU A 30 1.63 8.64 3.24
C LEU A 30 3.14 8.44 3.27
N ALA A 31 3.87 9.51 3.45
CA ALA A 31 5.36 9.40 3.48
C ALA A 31 5.80 8.49 4.63
N GLY A 32 5.84 7.21 4.41
CA GLY A 32 6.26 6.27 5.48
C GLY A 32 5.73 4.87 5.18
N TRP A 33 4.55 4.77 4.62
CA TRP A 33 4.00 3.42 4.31
C TRP A 33 4.49 2.93 2.95
N GLU A 34 5.68 3.30 2.55
CA GLU A 34 6.20 2.84 1.23
C GLU A 34 6.90 1.48 1.36
N PRO A 35 7.77 1.35 2.34
CA PRO A 35 8.48 0.08 2.55
C PRO A 35 7.52 -0.99 3.07
N SER A 36 6.29 -0.62 3.34
CA SER A 36 5.30 -1.61 3.86
C SER A 36 5.67 -2.07 5.27
N ASN A 37 5.74 -1.15 6.20
CA ASN A 37 6.11 -1.53 7.59
C ASN A 37 4.89 -2.08 8.34
N VAL A 38 3.76 -2.16 7.70
CA VAL A 38 2.54 -2.69 8.39
C VAL A 38 1.88 -3.79 7.55
N PRO A 39 2.40 -4.99 7.68
CA PRO A 39 1.86 -6.14 6.91
C PRO A 39 0.37 -6.35 7.25
N ALA A 40 -0.04 -5.95 8.42
CA ALA A 40 -1.47 -6.14 8.81
C ALA A 40 -2.40 -5.60 7.72
N LEU A 41 -2.06 -4.48 7.13
CA LEU A 41 -2.93 -3.91 6.07
C LEU A 41 -2.17 -3.78 4.74
N TRP A 42 -0.88 -3.94 4.76
CA TRP A 42 -0.09 -3.83 3.50
C TRP A 42 0.45 -5.20 3.09
N GLN A 43 -0.09 -5.78 2.06
CA GLN A 43 0.40 -7.12 1.62
C GLN A 43 1.36 -6.96 0.43
N LEU A 44 2.22 -7.91 0.22
CA LEU A 44 3.18 -7.80 -0.92
C LEU A 44 3.13 -9.05 -1.78
N GLN A 45 3.48 -8.93 -3.04
CA GLN A 45 3.46 -10.12 -3.94
C GLN A 45 4.50 -9.97 -5.04
N ALA A 1 -0.46 2.89 -9.92
CA ALA A 1 0.44 2.26 -8.92
C ALA A 1 0.24 2.90 -7.55
N TRP A 2 1.16 2.71 -6.64
CA TRP A 2 1.02 3.31 -5.29
C TRP A 2 1.29 4.82 -5.34
N GLN A 3 0.55 5.59 -4.59
CA GLN A 3 0.77 7.06 -4.60
C GLN A 3 0.65 7.62 -3.18
N VAL A 4 1.49 8.56 -2.83
CA VAL A 4 1.43 9.15 -1.46
C VAL A 4 0.17 10.02 -1.33
N ASN A 5 -0.20 10.36 -0.12
CA ASN A 5 -1.41 11.20 0.07
C ASN A 5 -2.58 10.62 -0.74
N THR A 6 -2.76 9.33 -0.68
CA THR A 6 -3.88 8.70 -1.45
C THR A 6 -4.56 7.63 -0.61
N ALA A 7 -5.85 7.76 -0.39
CA ALA A 7 -6.58 6.75 0.42
C ALA A 7 -6.79 5.47 -0.40
N TYR A 8 -6.59 4.33 0.20
CA TYR A 8 -6.78 3.05 -0.55
C TYR A 8 -7.82 2.18 0.16
N THR A 9 -8.35 1.20 -0.53
CA THR A 9 -9.37 0.32 0.11
C THR A 9 -8.78 -1.06 0.41
N ALA A 10 -9.60 -1.99 0.80
CA ALA A 10 -9.07 -3.36 1.11
C ALA A 10 -8.93 -4.18 -0.18
N GLY A 11 -8.10 -5.17 -0.18
CA GLY A 11 -7.93 -6.01 -1.40
C GLY A 11 -7.56 -5.12 -2.59
N GLN A 12 -7.02 -3.96 -2.33
CA GLN A 12 -6.64 -3.04 -3.45
C GLN A 12 -5.30 -3.48 -4.05
N LEU A 13 -4.92 -2.89 -5.15
CA LEU A 13 -3.63 -3.29 -5.79
C LEU A 13 -2.76 -2.06 -6.05
N VAL A 14 -1.55 -2.06 -5.59
CA VAL A 14 -0.66 -0.87 -5.80
C VAL A 14 0.76 -1.35 -6.13
N THR A 15 1.58 -0.50 -6.68
CA THR A 15 2.97 -0.91 -7.00
C THR A 15 3.94 0.22 -6.69
N TYR A 16 4.88 -0.01 -5.81
CA TYR A 16 5.85 1.07 -5.46
C TYR A 16 6.94 1.17 -6.53
N ASN A 17 6.72 1.97 -7.54
CA ASN A 17 7.74 2.12 -8.63
C ASN A 17 7.90 0.78 -9.37
N GLY A 18 8.48 -0.19 -8.72
CA GLY A 18 8.67 -1.51 -9.38
C GLY A 18 8.32 -2.62 -8.38
N LYS A 19 7.70 -2.27 -7.30
CA LYS A 19 7.33 -3.29 -6.28
C LYS A 19 5.83 -3.64 -6.39
N THR A 20 5.48 -4.87 -6.11
CA THR A 20 4.05 -5.27 -6.19
C THR A 20 3.44 -5.26 -4.79
N TYR A 21 2.29 -4.66 -4.62
CA TYR A 21 1.67 -4.62 -3.27
C TYR A 21 0.15 -4.70 -3.36
N LYS A 22 -0.49 -5.13 -2.30
CA LYS A 22 -1.98 -5.24 -2.32
C LYS A 22 -2.53 -4.79 -0.95
N CYS A 23 -3.34 -3.77 -0.94
CA CYS A 23 -3.90 -3.28 0.34
C CYS A 23 -4.93 -4.27 0.89
N LEU A 24 -4.99 -4.43 2.19
CA LEU A 24 -5.97 -5.37 2.79
C LEU A 24 -7.08 -4.60 3.51
N GLN A 25 -6.76 -3.45 4.03
CA GLN A 25 -7.81 -2.64 4.74
C GLN A 25 -7.80 -1.20 4.22
N PRO A 26 -8.98 -0.62 4.11
CA PRO A 26 -9.10 0.77 3.62
C PRO A 26 -8.36 1.75 4.53
N HIS A 27 -7.25 2.26 4.09
CA HIS A 27 -6.48 3.22 4.93
C HIS A 27 -5.94 4.37 4.06
N THR A 28 -4.92 5.04 4.51
CA THR A 28 -4.37 6.17 3.71
C THR A 28 -2.87 5.98 3.44
N SER A 29 -2.45 6.19 2.23
CA SER A 29 -1.00 6.03 1.90
C SER A 29 -0.29 7.37 2.09
N LEU A 30 0.90 7.35 2.61
CA LEU A 30 1.64 8.63 2.83
C LEU A 30 3.15 8.39 2.88
N ALA A 31 3.93 9.42 3.04
CA ALA A 31 5.41 9.25 3.11
C ALA A 31 5.79 8.45 4.36
N GLY A 32 5.49 7.18 4.35
CA GLY A 32 5.83 6.33 5.54
C GLY A 32 5.42 4.88 5.25
N TRP A 33 4.36 4.70 4.52
CA TRP A 33 3.91 3.31 4.20
C TRP A 33 4.60 2.81 2.93
N GLU A 34 5.85 3.17 2.76
CA GLU A 34 6.59 2.72 1.53
C GLU A 34 7.29 1.38 1.76
N PRO A 35 8.00 1.28 2.86
CA PRO A 35 8.72 0.02 3.17
C PRO A 35 7.73 -1.10 3.52
N SER A 36 6.45 -0.77 3.57
CA SER A 36 5.44 -1.80 3.92
C SER A 36 5.78 -2.41 5.27
N ASN A 37 6.09 -1.60 6.24
CA ASN A 37 6.44 -2.15 7.59
C ASN A 37 5.18 -2.51 8.37
N VAL A 38 4.04 -2.51 7.72
CA VAL A 38 2.78 -2.87 8.45
C VAL A 38 2.00 -3.92 7.64
N PRO A 39 2.41 -5.15 7.77
CA PRO A 39 1.73 -6.27 7.05
C PRO A 39 0.26 -6.37 7.47
N ALA A 40 -0.09 -5.81 8.60
CA ALA A 40 -1.50 -5.88 9.05
C ALA A 40 -2.43 -5.33 7.98
N LEU A 41 -1.96 -4.41 7.18
CA LEU A 41 -2.83 -3.83 6.10
C LEU A 41 -2.07 -3.73 4.78
N TRP A 42 -0.80 -4.05 4.77
CA TRP A 42 -0.02 -3.96 3.50
C TRP A 42 0.55 -5.32 3.11
N GLN A 43 0.19 -5.81 1.96
CA GLN A 43 0.73 -7.12 1.51
C GLN A 43 1.58 -6.92 0.25
N LEU A 44 2.47 -7.82 -0.04
CA LEU A 44 3.30 -7.64 -1.28
C LEU A 44 3.50 -8.99 -1.98
N GLN A 45 3.95 -8.95 -3.21
CA GLN A 45 4.18 -10.21 -3.96
C GLN A 45 5.12 -9.97 -5.14
N ALA A 1 2.37 2.44 -9.37
CA ALA A 1 0.94 2.87 -9.27
C ALA A 1 0.65 3.41 -7.87
N TRP A 2 1.33 2.91 -6.87
CA TRP A 2 1.08 3.41 -5.50
C TRP A 2 1.53 4.87 -5.38
N GLN A 3 0.82 5.67 -4.64
CA GLN A 3 1.22 7.10 -4.50
C GLN A 3 1.09 7.55 -3.05
N VAL A 4 1.85 8.53 -2.65
CA VAL A 4 1.77 9.02 -1.25
C VAL A 4 0.55 9.92 -1.08
N ASN A 5 0.03 10.03 0.12
CA ASN A 5 -1.16 10.89 0.35
C ASN A 5 -2.32 10.43 -0.54
N THR A 6 -2.66 9.17 -0.48
CA THR A 6 -3.78 8.66 -1.32
C THR A 6 -4.62 7.66 -0.52
N ALA A 7 -5.92 7.83 -0.55
CA ALA A 7 -6.80 6.90 0.21
C ALA A 7 -6.95 5.58 -0.55
N TYR A 8 -6.65 4.48 0.08
CA TYR A 8 -6.77 3.16 -0.61
C TYR A 8 -7.84 2.31 0.07
N THR A 9 -8.31 1.29 -0.60
CA THR A 9 -9.36 0.42 0.01
C THR A 9 -8.77 -0.95 0.36
N ALA A 10 -9.59 -1.88 0.76
CA ALA A 10 -9.06 -3.23 1.12
C ALA A 10 -8.89 -4.09 -0.13
N GLY A 11 -8.10 -5.13 -0.06
CA GLY A 11 -7.90 -6.00 -1.25
C GLY A 11 -7.55 -5.16 -2.46
N GLN A 12 -6.94 -4.02 -2.26
CA GLN A 12 -6.57 -3.15 -3.42
C GLN A 12 -5.24 -3.62 -4.01
N LEU A 13 -4.82 -3.00 -5.08
CA LEU A 13 -3.53 -3.41 -5.71
C LEU A 13 -2.70 -2.18 -6.12
N VAL A 14 -1.61 -1.96 -5.45
CA VAL A 14 -0.75 -0.78 -5.79
C VAL A 14 0.65 -1.28 -6.18
N THR A 15 1.50 -0.40 -6.64
CA THR A 15 2.87 -0.86 -7.02
C THR A 15 3.91 0.18 -6.58
N TYR A 16 4.85 -0.22 -5.76
CA TYR A 16 5.90 0.74 -5.30
C TYR A 16 7.11 0.69 -6.23
N ASN A 17 8.24 1.15 -5.80
CA ASN A 17 9.45 1.11 -6.66
C ASN A 17 9.60 -0.27 -7.28
N GLY A 18 9.06 -0.46 -8.47
CA GLY A 18 9.16 -1.79 -9.12
C GLY A 18 8.66 -2.87 -8.16
N LYS A 19 7.76 -2.52 -7.29
CA LYS A 19 7.23 -3.51 -6.32
C LYS A 19 5.74 -3.75 -6.54
N THR A 20 5.25 -4.91 -6.21
CA THR A 20 3.80 -5.20 -6.38
C THR A 20 3.14 -5.34 -5.01
N TYR A 21 2.25 -4.45 -4.67
CA TYR A 21 1.61 -4.53 -3.34
C TYR A 21 0.09 -4.69 -3.45
N LYS A 22 -0.53 -5.16 -2.41
CA LYS A 22 -2.01 -5.35 -2.43
C LYS A 22 -2.58 -4.93 -1.07
N CYS A 23 -3.36 -3.89 -1.04
CA CYS A 23 -3.94 -3.43 0.26
C CYS A 23 -4.90 -4.49 0.83
N LEU A 24 -4.93 -4.63 2.12
CA LEU A 24 -5.84 -5.63 2.74
C LEU A 24 -6.94 -4.92 3.53
N GLN A 25 -6.75 -3.67 3.83
CA GLN A 25 -7.79 -2.92 4.60
C GLN A 25 -7.83 -1.46 4.14
N PRO A 26 -9.01 -0.87 4.22
CA PRO A 26 -9.20 0.54 3.81
C PRO A 26 -8.32 1.48 4.65
N HIS A 27 -7.36 2.12 4.04
CA HIS A 27 -6.49 3.06 4.80
C HIS A 27 -6.02 4.20 3.89
N THR A 28 -4.97 4.87 4.26
CA THR A 28 -4.47 6.00 3.41
C THR A 28 -2.94 5.97 3.33
N SER A 29 -2.40 5.91 2.14
CA SER A 29 -0.91 5.88 2.01
C SER A 29 -0.33 7.24 2.37
N LEU A 30 0.80 7.27 3.02
CA LEU A 30 1.42 8.57 3.39
C LEU A 30 2.94 8.49 3.23
N ALA A 31 3.63 9.58 3.44
CA ALA A 31 5.11 9.57 3.29
C ALA A 31 5.74 8.70 4.39
N GLY A 32 5.73 7.41 4.20
CA GLY A 32 6.32 6.51 5.24
C GLY A 32 5.82 5.08 5.02
N TRP A 33 4.70 4.91 4.37
CA TRP A 33 4.17 3.54 4.13
C TRP A 33 4.76 2.96 2.86
N GLU A 34 5.98 3.30 2.54
CA GLU A 34 6.61 2.75 1.30
C GLU A 34 7.31 1.41 1.59
N PRO A 35 8.09 1.37 2.65
CA PRO A 35 8.80 0.12 2.99
C PRO A 35 7.81 -0.94 3.50
N SER A 36 6.55 -0.59 3.60
CA SER A 36 5.54 -1.56 4.09
C SER A 36 5.82 -1.93 5.54
N ASN A 37 5.84 -0.97 6.42
CA ASN A 37 6.12 -1.25 7.86
C ASN A 37 4.86 -1.80 8.53
N VAL A 38 3.82 -2.04 7.79
CA VAL A 38 2.56 -2.58 8.41
C VAL A 38 2.00 -3.71 7.54
N PRO A 39 2.61 -4.87 7.64
CA PRO A 39 2.15 -6.04 6.85
C PRO A 39 0.72 -6.39 7.21
N ALA A 40 0.23 -5.91 8.32
CA ALA A 40 -1.17 -6.22 8.72
C ALA A 40 -2.15 -5.74 7.65
N LEU A 41 -1.92 -4.58 7.10
CA LEU A 41 -2.84 -4.07 6.05
C LEU A 41 -2.11 -3.97 4.70
N TRP A 42 -0.81 -4.04 4.72
CA TRP A 42 -0.03 -3.95 3.44
C TRP A 42 0.49 -5.34 3.05
N GLN A 43 -0.26 -6.07 2.27
CA GLN A 43 0.21 -7.42 1.87
C GLN A 43 0.65 -7.41 0.40
N LEU A 44 1.93 -7.37 0.16
CA LEU A 44 2.42 -7.35 -1.25
C LEU A 44 2.80 -8.76 -1.71
N GLN A 45 3.53 -8.86 -2.78
CA GLN A 45 3.93 -10.20 -3.29
C GLN A 45 5.15 -10.06 -4.21
N ALA A 1 0.05 3.38 -10.17
CA ALA A 1 0.78 2.64 -9.10
C ALA A 1 0.48 3.27 -7.74
N TRP A 2 1.23 2.90 -6.72
CA TRP A 2 0.99 3.47 -5.37
C TRP A 2 1.43 4.94 -5.34
N GLN A 3 0.66 5.78 -4.72
CA GLN A 3 1.04 7.22 -4.64
C GLN A 3 0.93 7.72 -3.20
N VAL A 4 1.74 8.67 -2.83
CA VAL A 4 1.69 9.20 -1.44
C VAL A 4 0.43 10.07 -1.25
N ASN A 5 -0.06 10.16 -0.05
CA ASN A 5 -1.28 10.99 0.19
C ASN A 5 -2.44 10.46 -0.65
N THR A 6 -2.67 9.17 -0.63
CA THR A 6 -3.77 8.59 -1.43
C THR A 6 -4.61 7.63 -0.58
N ALA A 7 -5.88 7.55 -0.82
CA ALA A 7 -6.76 6.64 -0.02
C ALA A 7 -6.94 5.32 -0.76
N TYR A 8 -6.67 4.22 -0.10
CA TYR A 8 -6.84 2.89 -0.77
C TYR A 8 -7.87 2.05 -0.02
N THR A 9 -8.56 1.18 -0.72
CA THR A 9 -9.58 0.33 -0.05
C THR A 9 -8.99 -1.06 0.24
N ALA A 10 -9.77 -1.92 0.85
CA ALA A 10 -9.27 -3.29 1.15
C ALA A 10 -9.26 -4.14 -0.11
N GLY A 11 -8.28 -4.99 -0.27
CA GLY A 11 -8.21 -5.84 -1.49
C GLY A 11 -7.74 -5.02 -2.68
N GLN A 12 -7.10 -3.90 -2.43
CA GLN A 12 -6.60 -3.06 -3.56
C GLN A 12 -5.25 -3.56 -4.04
N LEU A 13 -4.73 -3.01 -5.11
CA LEU A 13 -3.41 -3.47 -5.62
C LEU A 13 -2.54 -2.28 -6.05
N VAL A 14 -1.64 -1.85 -5.21
CA VAL A 14 -0.76 -0.71 -5.58
C VAL A 14 0.62 -1.23 -5.98
N THR A 15 1.46 -0.38 -6.53
CA THR A 15 2.82 -0.84 -6.94
C THR A 15 3.86 0.23 -6.61
N TYR A 16 4.75 -0.05 -5.70
CA TYR A 16 5.79 0.95 -5.34
C TYR A 16 6.91 0.94 -6.38
N ASN A 17 6.64 1.47 -7.54
CA ASN A 17 7.69 1.50 -8.62
C ASN A 17 8.49 0.20 -8.63
N GLY A 18 8.05 -0.77 -9.39
CA GLY A 18 8.80 -2.06 -9.46
C GLY A 18 8.35 -2.98 -8.32
N LYS A 19 7.70 -2.44 -7.33
CA LYS A 19 7.26 -3.30 -6.19
C LYS A 19 5.77 -3.62 -6.31
N THR A 20 5.40 -4.84 -6.07
CA THR A 20 3.96 -5.22 -6.16
C THR A 20 3.35 -5.26 -4.75
N TYR A 21 2.40 -4.41 -4.47
CA TYR A 21 1.80 -4.41 -3.11
C TYR A 21 0.27 -4.43 -3.20
N LYS A 22 -0.38 -4.85 -2.16
CA LYS A 22 -1.87 -4.89 -2.17
C LYS A 22 -2.43 -4.44 -0.82
N CYS A 23 -3.47 -3.66 -0.83
CA CYS A 23 -4.06 -3.18 0.46
C CYS A 23 -5.11 -4.18 0.96
N LEU A 24 -5.12 -4.44 2.24
CA LEU A 24 -6.12 -5.41 2.78
C LEU A 24 -7.19 -4.64 3.59
N GLN A 25 -6.93 -3.41 3.90
CA GLN A 25 -7.92 -2.62 4.68
C GLN A 25 -7.96 -1.17 4.17
N PRO A 26 -9.14 -0.60 4.11
CA PRO A 26 -9.29 0.80 3.64
C PRO A 26 -8.49 1.76 4.53
N HIS A 27 -7.42 2.29 4.01
CA HIS A 27 -6.60 3.24 4.82
C HIS A 27 -5.98 4.31 3.91
N THR A 28 -5.11 5.13 4.44
CA THR A 28 -4.49 6.19 3.59
C THR A 28 -2.97 5.98 3.51
N SER A 29 -2.44 5.98 2.32
CA SER A 29 -0.97 5.79 2.17
C SER A 29 -0.26 7.14 2.25
N LEU A 30 0.89 7.18 2.87
CA LEU A 30 1.62 8.48 2.99
C LEU A 30 3.14 8.24 3.01
N ALA A 31 3.90 9.30 3.14
CA ALA A 31 5.38 9.15 3.17
C ALA A 31 5.80 8.33 4.41
N GLY A 32 5.51 7.06 4.42
CA GLY A 32 5.89 6.21 5.57
C GLY A 32 5.49 4.76 5.29
N TRP A 33 4.38 4.56 4.64
CA TRP A 33 3.94 3.18 4.32
C TRP A 33 4.54 2.72 3.00
N GLU A 34 5.73 3.17 2.70
CA GLU A 34 6.38 2.75 1.41
C GLU A 34 7.15 1.45 1.60
N PRO A 35 7.94 1.36 2.64
CA PRO A 35 8.72 0.14 2.91
C PRO A 35 7.79 -1.00 3.33
N SER A 36 6.52 -0.71 3.47
CA SER A 36 5.55 -1.76 3.89
C SER A 36 5.94 -2.32 5.25
N ASN A 37 6.23 -1.47 6.20
CA ASN A 37 6.61 -1.95 7.56
C ASN A 37 5.36 -2.36 8.34
N VAL A 38 4.22 -2.26 7.73
CA VAL A 38 2.95 -2.64 8.43
C VAL A 38 2.21 -3.72 7.61
N PRO A 39 2.76 -4.90 7.60
CA PRO A 39 2.15 -6.02 6.84
C PRO A 39 0.72 -6.28 7.31
N ALA A 40 0.34 -5.72 8.43
CA ALA A 40 -1.05 -5.94 8.92
C ALA A 40 -2.06 -5.55 7.84
N LEU A 41 -1.75 -4.55 7.05
CA LEU A 41 -2.69 -4.13 5.98
C LEU A 41 -1.96 -4.02 4.63
N TRP A 42 -0.66 -4.15 4.64
CA TRP A 42 0.11 -4.07 3.36
C TRP A 42 0.69 -5.44 3.00
N GLN A 43 0.01 -6.18 2.17
CA GLN A 43 0.53 -7.52 1.77
C GLN A 43 1.15 -7.45 0.37
N LEU A 44 2.44 -7.60 0.27
CA LEU A 44 3.08 -7.52 -1.07
C LEU A 44 3.11 -8.89 -1.73
N GLN A 45 3.72 -8.99 -2.88
CA GLN A 45 3.79 -10.30 -3.59
C GLN A 45 4.92 -10.29 -4.62
N ALA A 1 -0.06 3.18 -10.29
CA ALA A 1 0.93 2.65 -9.29
C ALA A 1 0.65 3.23 -7.91
N TRP A 2 1.45 2.88 -6.94
CA TRP A 2 1.24 3.43 -5.57
C TRP A 2 1.54 4.92 -5.53
N GLN A 3 0.79 5.67 -4.76
CA GLN A 3 1.03 7.14 -4.68
C GLN A 3 1.00 7.60 -3.21
N VAL A 4 1.80 8.56 -2.85
CA VAL A 4 1.82 9.04 -1.45
C VAL A 4 0.60 9.94 -1.18
N ASN A 5 0.07 9.89 0.02
CA ASN A 5 -1.12 10.74 0.34
C ASN A 5 -2.31 10.34 -0.52
N THR A 6 -2.73 9.10 -0.41
CA THR A 6 -3.89 8.64 -1.23
C THR A 6 -4.81 7.75 -0.40
N ALA A 7 -6.00 7.51 -0.86
CA ALA A 7 -6.95 6.64 -0.10
C ALA A 7 -7.13 5.30 -0.81
N TYR A 8 -6.80 4.22 -0.15
CA TYR A 8 -6.95 2.88 -0.79
C TYR A 8 -7.96 2.04 -0.01
N THR A 9 -8.69 1.20 -0.69
CA THR A 9 -9.69 0.33 0.02
C THR A 9 -9.11 -1.07 0.24
N ALA A 10 -9.79 -1.89 0.99
CA ALA A 10 -9.27 -3.26 1.24
C ALA A 10 -9.28 -4.05 -0.06
N GLY A 11 -8.24 -4.82 -0.31
CA GLY A 11 -8.18 -5.61 -1.56
C GLY A 11 -7.71 -4.72 -2.71
N GLN A 12 -6.96 -3.69 -2.41
CA GLN A 12 -6.48 -2.78 -3.48
C GLN A 12 -5.17 -3.31 -4.07
N LEU A 13 -4.68 -2.69 -5.12
CA LEU A 13 -3.42 -3.18 -5.73
C LEU A 13 -2.50 -2.00 -6.10
N VAL A 14 -1.50 -1.73 -5.31
CA VAL A 14 -0.58 -0.61 -5.62
C VAL A 14 0.79 -1.18 -6.02
N THR A 15 1.64 -0.36 -6.58
CA THR A 15 2.98 -0.87 -6.98
C THR A 15 4.07 0.17 -6.68
N TYR A 16 4.98 -0.14 -5.80
CA TYR A 16 6.06 0.83 -5.46
C TYR A 16 7.21 0.69 -6.47
N ASN A 17 8.37 1.21 -6.14
CA ASN A 17 9.52 1.10 -7.08
C ASN A 17 9.62 -0.34 -7.60
N GLY A 18 9.06 -0.62 -8.74
CA GLY A 18 9.13 -2.01 -9.29
C GLY A 18 8.66 -2.99 -8.21
N LYS A 19 7.74 -2.59 -7.38
CA LYS A 19 7.25 -3.50 -6.31
C LYS A 19 5.75 -3.72 -6.44
N THR A 20 5.29 -4.90 -6.14
CA THR A 20 3.83 -5.18 -6.24
C THR A 20 3.23 -5.27 -4.83
N TYR A 21 2.28 -4.43 -4.52
CA TYR A 21 1.67 -4.45 -3.16
C TYR A 21 0.15 -4.48 -3.23
N LYS A 22 -0.49 -4.92 -2.18
CA LYS A 22 -1.97 -4.96 -2.17
C LYS A 22 -2.48 -4.53 -0.78
N CYS A 23 -3.51 -3.74 -0.73
CA CYS A 23 -4.04 -3.29 0.59
C CYS A 23 -5.10 -4.27 1.09
N LEU A 24 -5.11 -4.55 2.36
CA LEU A 24 -6.12 -5.50 2.91
C LEU A 24 -7.18 -4.73 3.70
N GLN A 25 -6.95 -3.46 3.94
CA GLN A 25 -7.95 -2.67 4.70
C GLN A 25 -8.00 -1.23 4.16
N PRO A 26 -9.17 -0.65 4.15
CA PRO A 26 -9.34 0.74 3.66
C PRO A 26 -8.47 1.70 4.47
N HIS A 27 -7.29 2.00 4.00
CA HIS A 27 -6.40 2.92 4.75
C HIS A 27 -5.81 3.96 3.79
N THR A 28 -5.28 5.03 4.32
CA THR A 28 -4.69 6.09 3.43
C THR A 28 -3.16 5.98 3.42
N SER A 29 -2.58 5.91 2.25
CA SER A 29 -1.09 5.81 2.17
C SER A 29 -0.46 7.17 2.44
N LEU A 30 0.68 7.20 3.07
CA LEU A 30 1.34 8.50 3.37
C LEU A 30 2.85 8.41 3.20
N ALA A 31 3.55 9.48 3.44
CA ALA A 31 5.04 9.44 3.29
C ALA A 31 5.65 8.56 4.38
N GLY A 32 5.55 7.27 4.24
CA GLY A 32 6.13 6.36 5.27
C GLY A 32 5.68 4.92 5.02
N TRP A 33 4.56 4.74 4.36
CA TRP A 33 4.08 3.36 4.08
C TRP A 33 4.70 2.83 2.77
N GLU A 34 5.94 3.17 2.51
CA GLU A 34 6.59 2.69 1.25
C GLU A 34 7.29 1.34 1.49
N PRO A 35 8.06 1.25 2.55
CA PRO A 35 8.77 -0.01 2.86
C PRO A 35 7.78 -1.09 3.31
N SER A 36 6.52 -0.73 3.43
CA SER A 36 5.50 -1.72 3.88
C SER A 36 5.88 -2.27 5.26
N ASN A 37 6.13 -1.39 6.19
CA ASN A 37 6.50 -1.86 7.56
C ASN A 37 5.26 -2.30 8.35
N VAL A 38 4.13 -2.38 7.69
CA VAL A 38 2.89 -2.80 8.40
C VAL A 38 2.17 -3.89 7.60
N PRO A 39 2.67 -5.09 7.70
CA PRO A 39 2.08 -6.23 6.96
C PRO A 39 0.62 -6.47 7.40
N ALA A 40 0.23 -5.94 8.52
CA ALA A 40 -1.17 -6.13 8.99
C ALA A 40 -2.15 -5.61 7.94
N LEU A 41 -1.78 -4.55 7.24
CA LEU A 41 -2.69 -3.99 6.21
C LEU A 41 -1.97 -3.80 4.88
N TRP A 42 -0.67 -3.94 4.87
CA TRP A 42 0.10 -3.77 3.60
C TRP A 42 0.76 -5.09 3.19
N GLN A 43 0.14 -5.83 2.32
CA GLN A 43 0.75 -7.12 1.87
C GLN A 43 1.40 -6.92 0.50
N LEU A 44 2.24 -7.83 0.09
CA LEU A 44 2.90 -7.68 -1.24
C LEU A 44 3.31 -9.05 -1.79
N GLN A 45 3.97 -9.06 -2.92
CA GLN A 45 4.41 -10.36 -3.51
C GLN A 45 5.67 -10.16 -4.36
N ALA A 1 2.52 2.29 -9.26
CA ALA A 1 1.10 2.73 -9.20
C ALA A 1 0.79 3.33 -7.82
N TRP A 2 1.54 2.95 -6.81
CA TRP A 2 1.28 3.50 -5.45
C TRP A 2 1.59 5.00 -5.44
N GLN A 3 0.65 5.81 -5.02
CA GLN A 3 0.89 7.28 -4.97
C GLN A 3 0.82 7.80 -3.53
N VAL A 4 1.86 8.42 -3.06
CA VAL A 4 1.83 8.95 -1.66
C VAL A 4 0.64 9.87 -1.47
N ASN A 5 0.03 9.85 -0.31
CA ASN A 5 -1.15 10.73 -0.06
C ASN A 5 -2.35 10.23 -0.88
N THR A 6 -2.67 8.97 -0.77
CA THR A 6 -3.82 8.43 -1.54
C THR A 6 -4.63 7.46 -0.67
N ALA A 7 -5.93 7.54 -0.74
CA ALA A 7 -6.78 6.63 0.08
C ALA A 7 -6.90 5.27 -0.62
N TYR A 8 -6.71 4.20 0.11
CA TYR A 8 -6.82 2.85 -0.51
C TYR A 8 -7.92 2.03 0.16
N THR A 9 -8.53 1.13 -0.57
CA THR A 9 -9.60 0.30 0.03
C THR A 9 -9.07 -1.10 0.33
N ALA A 10 -9.76 -1.86 1.12
CA ALA A 10 -9.28 -3.25 1.45
C ALA A 10 -9.27 -4.12 0.20
N GLY A 11 -8.14 -4.69 -0.13
CA GLY A 11 -8.07 -5.55 -1.35
C GLY A 11 -7.63 -4.71 -2.55
N GLN A 12 -6.93 -3.65 -2.31
CA GLN A 12 -6.47 -2.78 -3.45
C GLN A 12 -5.09 -3.24 -3.94
N LEU A 13 -4.59 -2.64 -4.98
CA LEU A 13 -3.26 -3.05 -5.51
C LEU A 13 -2.39 -1.82 -5.80
N VAL A 14 -1.16 -1.82 -5.35
CA VAL A 14 -0.27 -0.67 -5.61
C VAL A 14 1.12 -1.16 -6.01
N THR A 15 1.90 -0.34 -6.66
CA THR A 15 3.26 -0.77 -7.07
C THR A 15 4.27 0.37 -6.89
N TYR A 16 5.32 0.13 -6.16
CA TYR A 16 6.33 1.21 -5.94
C TYR A 16 7.39 1.20 -7.05
N ASN A 17 8.40 2.02 -6.91
CA ASN A 17 9.48 2.08 -7.96
C ASN A 17 9.69 0.73 -8.64
N GLY A 18 9.75 -0.32 -7.87
CA GLY A 18 9.95 -1.68 -8.48
C GLY A 18 9.37 -2.72 -7.54
N LYS A 19 8.22 -2.46 -6.97
CA LYS A 19 7.62 -3.45 -6.04
C LYS A 19 6.10 -3.53 -6.26
N THR A 20 5.47 -4.52 -5.69
CA THR A 20 3.99 -4.66 -5.87
C THR A 20 3.35 -5.10 -4.55
N TYR A 21 2.38 -4.36 -4.08
CA TYR A 21 1.72 -4.74 -2.79
C TYR A 21 0.21 -4.87 -2.97
N LYS A 22 -0.49 -5.25 -1.94
CA LYS A 22 -1.97 -5.41 -2.05
C LYS A 22 -2.66 -4.90 -0.78
N CYS A 23 -3.26 -3.73 -0.85
CA CYS A 23 -3.95 -3.19 0.36
C CYS A 23 -4.97 -4.20 0.88
N LEU A 24 -5.06 -4.34 2.17
CA LEU A 24 -6.04 -5.32 2.74
C LEU A 24 -7.09 -4.59 3.60
N GLN A 25 -6.79 -3.40 4.04
CA GLN A 25 -7.77 -2.66 4.86
C GLN A 25 -7.88 -1.20 4.39
N PRO A 26 -9.07 -0.65 4.47
CA PRO A 26 -9.30 0.75 4.04
C PRO A 26 -8.43 1.71 4.85
N HIS A 27 -7.37 2.20 4.26
CA HIS A 27 -6.47 3.14 5.01
C HIS A 27 -5.86 4.16 4.04
N THR A 28 -5.21 5.16 4.56
CA THR A 28 -4.58 6.18 3.67
C THR A 28 -3.07 6.01 3.62
N SER A 29 -2.50 5.93 2.45
CA SER A 29 -1.02 5.76 2.35
C SER A 29 -0.35 7.14 2.31
N LEU A 30 0.79 7.29 2.92
CA LEU A 30 1.49 8.60 2.90
C LEU A 30 3.00 8.42 3.07
N ALA A 31 3.70 9.49 3.33
CA ALA A 31 5.18 9.37 3.49
C ALA A 31 5.51 8.47 4.69
N GLY A 32 5.50 7.18 4.48
CA GLY A 32 5.80 6.24 5.60
C GLY A 32 5.36 4.83 5.22
N TRP A 33 4.25 4.71 4.55
CA TRP A 33 3.76 3.36 4.14
C TRP A 33 4.37 2.96 2.79
N GLU A 34 5.59 3.37 2.54
CA GLU A 34 6.23 3.02 1.24
C GLU A 34 6.98 1.68 1.34
N PRO A 35 7.79 1.54 2.36
CA PRO A 35 8.57 0.29 2.54
C PRO A 35 7.63 -0.87 2.90
N SER A 36 6.37 -0.59 3.10
CA SER A 36 5.41 -1.66 3.47
C SER A 36 5.82 -2.28 4.82
N ASN A 37 6.04 -1.45 5.81
CA ASN A 37 6.45 -1.97 7.14
C ASN A 37 5.23 -2.37 7.97
N VAL A 38 4.11 -2.58 7.34
CA VAL A 38 2.88 -2.97 8.11
C VAL A 38 2.13 -4.08 7.36
N PRO A 39 2.63 -5.29 7.48
CA PRO A 39 2.01 -6.45 6.81
C PRO A 39 0.56 -6.65 7.28
N ALA A 40 0.19 -6.02 8.36
CA ALA A 40 -1.21 -6.18 8.85
C ALA A 40 -2.21 -5.64 7.83
N LEU A 41 -1.88 -4.55 7.19
CA LEU A 41 -2.81 -3.97 6.17
C LEU A 41 -2.15 -4.01 4.78
N TRP A 42 -0.87 -4.23 4.73
CA TRP A 42 -0.17 -4.27 3.41
C TRP A 42 0.15 -5.72 3.03
N GLN A 43 -0.48 -6.24 2.01
CA GLN A 43 -0.19 -7.65 1.59
C GLN A 43 0.76 -7.65 0.40
N LEU A 44 2.04 -7.62 0.66
CA LEU A 44 3.03 -7.61 -0.47
C LEU A 44 3.00 -8.94 -1.21
N GLN A 45 3.45 -8.95 -2.44
CA GLN A 45 3.45 -10.21 -3.23
C GLN A 45 4.88 -10.61 -3.60
N ALA A 1 0.28 1.08 -9.17
CA ALA A 1 1.11 2.30 -8.93
C ALA A 1 0.77 2.91 -7.56
N TRP A 2 1.68 2.84 -6.63
CA TRP A 2 1.40 3.42 -5.28
C TRP A 2 1.78 4.90 -5.26
N GLN A 3 1.09 5.69 -4.50
CA GLN A 3 1.41 7.15 -4.43
C GLN A 3 1.13 7.69 -3.01
N VAL A 4 1.78 8.75 -2.64
CA VAL A 4 1.53 9.32 -1.27
C VAL A 4 0.22 10.11 -1.25
N ASN A 5 -0.42 10.20 -0.11
CA ASN A 5 -1.70 10.95 -0.03
C ASN A 5 -2.76 10.25 -0.89
N THR A 6 -2.95 8.98 -0.70
CA THR A 6 -3.97 8.25 -1.49
C THR A 6 -4.81 7.34 -0.57
N ALA A 7 -6.10 7.45 -0.66
CA ALA A 7 -6.98 6.60 0.20
C ALA A 7 -7.18 5.24 -0.46
N TYR A 8 -6.62 4.19 0.11
CA TYR A 8 -6.79 2.84 -0.49
C TYR A 8 -7.87 2.05 0.24
N THR A 9 -8.52 1.14 -0.43
CA THR A 9 -9.57 0.32 0.23
C THR A 9 -9.05 -1.10 0.48
N ALA A 10 -9.81 -1.91 1.17
CA ALA A 10 -9.34 -3.30 1.43
C ALA A 10 -9.34 -4.11 0.13
N GLY A 11 -8.26 -4.79 -0.14
CA GLY A 11 -8.18 -5.60 -1.40
C GLY A 11 -7.72 -4.73 -2.56
N GLN A 12 -6.95 -3.71 -2.27
CA GLN A 12 -6.46 -2.81 -3.37
C GLN A 12 -5.12 -3.34 -3.91
N LEU A 13 -4.50 -2.61 -4.79
CA LEU A 13 -3.19 -3.07 -5.34
C LEU A 13 -2.34 -1.87 -5.78
N VAL A 14 -1.10 -1.84 -5.36
CA VAL A 14 -0.21 -0.71 -5.76
C VAL A 14 1.17 -1.24 -6.14
N THR A 15 2.02 -0.40 -6.67
CA THR A 15 3.36 -0.88 -7.06
C THR A 15 4.42 0.18 -6.72
N TYR A 16 5.36 -0.16 -5.87
CA TYR A 16 6.42 0.83 -5.51
C TYR A 16 7.60 0.72 -6.47
N ASN A 17 7.62 1.52 -7.50
CA ASN A 17 8.75 1.46 -8.48
C ASN A 17 8.75 0.11 -9.21
N GLY A 18 9.10 -0.94 -8.53
CA GLY A 18 9.12 -2.28 -9.19
C GLY A 18 8.62 -3.35 -8.22
N LYS A 19 7.95 -2.94 -7.17
CA LYS A 19 7.44 -3.94 -6.19
C LYS A 19 5.91 -4.04 -6.28
N THR A 20 5.36 -5.17 -5.99
CA THR A 20 3.88 -5.33 -6.06
C THR A 20 3.29 -5.38 -4.64
N TYR A 21 2.26 -4.61 -4.40
CA TYR A 21 1.65 -4.61 -3.04
C TYR A 21 0.12 -4.65 -3.14
N LYS A 22 -0.53 -5.08 -2.09
CA LYS A 22 -2.02 -5.14 -2.12
C LYS A 22 -2.59 -4.62 -0.79
N CYS A 23 -3.54 -3.73 -0.86
CA CYS A 23 -4.14 -3.19 0.40
C CYS A 23 -5.14 -4.19 0.98
N LEU A 24 -5.19 -4.31 2.28
CA LEU A 24 -6.15 -5.26 2.89
C LEU A 24 -7.20 -4.51 3.72
N GLN A 25 -6.94 -3.27 4.04
CA GLN A 25 -7.94 -2.50 4.85
C GLN A 25 -8.00 -1.05 4.36
N PRO A 26 -9.19 -0.49 4.36
CA PRO A 26 -9.38 0.91 3.90
C PRO A 26 -8.55 1.88 4.76
N HIS A 27 -7.54 2.47 4.20
CA HIS A 27 -6.69 3.42 4.98
C HIS A 27 -6.10 4.48 4.04
N THR A 28 -5.26 5.33 4.55
CA THR A 28 -4.64 6.39 3.69
C THR A 28 -3.13 6.22 3.63
N SER A 29 -2.59 6.04 2.46
CA SER A 29 -1.11 5.88 2.33
C SER A 29 -0.44 7.26 2.30
N LEU A 30 0.76 7.36 2.83
CA LEU A 30 1.47 8.67 2.83
C LEU A 30 2.98 8.46 2.89
N ALA A 31 3.73 9.53 3.07
CA ALA A 31 5.21 9.39 3.15
C ALA A 31 5.60 8.57 4.38
N GLY A 32 5.33 7.30 4.36
CA GLY A 32 5.69 6.43 5.52
C GLY A 32 5.35 4.98 5.19
N TRP A 33 4.28 4.76 4.48
CA TRP A 33 3.91 3.36 4.12
C TRP A 33 4.58 2.96 2.80
N GLU A 34 5.79 3.37 2.60
CA GLU A 34 6.49 3.01 1.33
C GLU A 34 7.24 1.68 1.47
N PRO A 35 8.01 1.55 2.53
CA PRO A 35 8.76 0.30 2.76
C PRO A 35 7.80 -0.83 3.12
N SER A 36 6.54 -0.52 3.30
CA SER A 36 5.55 -1.57 3.67
C SER A 36 5.94 -2.19 5.02
N ASN A 37 6.16 -1.37 6.01
CA ASN A 37 6.56 -1.91 7.35
C ASN A 37 5.32 -2.34 8.14
N VAL A 38 4.19 -2.48 7.48
CA VAL A 38 2.95 -2.91 8.20
C VAL A 38 2.21 -3.95 7.37
N PRO A 39 2.67 -5.18 7.45
CA PRO A 39 2.03 -6.29 6.69
C PRO A 39 0.57 -6.48 7.14
N ALA A 40 0.21 -5.89 8.25
CA ALA A 40 -1.18 -6.03 8.75
C ALA A 40 -2.19 -5.62 7.66
N LEU A 41 -1.84 -4.66 6.86
CA LEU A 41 -2.78 -4.21 5.78
C LEU A 41 -2.04 -4.14 4.44
N TRP A 42 -0.76 -4.38 4.43
CA TRP A 42 0.00 -4.32 3.14
C TRP A 42 0.52 -5.70 2.75
N GLN A 43 -0.17 -6.39 1.89
CA GLN A 43 0.30 -7.75 1.47
C GLN A 43 0.99 -7.65 0.10
N LEU A 44 2.28 -7.80 0.06
CA LEU A 44 2.99 -7.71 -1.25
C LEU A 44 3.36 -9.10 -1.77
N GLN A 45 4.00 -9.16 -2.90
CA GLN A 45 4.39 -10.48 -3.47
C GLN A 45 5.51 -10.31 -4.49
N ALA A 1 1.07 3.57 -10.63
CA ALA A 1 1.57 2.70 -9.51
C ALA A 1 1.11 3.27 -8.17
N TRP A 2 1.68 2.80 -7.09
CA TRP A 2 1.28 3.31 -5.75
C TRP A 2 1.58 4.81 -5.65
N GLN A 3 0.84 5.52 -4.84
CA GLN A 3 1.08 6.98 -4.72
C GLN A 3 0.91 7.43 -3.26
N VAL A 4 1.62 8.44 -2.84
CA VAL A 4 1.50 8.93 -1.44
C VAL A 4 0.36 9.93 -1.32
N ASN A 5 -0.15 10.12 -0.13
CA ASN A 5 -1.28 11.08 0.05
C ASN A 5 -2.54 10.55 -0.65
N THR A 6 -2.83 9.29 -0.48
CA THR A 6 -4.03 8.71 -1.14
C THR A 6 -4.76 7.75 -0.19
N ALA A 7 -5.99 7.42 -0.50
CA ALA A 7 -6.75 6.47 0.38
C ALA A 7 -7.05 5.19 -0.39
N TYR A 8 -6.51 4.07 0.04
CA TYR A 8 -6.78 2.79 -0.68
C TYR A 8 -7.82 1.98 0.08
N THR A 9 -8.53 1.12 -0.61
CA THR A 9 -9.57 0.28 0.07
C THR A 9 -9.04 -1.13 0.33
N ALA A 10 -9.65 -1.84 1.23
CA ALA A 10 -9.17 -3.23 1.53
C ALA A 10 -9.13 -4.06 0.25
N GLY A 11 -7.99 -4.64 -0.05
CA GLY A 11 -7.89 -5.47 -1.28
C GLY A 11 -7.47 -4.60 -2.46
N GLN A 12 -6.67 -3.60 -2.22
CA GLN A 12 -6.23 -2.71 -3.33
C GLN A 12 -4.94 -3.25 -3.97
N LEU A 13 -4.56 -2.72 -5.09
CA LEU A 13 -3.31 -3.20 -5.76
C LEU A 13 -2.39 -2.02 -6.08
N VAL A 14 -1.34 -1.85 -5.34
CA VAL A 14 -0.40 -0.72 -5.60
C VAL A 14 0.97 -1.26 -6.03
N THR A 15 1.81 -0.42 -6.56
CA THR A 15 3.15 -0.89 -6.98
C THR A 15 4.21 0.16 -6.64
N TYR A 16 5.19 -0.18 -5.85
CA TYR A 16 6.24 0.82 -5.49
C TYR A 16 7.40 0.75 -6.49
N ASN A 17 7.23 1.33 -7.64
CA ASN A 17 8.33 1.32 -8.66
C ASN A 17 9.01 -0.05 -8.69
N GLY A 18 8.46 -0.98 -9.43
CA GLY A 18 9.08 -2.33 -9.50
C GLY A 18 8.45 -3.25 -8.46
N LYS A 19 7.90 -2.70 -7.41
CA LYS A 19 7.27 -3.56 -6.36
C LYS A 19 5.76 -3.59 -6.53
N THR A 20 5.11 -4.58 -5.99
CA THR A 20 3.63 -4.67 -6.11
C THR A 20 3.02 -5.15 -4.78
N TYR A 21 2.24 -4.32 -4.14
CA TYR A 21 1.63 -4.73 -2.84
C TYR A 21 0.11 -4.91 -3.00
N LYS A 22 -0.53 -5.47 -2.01
CA LYS A 22 -1.99 -5.68 -2.09
C LYS A 22 -2.68 -5.13 -0.84
N CYS A 23 -3.13 -3.91 -0.86
CA CYS A 23 -3.79 -3.32 0.33
C CYS A 23 -4.85 -4.28 0.88
N LEU A 24 -5.01 -4.33 2.18
CA LEU A 24 -6.02 -5.25 2.76
C LEU A 24 -6.99 -4.48 3.68
N GLN A 25 -6.78 -3.20 3.85
CA GLN A 25 -7.68 -2.41 4.74
C GLN A 25 -7.86 -0.99 4.20
N PRO A 26 -9.06 -0.48 4.27
CA PRO A 26 -9.34 0.90 3.79
C PRO A 26 -8.59 1.92 4.64
N HIS A 27 -7.42 2.31 4.21
CA HIS A 27 -6.63 3.30 4.99
C HIS A 27 -6.01 4.34 4.05
N THR A 28 -5.24 5.24 4.57
CA THR A 28 -4.60 6.28 3.71
C THR A 28 -3.08 6.13 3.72
N SER A 29 -2.47 6.01 2.57
CA SER A 29 -0.99 5.87 2.52
C SER A 29 -0.33 7.24 2.46
N LEU A 30 0.83 7.39 3.05
CA LEU A 30 1.52 8.71 3.02
C LEU A 30 3.04 8.51 2.96
N ALA A 31 3.79 9.57 3.10
CA ALA A 31 5.27 9.45 3.07
C ALA A 31 5.76 8.62 4.26
N GLY A 32 5.44 7.36 4.28
CA GLY A 32 5.89 6.49 5.40
C GLY A 32 5.49 5.04 5.14
N TRP A 33 4.37 4.82 4.48
CA TRP A 33 3.94 3.43 4.19
C TRP A 33 4.57 2.94 2.88
N GLU A 34 5.77 3.36 2.59
CA GLU A 34 6.43 2.91 1.33
C GLU A 34 7.18 1.58 1.55
N PRO A 35 7.94 1.50 2.63
CA PRO A 35 8.69 0.27 2.92
C PRO A 35 7.73 -0.86 3.31
N SER A 36 6.47 -0.56 3.43
CA SER A 36 5.48 -1.60 3.82
C SER A 36 5.79 -2.10 5.24
N ASN A 37 5.92 -1.19 6.17
CA ASN A 37 6.22 -1.61 7.57
C ASN A 37 4.96 -2.08 8.29
N VAL A 38 3.86 -2.19 7.58
CA VAL A 38 2.60 -2.66 8.23
C VAL A 38 1.95 -3.76 7.37
N PRO A 39 2.49 -4.95 7.46
CA PRO A 39 1.96 -6.08 6.68
C PRO A 39 0.51 -6.36 7.08
N ALA A 40 0.12 -5.98 8.26
CA ALA A 40 -1.30 -6.22 8.69
C ALA A 40 -2.25 -5.78 7.59
N LEU A 41 -1.87 -4.79 6.83
CA LEU A 41 -2.77 -4.31 5.73
C LEU A 41 -1.99 -4.30 4.41
N TRP A 42 -0.72 -4.57 4.45
CA TRP A 42 0.07 -4.57 3.19
C TRP A 42 0.41 -6.00 2.79
N GLN A 43 -0.24 -6.53 1.79
CA GLN A 43 0.07 -7.92 1.35
C GLN A 43 1.00 -7.89 0.14
N LEU A 44 2.27 -7.75 0.35
CA LEU A 44 3.21 -7.69 -0.80
C LEU A 44 3.19 -9.02 -1.57
N GLN A 45 3.60 -9.00 -2.80
CA GLN A 45 3.60 -10.25 -3.61
C GLN A 45 4.88 -10.33 -4.46
N ALA A 1 2.06 2.24 -9.44
CA ALA A 1 0.62 2.55 -9.26
C ALA A 1 0.38 3.16 -7.88
N TRP A 2 1.17 2.80 -6.91
CA TRP A 2 0.99 3.37 -5.54
C TRP A 2 1.23 4.89 -5.58
N GLN A 3 0.49 5.63 -4.79
CA GLN A 3 0.67 7.11 -4.77
C GLN A 3 0.59 7.64 -3.34
N VAL A 4 1.56 8.41 -2.91
CA VAL A 4 1.54 8.96 -1.53
C VAL A 4 0.31 9.86 -1.33
N ASN A 5 -0.10 10.06 -0.11
CA ASN A 5 -1.28 10.91 0.14
C ASN A 5 -2.47 10.42 -0.68
N THR A 6 -2.78 9.15 -0.58
CA THR A 6 -3.92 8.60 -1.36
C THR A 6 -4.78 7.68 -0.49
N ALA A 7 -6.03 7.52 -0.83
CA ALA A 7 -6.91 6.63 -0.02
C ALA A 7 -7.12 5.30 -0.74
N TYR A 8 -6.63 4.23 -0.17
CA TYR A 8 -6.81 2.90 -0.82
C TYR A 8 -7.86 2.08 -0.07
N THR A 9 -8.48 1.13 -0.73
CA THR A 9 -9.51 0.31 -0.05
C THR A 9 -8.92 -1.03 0.37
N ALA A 10 -9.70 -1.85 1.02
CA ALA A 10 -9.17 -3.18 1.46
C ALA A 10 -9.04 -4.12 0.25
N GLY A 11 -7.90 -4.74 0.09
CA GLY A 11 -7.72 -5.68 -1.06
C GLY A 11 -7.43 -4.87 -2.33
N GLN A 12 -6.76 -3.77 -2.20
CA GLN A 12 -6.45 -2.96 -3.41
C GLN A 12 -5.10 -3.39 -4.00
N LEU A 13 -4.85 -3.06 -5.23
CA LEU A 13 -3.56 -3.46 -5.87
C LEU A 13 -2.73 -2.22 -6.20
N VAL A 14 -1.63 -2.04 -5.51
CA VAL A 14 -0.77 -0.85 -5.79
C VAL A 14 0.66 -1.30 -6.09
N THR A 15 1.47 -0.43 -6.62
CA THR A 15 2.87 -0.82 -6.93
C THR A 15 3.83 0.33 -6.57
N TYR A 16 4.80 0.06 -5.74
CA TYR A 16 5.75 1.14 -5.37
C TYR A 16 6.93 1.18 -6.36
N ASN A 17 6.72 1.79 -7.50
CA ASN A 17 7.81 1.86 -8.52
C ASN A 17 8.51 0.51 -8.67
N GLY A 18 7.94 -0.39 -9.43
CA GLY A 18 8.58 -1.72 -9.64
C GLY A 18 8.22 -2.66 -8.49
N LYS A 19 7.62 -2.16 -7.45
CA LYS A 19 7.24 -3.05 -6.30
C LYS A 19 5.77 -3.42 -6.39
N THR A 20 5.43 -4.61 -5.97
CA THR A 20 3.99 -5.04 -6.02
C THR A 20 3.40 -5.10 -4.61
N TYR A 21 2.29 -4.47 -4.39
CA TYR A 21 1.69 -4.50 -3.03
C TYR A 21 0.17 -4.69 -3.10
N LYS A 22 -0.43 -5.22 -2.07
CA LYS A 22 -1.90 -5.44 -2.07
C LYS A 22 -2.52 -4.90 -0.78
N CYS A 23 -3.12 -3.74 -0.83
CA CYS A 23 -3.75 -3.17 0.40
C CYS A 23 -4.79 -4.15 0.95
N LEU A 24 -4.97 -4.16 2.25
CA LEU A 24 -5.97 -5.10 2.85
C LEU A 24 -7.05 -4.33 3.62
N GLN A 25 -6.76 -3.11 4.00
CA GLN A 25 -7.77 -2.33 4.76
C GLN A 25 -7.88 -0.90 4.20
N PRO A 26 -9.07 -0.35 4.26
CA PRO A 26 -9.31 1.02 3.75
C PRO A 26 -8.50 2.04 4.56
N HIS A 27 -7.39 2.47 4.03
CA HIS A 27 -6.56 3.47 4.77
C HIS A 27 -5.95 4.47 3.80
N THR A 28 -5.15 5.38 4.29
CA THR A 28 -4.52 6.40 3.40
C THR A 28 -3.00 6.20 3.37
N SER A 29 -2.45 6.01 2.19
CA SER A 29 -0.98 5.82 2.10
C SER A 29 -0.27 7.17 2.22
N LEU A 30 0.90 7.19 2.79
CA LEU A 30 1.64 8.49 2.94
C LEU A 30 3.15 8.25 3.03
N ALA A 31 3.91 9.29 3.25
CA ALA A 31 5.39 9.14 3.35
C ALA A 31 5.76 8.30 4.58
N GLY A 32 5.36 7.05 4.58
CA GLY A 32 5.68 6.17 5.75
C GLY A 32 5.34 4.74 5.39
N TRP A 33 4.29 4.52 4.64
CA TRP A 33 3.91 3.14 4.26
C TRP A 33 4.63 2.73 2.97
N GLU A 34 5.86 3.15 2.82
CA GLU A 34 6.62 2.79 1.57
C GLU A 34 7.34 1.45 1.76
N PRO A 35 8.04 1.30 2.86
CA PRO A 35 8.77 0.05 3.14
C PRO A 35 7.78 -1.08 3.43
N SER A 36 6.52 -0.76 3.49
CA SER A 36 5.50 -1.81 3.79
C SER A 36 5.84 -2.48 5.12
N ASN A 37 6.15 -1.70 6.12
CA ASN A 37 6.50 -2.29 7.45
C ASN A 37 5.22 -2.67 8.20
N VAL A 38 4.10 -2.51 7.58
CA VAL A 38 2.81 -2.88 8.25
C VAL A 38 2.09 -3.97 7.45
N PRO A 39 2.54 -5.19 7.62
CA PRO A 39 1.92 -6.33 6.90
C PRO A 39 0.45 -6.48 7.30
N ALA A 40 0.05 -5.86 8.37
CA ALA A 40 -1.37 -5.96 8.81
C ALA A 40 -2.30 -5.50 7.69
N LEU A 41 -1.89 -4.55 6.90
CA LEU A 41 -2.75 -4.06 5.80
C LEU A 41 -1.97 -3.95 4.49
N TRP A 42 -0.69 -4.24 4.52
CA TRP A 42 0.12 -4.15 3.26
C TRP A 42 0.74 -5.50 2.93
N GLN A 43 0.10 -6.27 2.09
CA GLN A 43 0.66 -7.60 1.72
C GLN A 43 1.37 -7.50 0.36
N LEU A 44 2.68 -7.49 0.36
CA LEU A 44 3.42 -7.39 -0.93
C LEU A 44 3.53 -8.77 -1.61
N GLN A 45 4.00 -8.80 -2.82
CA GLN A 45 4.14 -10.10 -3.54
C GLN A 45 5.23 -10.00 -4.61
#